data_5KGW
# 
_entry.id   5KGW 
# 
_audit_conform.dict_name       mmcif_pdbx.dic 
_audit_conform.dict_version    5.399 
_audit_conform.dict_location   http://mmcif.pdb.org/dictionaries/ascii/mmcif_pdbx.dic 
# 
loop_
_database_2.database_id 
_database_2.database_code 
_database_2.pdbx_database_accession 
_database_2.pdbx_DOI 
PDB   5KGW         pdb_00005kgw 10.2210/pdb5kgw/pdb 
WWPDB D_1000222193 ?            ?                   
# 
loop_
_pdbx_audit_revision_history.ordinal 
_pdbx_audit_revision_history.data_content_type 
_pdbx_audit_revision_history.major_revision 
_pdbx_audit_revision_history.minor_revision 
_pdbx_audit_revision_history.revision_date 
1 'Structure model' 1 0 2016-10-19 
2 'Structure model' 1 1 2016-11-02 
3 'Structure model' 1 2 2018-03-07 
4 'Structure model' 1 3 2024-11-20 
# 
_pdbx_audit_revision_details.ordinal             1 
_pdbx_audit_revision_details.revision_ordinal    1 
_pdbx_audit_revision_details.data_content_type   'Structure model' 
_pdbx_audit_revision_details.provider            repository 
_pdbx_audit_revision_details.type                'Initial release' 
_pdbx_audit_revision_details.description         ? 
_pdbx_audit_revision_details.details             ? 
# 
loop_
_pdbx_audit_revision_group.ordinal 
_pdbx_audit_revision_group.revision_ordinal 
_pdbx_audit_revision_group.data_content_type 
_pdbx_audit_revision_group.group 
1 2 'Structure model' 'Non-polymer description' 
2 3 'Structure model' 'Data collection'         
3 3 'Structure model' 'Derived calculations'    
4 4 'Structure model' 'Data collection'         
5 4 'Structure model' 'Database references'     
6 4 'Structure model' 'Structure summary'       
# 
loop_
_pdbx_audit_revision_category.ordinal 
_pdbx_audit_revision_category.revision_ordinal 
_pdbx_audit_revision_category.data_content_type 
_pdbx_audit_revision_category.category 
1 3 'Structure model' diffrn_source             
2 3 'Structure model' pdbx_struct_oper_list     
3 4 'Structure model' chem_comp_atom            
4 4 'Structure model' chem_comp_bond            
5 4 'Structure model' database_2                
6 4 'Structure model' pdbx_entry_details        
7 4 'Structure model' pdbx_modification_feature 
# 
loop_
_pdbx_audit_revision_item.ordinal 
_pdbx_audit_revision_item.revision_ordinal 
_pdbx_audit_revision_item.data_content_type 
_pdbx_audit_revision_item.item 
1 3 'Structure model' '_diffrn_source.source'                     
2 3 'Structure model' '_pdbx_struct_oper_list.symmetry_operation' 
3 4 'Structure model' '_database_2.pdbx_DOI'                      
4 4 'Structure model' '_database_2.pdbx_database_accession'       
# 
_pdbx_database_status.status_code                     REL 
_pdbx_database_status.status_code_sf                  REL 
_pdbx_database_status.status_code_mr                  ? 
_pdbx_database_status.entry_id                        5KGW 
_pdbx_database_status.recvd_initial_deposition_date   2016-06-13 
_pdbx_database_status.SG_entry                        N 
_pdbx_database_status.deposit_site                    RCSB 
_pdbx_database_status.process_site                    RCSB 
_pdbx_database_status.status_code_cs                  ? 
_pdbx_database_status.methods_development_category    ? 
_pdbx_database_status.pdb_format_compatible           Y 
_pdbx_database_status.status_code_nmr_data            ? 
# 
loop_
_audit_author.name 
_audit_author.pdbx_ordinal 
'Feng, L.'          1 
'Kobe, M.'          2 
'Kvaratskhelia, M.' 3 
# 
_citation.abstract                  ? 
_citation.abstract_id_CAS           ? 
_citation.book_id_ISBN              ? 
_citation.book_publisher            ? 
_citation.book_publisher_city       ? 
_citation.book_title                ? 
_citation.coordinate_linkage        ? 
_citation.country                   UK 
_citation.database_id_Medline       ? 
_citation.details                   ? 
_citation.id                        primary 
_citation.journal_abbrev            Bioorg.Med.Chem.Lett. 
_citation.journal_id_ASTM           BMCLE8 
_citation.journal_id_CSD            1127 
_citation.journal_id_ISSN           1464-3405 
_citation.journal_full              ? 
_citation.journal_issue             ? 
_citation.journal_volume            26 
_citation.language                  ? 
_citation.page_first                4748 
_citation.page_last                 4752 
_citation.title                     'Indole-based allosteric inhibitors of HIV-1 integrase.' 
_citation.year                      2016 
_citation.database_id_CSD           ? 
_citation.pdbx_database_id_DOI      10.1016/j.bmcl.2016.08.037 
_citation.pdbx_database_id_PubMed   27568085 
_citation.unpublished_flag          ? 
# 
loop_
_citation_author.citation_id 
_citation_author.name 
_citation_author.ordinal 
_citation_author.identifier_ORCID 
primary 'Patel, P.A.'       1  ? 
primary 'Kvaratskhelia, N.' 2  ? 
primary 'Mansour, Y.'       3  ? 
primary 'Antwi, J.'         4  ? 
primary 'Feng, L.'          5  ? 
primary 'Koneru, P.'        6  ? 
primary 'Kobe, M.J.'        7  ? 
primary 'Jena, N.'          8  ? 
primary 'Shi, G.'           9  ? 
primary 'Mohamed, M.S.'     10 ? 
primary 'Li, C.'            11 ? 
primary 'Kessl, J.J.'       12 ? 
primary 'Fuchs, J.R.'       13 ? 
# 
loop_
_entity.id 
_entity.type 
_entity.src_method 
_entity.pdbx_description 
_entity.formula_weight 
_entity.pdbx_number_of_molecules 
_entity.pdbx_ec 
_entity.pdbx_mutation 
_entity.pdbx_fragment 
_entity.details 
1 polymer     man Integrase                                                                                  18152.445 1  ? ? ? ? 
2 non-polymer syn 'SULFATE ION'                                                                              96.063    3  ? ? ? ? 
3 non-polymer syn '(2S)-tert-butoxy[3-(3,4-dihydro-2H-1-benzopyran-6-yl)-1-methyl-1H-indol-2-yl]acetic acid' 393.475   1  ? ? ? ? 
4 water       nat water                                                                                      18.015    25 ? ? ? ? 
# 
_entity_poly.entity_id                      1 
_entity_poly.type                           'polypeptide(L)' 
_entity_poly.nstd_linkage                   no 
_entity_poly.nstd_monomer                   yes 
_entity_poly.pdbx_seq_one_letter_code       
;MHGQVDCSPGIWQLD(CAF)THLEGKVILVAVHVASGYIEAEVIPAETGQETAYFLLKLAGRWPVKTVHTDNGSNFTSTT
VKAA(CAF)WWAGIKQEFGIPYNPQSQGVIESMNKELKKIIGQVRDQAEHLKTAVQMAVFIHNKKRKGGIGGYSAGERIV
DIIATDIQTKE
;
_entity_poly.pdbx_seq_one_letter_code_can   
;MHGQVDCSPGIWQLDCTHLEGKVILVAVHVASGYIEAEVIPAETGQETAYFLLKLAGRWPVKTVHTDNGSNFTSTTVKAA
CWWAGIKQEFGIPYNPQSQGVIESMNKELKKIIGQVRDQAEHLKTAVQMAVFIHNKKRKGGIGGYSAGERIVDIIATDIQ
TKE
;
_entity_poly.pdbx_strand_id                 A 
_entity_poly.pdbx_target_identifier         ? 
# 
loop_
_pdbx_entity_nonpoly.entity_id 
_pdbx_entity_nonpoly.name 
_pdbx_entity_nonpoly.comp_id 
2 'SULFATE ION'                                                                              SO4 
3 '(2S)-tert-butoxy[3-(3,4-dihydro-2H-1-benzopyran-6-yl)-1-methyl-1H-indol-2-yl]acetic acid' 7SK 
4 water                                                                                      HOH 
# 
loop_
_entity_poly_seq.entity_id 
_entity_poly_seq.num 
_entity_poly_seq.mon_id 
_entity_poly_seq.hetero 
1 1   MET n 
1 2   HIS n 
1 3   GLY n 
1 4   GLN n 
1 5   VAL n 
1 6   ASP n 
1 7   CYS n 
1 8   SER n 
1 9   PRO n 
1 10  GLY n 
1 11  ILE n 
1 12  TRP n 
1 13  GLN n 
1 14  LEU n 
1 15  ASP n 
1 16  CAF n 
1 17  THR n 
1 18  HIS n 
1 19  LEU n 
1 20  GLU n 
1 21  GLY n 
1 22  LYS n 
1 23  VAL n 
1 24  ILE n 
1 25  LEU n 
1 26  VAL n 
1 27  ALA n 
1 28  VAL n 
1 29  HIS n 
1 30  VAL n 
1 31  ALA n 
1 32  SER n 
1 33  GLY n 
1 34  TYR n 
1 35  ILE n 
1 36  GLU n 
1 37  ALA n 
1 38  GLU n 
1 39  VAL n 
1 40  ILE n 
1 41  PRO n 
1 42  ALA n 
1 43  GLU n 
1 44  THR n 
1 45  GLY n 
1 46  GLN n 
1 47  GLU n 
1 48  THR n 
1 49  ALA n 
1 50  TYR n 
1 51  PHE n 
1 52  LEU n 
1 53  LEU n 
1 54  LYS n 
1 55  LEU n 
1 56  ALA n 
1 57  GLY n 
1 58  ARG n 
1 59  TRP n 
1 60  PRO n 
1 61  VAL n 
1 62  LYS n 
1 63  THR n 
1 64  VAL n 
1 65  HIS n 
1 66  THR n 
1 67  ASP n 
1 68  ASN n 
1 69  GLY n 
1 70  SER n 
1 71  ASN n 
1 72  PHE n 
1 73  THR n 
1 74  SER n 
1 75  THR n 
1 76  THR n 
1 77  VAL n 
1 78  LYS n 
1 79  ALA n 
1 80  ALA n 
1 81  CAF n 
1 82  TRP n 
1 83  TRP n 
1 84  ALA n 
1 85  GLY n 
1 86  ILE n 
1 87  LYS n 
1 88  GLN n 
1 89  GLU n 
1 90  PHE n 
1 91  GLY n 
1 92  ILE n 
1 93  PRO n 
1 94  TYR n 
1 95  ASN n 
1 96  PRO n 
1 97  GLN n 
1 98  SER n 
1 99  GLN n 
1 100 GLY n 
1 101 VAL n 
1 102 ILE n 
1 103 GLU n 
1 104 SER n 
1 105 MET n 
1 106 ASN n 
1 107 LYS n 
1 108 GLU n 
1 109 LEU n 
1 110 LYS n 
1 111 LYS n 
1 112 ILE n 
1 113 ILE n 
1 114 GLY n 
1 115 GLN n 
1 116 VAL n 
1 117 ARG n 
1 118 ASP n 
1 119 GLN n 
1 120 ALA n 
1 121 GLU n 
1 122 HIS n 
1 123 LEU n 
1 124 LYS n 
1 125 THR n 
1 126 ALA n 
1 127 VAL n 
1 128 GLN n 
1 129 MET n 
1 130 ALA n 
1 131 VAL n 
1 132 PHE n 
1 133 ILE n 
1 134 HIS n 
1 135 ASN n 
1 136 LYS n 
1 137 LYS n 
1 138 ARG n 
1 139 LYS n 
1 140 GLY n 
1 141 GLY n 
1 142 ILE n 
1 143 GLY n 
1 144 GLY n 
1 145 TYR n 
1 146 SER n 
1 147 ALA n 
1 148 GLY n 
1 149 GLU n 
1 150 ARG n 
1 151 ILE n 
1 152 VAL n 
1 153 ASP n 
1 154 ILE n 
1 155 ILE n 
1 156 ALA n 
1 157 THR n 
1 158 ASP n 
1 159 ILE n 
1 160 GLN n 
1 161 THR n 
1 162 LYS n 
1 163 GLU n 
# 
_entity_src_gen.entity_id                          1 
_entity_src_gen.pdbx_src_id                        1 
_entity_src_gen.pdbx_alt_source_flag               sample 
_entity_src_gen.pdbx_seq_type                      'Biological sequence' 
_entity_src_gen.pdbx_beg_seq_num                   1 
_entity_src_gen.pdbx_end_seq_num                   163 
_entity_src_gen.gene_src_common_name               ? 
_entity_src_gen.gene_src_genus                     ? 
_entity_src_gen.pdbx_gene_src_gene                 ? 
_entity_src_gen.gene_src_species                   ? 
_entity_src_gen.gene_src_strain                    ? 
_entity_src_gen.gene_src_tissue                    ? 
_entity_src_gen.gene_src_tissue_fraction           ? 
_entity_src_gen.gene_src_details                   ? 
_entity_src_gen.pdbx_gene_src_fragment             ? 
_entity_src_gen.pdbx_gene_src_scientific_name      'Human immunodeficiency virus 1' 
_entity_src_gen.pdbx_gene_src_ncbi_taxonomy_id     11676 
_entity_src_gen.pdbx_gene_src_variant              ? 
_entity_src_gen.pdbx_gene_src_cell_line            ? 
_entity_src_gen.pdbx_gene_src_atcc                 ? 
_entity_src_gen.pdbx_gene_src_organ                ? 
_entity_src_gen.pdbx_gene_src_organelle            ? 
_entity_src_gen.pdbx_gene_src_cell                 ? 
_entity_src_gen.pdbx_gene_src_cellular_location    ? 
_entity_src_gen.host_org_common_name               ? 
_entity_src_gen.pdbx_host_org_scientific_name      'Escherichia coli' 
_entity_src_gen.pdbx_host_org_ncbi_taxonomy_id     562 
_entity_src_gen.host_org_genus                     ? 
_entity_src_gen.pdbx_host_org_gene                 ? 
_entity_src_gen.pdbx_host_org_organ                ? 
_entity_src_gen.host_org_species                   ? 
_entity_src_gen.pdbx_host_org_tissue               ? 
_entity_src_gen.pdbx_host_org_tissue_fraction      ? 
_entity_src_gen.pdbx_host_org_strain               ? 
_entity_src_gen.pdbx_host_org_variant              ? 
_entity_src_gen.pdbx_host_org_cell_line            ? 
_entity_src_gen.pdbx_host_org_atcc                 ? 
_entity_src_gen.pdbx_host_org_culture_collection   ? 
_entity_src_gen.pdbx_host_org_cell                 ? 
_entity_src_gen.pdbx_host_org_organelle            ? 
_entity_src_gen.pdbx_host_org_cellular_location    ? 
_entity_src_gen.pdbx_host_org_vector_type          ? 
_entity_src_gen.pdbx_host_org_vector               ? 
_entity_src_gen.host_org_details                   ? 
_entity_src_gen.expression_system_id               ? 
_entity_src_gen.plasmid_name                       ? 
_entity_src_gen.plasmid_details                    ? 
_entity_src_gen.pdbx_description                   ? 
# 
loop_
_chem_comp.id 
_chem_comp.type 
_chem_comp.mon_nstd_flag 
_chem_comp.name 
_chem_comp.pdbx_synonyms 
_chem_comp.formula 
_chem_comp.formula_weight 
7SK non-polymer         . '(2S)-tert-butoxy[3-(3,4-dihydro-2H-1-benzopyran-6-yl)-1-methyl-1H-indol-2-yl]acetic acid' ? 
'C24 H27 N O4'     393.475 
ALA 'L-peptide linking' y ALANINE                                                                                    ? 
'C3 H7 N O2'       89.093  
ARG 'L-peptide linking' y ARGININE                                                                                   ? 
'C6 H15 N4 O2 1'   175.209 
ASN 'L-peptide linking' y ASPARAGINE                                                                                 ? 
'C4 H8 N2 O3'      132.118 
ASP 'L-peptide linking' y 'ASPARTIC ACID'                                                                            ? 
'C4 H7 N O4'       133.103 
CAF 'L-peptide linking' n S-DIMETHYLARSINOYL-CYSTEINE                                                                
'CYSTEIN-S-YL CACODYLATE' 'C5 H12 As N O3 S' 241.140 
CYS 'L-peptide linking' y CYSTEINE                                                                                   ? 
'C3 H7 N O2 S'     121.158 
GLN 'L-peptide linking' y GLUTAMINE                                                                                  ? 
'C5 H10 N2 O3'     146.144 
GLU 'L-peptide linking' y 'GLUTAMIC ACID'                                                                            ? 
'C5 H9 N O4'       147.129 
GLY 'peptide linking'   y GLYCINE                                                                                    ? 
'C2 H5 N O2'       75.067  
HIS 'L-peptide linking' y HISTIDINE                                                                                  ? 
'C6 H10 N3 O2 1'   156.162 
HOH non-polymer         . WATER                                                                                      ? 'H2 O' 
18.015  
ILE 'L-peptide linking' y ISOLEUCINE                                                                                 ? 
'C6 H13 N O2'      131.173 
LEU 'L-peptide linking' y LEUCINE                                                                                    ? 
'C6 H13 N O2'      131.173 
LYS 'L-peptide linking' y LYSINE                                                                                     ? 
'C6 H15 N2 O2 1'   147.195 
MET 'L-peptide linking' y METHIONINE                                                                                 ? 
'C5 H11 N O2 S'    149.211 
PHE 'L-peptide linking' y PHENYLALANINE                                                                              ? 
'C9 H11 N O2'      165.189 
PRO 'L-peptide linking' y PROLINE                                                                                    ? 
'C5 H9 N O2'       115.130 
SER 'L-peptide linking' y SERINE                                                                                     ? 
'C3 H7 N O3'       105.093 
SO4 non-polymer         . 'SULFATE ION'                                                                              ? 'O4 S -2' 
96.063  
THR 'L-peptide linking' y THREONINE                                                                                  ? 
'C4 H9 N O3'       119.119 
TRP 'L-peptide linking' y TRYPTOPHAN                                                                                 ? 
'C11 H12 N2 O2'    204.225 
TYR 'L-peptide linking' y TYROSINE                                                                                   ? 
'C9 H11 N O3'      181.189 
VAL 'L-peptide linking' y VALINE                                                                                     ? 
'C5 H11 N O2'      117.146 
# 
loop_
_pdbx_poly_seq_scheme.asym_id 
_pdbx_poly_seq_scheme.entity_id 
_pdbx_poly_seq_scheme.seq_id 
_pdbx_poly_seq_scheme.mon_id 
_pdbx_poly_seq_scheme.ndb_seq_num 
_pdbx_poly_seq_scheme.pdb_seq_num 
_pdbx_poly_seq_scheme.auth_seq_num 
_pdbx_poly_seq_scheme.pdb_mon_id 
_pdbx_poly_seq_scheme.auth_mon_id 
_pdbx_poly_seq_scheme.pdb_strand_id 
_pdbx_poly_seq_scheme.pdb_ins_code 
_pdbx_poly_seq_scheme.hetero 
A 1 1   MET 1   50  ?   ?   ?   A . n 
A 1 2   HIS 2   51  ?   ?   ?   A . n 
A 1 3   GLY 3   52  ?   ?   ?   A . n 
A 1 4   GLN 4   53  ?   ?   ?   A . n 
A 1 5   VAL 5   54  ?   ?   ?   A . n 
A 1 6   ASP 6   55  ?   ?   ?   A . n 
A 1 7   CYS 7   56  56  CYS CYS A . n 
A 1 8   SER 8   57  57  SER SER A . n 
A 1 9   PRO 9   58  58  PRO PRO A . n 
A 1 10  GLY 10  59  59  GLY GLY A . n 
A 1 11  ILE 11  60  60  ILE ILE A . n 
A 1 12  TRP 12  61  61  TRP TRP A . n 
A 1 13  GLN 13  62  62  GLN GLN A . n 
A 1 14  LEU 14  63  63  LEU LEU A . n 
A 1 15  ASP 15  64  64  ASP ASP A . n 
A 1 16  CAF 16  65  65  CAF CAF A . n 
A 1 17  THR 17  66  66  THR THR A . n 
A 1 18  HIS 18  67  67  HIS HIS A . n 
A 1 19  LEU 19  68  68  LEU LEU A . n 
A 1 20  GLU 20  69  69  GLU GLU A . n 
A 1 21  GLY 21  70  70  GLY GLY A . n 
A 1 22  LYS 22  71  71  LYS LYS A . n 
A 1 23  VAL 23  72  72  VAL VAL A . n 
A 1 24  ILE 24  73  73  ILE ILE A . n 
A 1 25  LEU 25  74  74  LEU LEU A . n 
A 1 26  VAL 26  75  75  VAL VAL A . n 
A 1 27  ALA 27  76  76  ALA ALA A . n 
A 1 28  VAL 28  77  77  VAL VAL A . n 
A 1 29  HIS 29  78  78  HIS HIS A . n 
A 1 30  VAL 30  79  79  VAL VAL A . n 
A 1 31  ALA 31  80  80  ALA ALA A . n 
A 1 32  SER 32  81  81  SER SER A . n 
A 1 33  GLY 33  82  82  GLY GLY A . n 
A 1 34  TYR 34  83  83  TYR TYR A . n 
A 1 35  ILE 35  84  84  ILE ILE A . n 
A 1 36  GLU 36  85  85  GLU GLU A . n 
A 1 37  ALA 37  86  86  ALA ALA A . n 
A 1 38  GLU 38  87  87  GLU GLU A . n 
A 1 39  VAL 39  88  88  VAL VAL A . n 
A 1 40  ILE 40  89  89  ILE ILE A . n 
A 1 41  PRO 41  90  90  PRO PRO A . n 
A 1 42  ALA 42  91  91  ALA ALA A . n 
A 1 43  GLU 43  92  92  GLU GLU A . n 
A 1 44  THR 44  93  93  THR THR A . n 
A 1 45  GLY 45  94  94  GLY GLY A . n 
A 1 46  GLN 46  95  95  GLN GLN A . n 
A 1 47  GLU 47  96  96  GLU GLU A . n 
A 1 48  THR 48  97  97  THR THR A . n 
A 1 49  ALA 49  98  98  ALA ALA A . n 
A 1 50  TYR 50  99  99  TYR TYR A . n 
A 1 51  PHE 51  100 100 PHE PHE A . n 
A 1 52  LEU 52  101 101 LEU LEU A . n 
A 1 53  LEU 53  102 102 LEU LEU A . n 
A 1 54  LYS 54  103 103 LYS LYS A . n 
A 1 55  LEU 55  104 104 LEU LEU A . n 
A 1 56  ALA 56  105 105 ALA ALA A . n 
A 1 57  GLY 57  106 106 GLY GLY A . n 
A 1 58  ARG 58  107 107 ARG ARG A . n 
A 1 59  TRP 59  108 108 TRP TRP A . n 
A 1 60  PRO 60  109 109 PRO PRO A . n 
A 1 61  VAL 61  110 110 VAL VAL A . n 
A 1 62  LYS 62  111 111 LYS LYS A . n 
A 1 63  THR 63  112 112 THR THR A . n 
A 1 64  VAL 64  113 113 VAL VAL A . n 
A 1 65  HIS 65  114 114 HIS HIS A . n 
A 1 66  THR 66  115 115 THR THR A . n 
A 1 67  ASP 67  116 116 ASP ASP A . n 
A 1 68  ASN 68  117 117 ASN ASN A . n 
A 1 69  GLY 69  118 118 GLY GLY A . n 
A 1 70  SER 70  119 119 SER SER A . n 
A 1 71  ASN 71  120 120 ASN ASN A . n 
A 1 72  PHE 72  121 121 PHE PHE A . n 
A 1 73  THR 73  122 122 THR THR A . n 
A 1 74  SER 74  123 123 SER SER A . n 
A 1 75  THR 75  124 124 THR THR A . n 
A 1 76  THR 76  125 125 THR THR A . n 
A 1 77  VAL 77  126 126 VAL VAL A . n 
A 1 78  LYS 78  127 127 LYS LYS A . n 
A 1 79  ALA 79  128 128 ALA ALA A . n 
A 1 80  ALA 80  129 129 ALA ALA A . n 
A 1 81  CAF 81  130 130 CAF CAF A . n 
A 1 82  TRP 82  131 131 TRP TRP A . n 
A 1 83  TRP 83  132 132 TRP TRP A . n 
A 1 84  ALA 84  133 133 ALA ALA A . n 
A 1 85  GLY 85  134 134 GLY GLY A . n 
A 1 86  ILE 86  135 135 ILE ILE A . n 
A 1 87  LYS 87  136 136 LYS LYS A . n 
A 1 88  GLN 88  137 137 GLN GLN A . n 
A 1 89  GLU 89  138 138 GLU GLU A . n 
A 1 90  PHE 90  139 ?   ?   ?   A . n 
A 1 91  GLY 91  140 ?   ?   ?   A . n 
A 1 92  ILE 92  141 ?   ?   ?   A . n 
A 1 93  PRO 93  142 ?   ?   ?   A . n 
A 1 94  TYR 94  143 ?   ?   ?   A . n 
A 1 95  ASN 95  144 ?   ?   ?   A . n 
A 1 96  PRO 96  145 ?   ?   ?   A . n 
A 1 97  GLN 97  146 ?   ?   ?   A . n 
A 1 98  SER 98  147 ?   ?   ?   A . n 
A 1 99  GLN 99  148 ?   ?   ?   A . n 
A 1 100 GLY 100 149 ?   ?   ?   A . n 
A 1 101 VAL 101 150 ?   ?   ?   A . n 
A 1 102 ILE 102 151 ?   ?   ?   A . n 
A 1 103 GLU 103 152 152 GLU GLU A . n 
A 1 104 SER 104 153 153 SER SER A . n 
A 1 105 MET 105 154 154 MET MET A . n 
A 1 106 ASN 106 155 155 ASN ASN A . n 
A 1 107 LYS 107 156 156 LYS LYS A . n 
A 1 108 GLU 108 157 157 GLU GLU A . n 
A 1 109 LEU 109 158 158 LEU LEU A . n 
A 1 110 LYS 110 159 159 LYS LYS A . n 
A 1 111 LYS 111 160 160 LYS LYS A . n 
A 1 112 ILE 112 161 161 ILE ILE A . n 
A 1 113 ILE 113 162 162 ILE ILE A . n 
A 1 114 GLY 114 163 163 GLY GLY A . n 
A 1 115 GLN 115 164 164 GLN GLN A . n 
A 1 116 VAL 116 165 165 VAL VAL A . n 
A 1 117 ARG 117 166 166 ARG ARG A . n 
A 1 118 ASP 118 167 167 ASP ASP A . n 
A 1 119 GLN 119 168 168 GLN GLN A . n 
A 1 120 ALA 120 169 169 ALA ALA A . n 
A 1 121 GLU 121 170 170 GLU GLU A . n 
A 1 122 HIS 122 171 171 HIS HIS A . n 
A 1 123 LEU 123 172 172 LEU LEU A . n 
A 1 124 LYS 124 173 173 LYS LYS A . n 
A 1 125 THR 125 174 174 THR THR A . n 
A 1 126 ALA 126 175 175 ALA ALA A . n 
A 1 127 VAL 127 176 176 VAL VAL A . n 
A 1 128 GLN 128 177 177 GLN GLN A . n 
A 1 129 MET 129 178 178 MET MET A . n 
A 1 130 ALA 130 179 179 ALA ALA A . n 
A 1 131 VAL 131 180 180 VAL VAL A . n 
A 1 132 PHE 132 181 181 PHE PHE A . n 
A 1 133 ILE 133 182 182 ILE ILE A . n 
A 1 134 HIS 134 183 183 HIS HIS A . n 
A 1 135 ASN 135 184 184 ASN ASN A . n 
A 1 136 LYS 136 185 185 LYS LYS A . n 
A 1 137 LYS 137 186 186 LYS LYS A . n 
A 1 138 ARG 138 187 187 ARG ARG A . n 
A 1 139 LYS 139 188 188 LYS LYS A . n 
A 1 140 GLY 140 189 ?   ?   ?   A . n 
A 1 141 GLY 141 190 ?   ?   ?   A . n 
A 1 142 ILE 142 191 ?   ?   ?   A . n 
A 1 143 GLY 143 192 ?   ?   ?   A . n 
A 1 144 GLY 144 193 193 GLY GLY A . n 
A 1 145 TYR 145 194 194 TYR TYR A . n 
A 1 146 SER 146 195 195 SER SER A . n 
A 1 147 ALA 147 196 196 ALA ALA A . n 
A 1 148 GLY 148 197 197 GLY GLY A . n 
A 1 149 GLU 149 198 198 GLU GLU A . n 
A 1 150 ARG 150 199 199 ARG ARG A . n 
A 1 151 ILE 151 200 200 ILE ILE A . n 
A 1 152 VAL 152 201 201 VAL VAL A . n 
A 1 153 ASP 153 202 202 ASP ASP A . n 
A 1 154 ILE 154 203 203 ILE ILE A . n 
A 1 155 ILE 155 204 204 ILE ILE A . n 
A 1 156 ALA 156 205 205 ALA ALA A . n 
A 1 157 THR 157 206 206 THR THR A . n 
A 1 158 ASP 158 207 207 ASP ASP A . n 
A 1 159 ILE 159 208 208 ILE ILE A . n 
A 1 160 GLN 160 209 ?   ?   ?   A . n 
A 1 161 THR 161 210 ?   ?   ?   A . n 
A 1 162 LYS 162 211 ?   ?   ?   A . n 
A 1 163 GLU 163 212 ?   ?   ?   A . n 
# 
loop_
_pdbx_nonpoly_scheme.asym_id 
_pdbx_nonpoly_scheme.entity_id 
_pdbx_nonpoly_scheme.mon_id 
_pdbx_nonpoly_scheme.ndb_seq_num 
_pdbx_nonpoly_scheme.pdb_seq_num 
_pdbx_nonpoly_scheme.auth_seq_num 
_pdbx_nonpoly_scheme.pdb_mon_id 
_pdbx_nonpoly_scheme.auth_mon_id 
_pdbx_nonpoly_scheme.pdb_strand_id 
_pdbx_nonpoly_scheme.pdb_ins_code 
B 2 SO4 1  301 209 SO4 SO4 A . 
C 2 SO4 1  302 210 SO4 SO4 A . 
D 2 SO4 1  303 211 SO4 SO4 A . 
E 3 7SK 1  304 212 7SK LIG A . 
F 4 HOH 1  401 222 HOH HOH A . 
F 4 HOH 2  402 221 HOH HOH A . 
F 4 HOH 3  403 229 HOH HOH A . 
F 4 HOH 4  404 224 HOH HOH A . 
F 4 HOH 5  405 227 HOH HOH A . 
F 4 HOH 6  406 217 HOH HOH A . 
F 4 HOH 7  407 237 HOH HOH A . 
F 4 HOH 8  408 216 HOH HOH A . 
F 4 HOH 9  409 230 HOH HOH A . 
F 4 HOH 10 410 225 HOH HOH A . 
F 4 HOH 11 411 220 HOH HOH A . 
F 4 HOH 12 412 213 HOH HOH A . 
F 4 HOH 13 413 228 HOH HOH A . 
F 4 HOH 14 414 215 HOH HOH A . 
F 4 HOH 15 415 232 HOH HOH A . 
F 4 HOH 16 416 214 HOH HOH A . 
F 4 HOH 17 417 219 HOH HOH A . 
F 4 HOH 18 418 223 HOH HOH A . 
F 4 HOH 19 419 234 HOH HOH A . 
F 4 HOH 20 420 226 HOH HOH A . 
F 4 HOH 21 421 231 HOH HOH A . 
F 4 HOH 22 422 236 HOH HOH A . 
F 4 HOH 23 423 235 HOH HOH A . 
F 4 HOH 24 424 218 HOH HOH A . 
F 4 HOH 25 425 233 HOH HOH A . 
# 
loop_
_software.citation_id 
_software.classification 
_software.compiler_name 
_software.compiler_version 
_software.contact_author 
_software.contact_author_email 
_software.date 
_software.description 
_software.dependencies 
_software.hardware 
_software.language 
_software.location 
_software.mods 
_software.name 
_software.os 
_software.os_version 
_software.type 
_software.version 
_software.pdbx_ordinal 
? refinement       ? ? ? ? ? ? ? ? ? ? ? PHENIX    ? ? ? . 1 
? 'data reduction' ? ? ? ? ? ? ? ? ? ? ? HKL-3000  ? ? ? . 2 
? 'data scaling'   ? ? ? ? ? ? ? ? ? ? ? SCALEPACK ? ? ? . 3 
? phasing          ? ? ? ? ? ? ? ? ? ? ? PHASER    ? ? ? . 4 
# 
_cell.angle_alpha                  90.00 
_cell.angle_alpha_esd              ? 
_cell.angle_beta                   90.00 
_cell.angle_beta_esd               ? 
_cell.angle_gamma                  120.00 
_cell.angle_gamma_esd              ? 
_cell.entry_id                     5KGW 
_cell.details                      ? 
_cell.formula_units_Z              ? 
_cell.length_a                     72.196 
_cell.length_a_esd                 ? 
_cell.length_b                     72.196 
_cell.length_b_esd                 ? 
_cell.length_c                     65.981 
_cell.length_c_esd                 ? 
_cell.volume                       ? 
_cell.volume_esd                   ? 
_cell.Z_PDB                        6 
_cell.reciprocal_angle_alpha       ? 
_cell.reciprocal_angle_beta        ? 
_cell.reciprocal_angle_gamma       ? 
_cell.reciprocal_angle_alpha_esd   ? 
_cell.reciprocal_angle_beta_esd    ? 
_cell.reciprocal_angle_gamma_esd   ? 
_cell.reciprocal_length_a          ? 
_cell.reciprocal_length_b          ? 
_cell.reciprocal_length_c          ? 
_cell.reciprocal_length_a_esd      ? 
_cell.reciprocal_length_b_esd      ? 
_cell.reciprocal_length_c_esd      ? 
_cell.pdbx_unique_axis             ? 
# 
_symmetry.entry_id                         5KGW 
_symmetry.cell_setting                     ? 
_symmetry.Int_Tables_number                152 
_symmetry.space_group_name_Hall            ? 
_symmetry.space_group_name_H-M             'P 31 2 1' 
_symmetry.pdbx_full_space_group_name_H-M   ? 
# 
_exptl.absorpt_coefficient_mu     ? 
_exptl.absorpt_correction_T_max   ? 
_exptl.absorpt_correction_T_min   ? 
_exptl.absorpt_correction_type    ? 
_exptl.absorpt_process_details    ? 
_exptl.entry_id                   5KGW 
_exptl.crystals_number            1 
_exptl.details                    ? 
_exptl.method                     'X-RAY DIFFRACTION' 
_exptl.method_details             ? 
# 
_exptl_crystal.colour                      ? 
_exptl_crystal.density_diffrn              ? 
_exptl_crystal.density_Matthews            2.77 
_exptl_crystal.density_method              ? 
_exptl_crystal.density_percent_sol         55.61 
_exptl_crystal.description                 ? 
_exptl_crystal.F_000                       ? 
_exptl_crystal.id                          1 
_exptl_crystal.preparation                 ? 
_exptl_crystal.size_max                    ? 
_exptl_crystal.size_mid                    ? 
_exptl_crystal.size_min                    ? 
_exptl_crystal.size_rad                    ? 
_exptl_crystal.colour_lustre               ? 
_exptl_crystal.colour_modifier             ? 
_exptl_crystal.colour_primary              ? 
_exptl_crystal.density_meas                ? 
_exptl_crystal.density_meas_esd            ? 
_exptl_crystal.density_meas_gt             ? 
_exptl_crystal.density_meas_lt             ? 
_exptl_crystal.density_meas_temp           ? 
_exptl_crystal.density_meas_temp_esd       ? 
_exptl_crystal.density_meas_temp_gt        ? 
_exptl_crystal.density_meas_temp_lt        ? 
_exptl_crystal.pdbx_crystal_image_url      ? 
_exptl_crystal.pdbx_crystal_image_format   ? 
_exptl_crystal.pdbx_mosaicity              ? 
_exptl_crystal.pdbx_mosaicity_esd          ? 
# 
_exptl_crystal_grow.apparatus       ? 
_exptl_crystal_grow.atmosphere      ? 
_exptl_crystal_grow.crystal_id      1 
_exptl_crystal_grow.details         ? 
_exptl_crystal_grow.method          'VAPOR DIFFUSION' 
_exptl_crystal_grow.method_ref      ? 
_exptl_crystal_grow.pH              6.5 
_exptl_crystal_grow.pressure        ? 
_exptl_crystal_grow.pressure_esd    ? 
_exptl_crystal_grow.seeding         ? 
_exptl_crystal_grow.seeding_ref     ? 
_exptl_crystal_grow.temp            277 
_exptl_crystal_grow.temp_details    ? 
_exptl_crystal_grow.temp_esd        ? 
_exptl_crystal_grow.time            ? 
_exptl_crystal_grow.pdbx_details    
;8%PEG 8K
.1M Ammonium Sulfate
.1M Na-cacodylate pH 6.5
5mM DTT
;
_exptl_crystal_grow.pdbx_pH_range   ? 
# 
_diffrn.ambient_environment    ? 
_diffrn.ambient_temp           110 
_diffrn.ambient_temp_details   ? 
_diffrn.ambient_temp_esd       ? 
_diffrn.crystal_id             1 
_diffrn.crystal_support        ? 
_diffrn.crystal_treatment      ? 
_diffrn.details                ? 
_diffrn.id                     1 
_diffrn.ambient_pressure       ? 
_diffrn.ambient_pressure_esd   ? 
_diffrn.ambient_pressure_gt    ? 
_diffrn.ambient_pressure_lt    ? 
_diffrn.ambient_temp_gt        ? 
_diffrn.ambient_temp_lt        ? 
# 
_diffrn_detector.details                      ? 
_diffrn_detector.detector                     PIXEL 
_diffrn_detector.diffrn_id                    1 
_diffrn_detector.type                         'DECTRIS PILATUS 200K' 
_diffrn_detector.area_resol_mean              ? 
_diffrn_detector.dtime                        ? 
_diffrn_detector.pdbx_frames_total            ? 
_diffrn_detector.pdbx_collection_time_total   ? 
_diffrn_detector.pdbx_collection_date         2014-01-11 
# 
_diffrn_radiation.collimation                      ? 
_diffrn_radiation.diffrn_id                        1 
_diffrn_radiation.filter_edge                      ? 
_diffrn_radiation.inhomogeneity                    ? 
_diffrn_radiation.monochromator                    ? 
_diffrn_radiation.polarisn_norm                    ? 
_diffrn_radiation.polarisn_ratio                   ? 
_diffrn_radiation.probe                            ? 
_diffrn_radiation.type                             ? 
_diffrn_radiation.xray_symbol                      ? 
_diffrn_radiation.wavelength_id                    1 
_diffrn_radiation.pdbx_monochromatic_or_laue_m_l   M 
_diffrn_radiation.pdbx_wavelength_list             ? 
_diffrn_radiation.pdbx_wavelength                  ? 
_diffrn_radiation.pdbx_diffrn_protocol             'SINGLE WAVELENGTH' 
_diffrn_radiation.pdbx_analyzer                    ? 
_diffrn_radiation.pdbx_scattering_type             x-ray 
# 
_diffrn_radiation_wavelength.id           1 
_diffrn_radiation_wavelength.wavelength   1.541 
_diffrn_radiation_wavelength.wt           1.0 
# 
_diffrn_source.current                     ? 
_diffrn_source.details                     ? 
_diffrn_source.diffrn_id                   1 
_diffrn_source.power                       ? 
_diffrn_source.size                        ? 
_diffrn_source.source                      'ROTATING ANODE' 
_diffrn_source.target                      ? 
_diffrn_source.type                        'RIGAKU MICROMAX-003' 
_diffrn_source.voltage                     ? 
_diffrn_source.take-off_angle              ? 
_diffrn_source.pdbx_wavelength_list        1.541 
_diffrn_source.pdbx_wavelength             ? 
_diffrn_source.pdbx_synchrotron_beamline   ? 
_diffrn_source.pdbx_synchrotron_site       ? 
# 
_reflns.B_iso_Wilson_estimate            ? 
_reflns.entry_id                         5KGW 
_reflns.data_reduction_details           ? 
_reflns.data_reduction_method            ? 
_reflns.d_resolution_high                2.34 
_reflns.d_resolution_low                 29.18 
_reflns.details                          ? 
_reflns.limit_h_max                      ? 
_reflns.limit_h_min                      ? 
_reflns.limit_k_max                      ? 
_reflns.limit_k_min                      ? 
_reflns.limit_l_max                      ? 
_reflns.limit_l_min                      ? 
_reflns.number_all                       ? 
_reflns.number_obs                       8689 
_reflns.observed_criterion               ? 
_reflns.observed_criterion_F_max         ? 
_reflns.observed_criterion_F_min         ? 
_reflns.observed_criterion_I_max         ? 
_reflns.observed_criterion_I_min         ? 
_reflns.observed_criterion_sigma_F       ? 
_reflns.observed_criterion_sigma_I       ? 
_reflns.percent_possible_obs             99.85 
_reflns.R_free_details                   ? 
_reflns.Rmerge_F_all                     ? 
_reflns.Rmerge_F_obs                     ? 
_reflns.Friedel_coverage                 ? 
_reflns.number_gt                        ? 
_reflns.threshold_expression             ? 
_reflns.pdbx_redundancy                  4.3 
_reflns.pdbx_Rmerge_I_obs                ? 
_reflns.pdbx_Rmerge_I_all                ? 
_reflns.pdbx_Rsym_value                  ? 
_reflns.pdbx_netI_over_av_sigmaI         ? 
_reflns.pdbx_netI_over_sigmaI            23.23 
_reflns.pdbx_res_netI_over_av_sigmaI_2   ? 
_reflns.pdbx_res_netI_over_sigmaI_2      ? 
_reflns.pdbx_chi_squared                 ? 
_reflns.pdbx_scaling_rejects             ? 
_reflns.pdbx_d_res_high_opt              ? 
_reflns.pdbx_d_res_low_opt               ? 
_reflns.pdbx_d_res_opt_method            ? 
_reflns.phase_calculation_details        ? 
_reflns.pdbx_Rrim_I_all                  ? 
_reflns.pdbx_Rpim_I_all                  ? 
_reflns.pdbx_d_opt                       ? 
_reflns.pdbx_number_measured_all         ? 
_reflns.pdbx_diffrn_id                   1 
_reflns.pdbx_ordinal                     1 
_reflns.pdbx_CC_half                     ? 
_reflns.pdbx_R_split                     ? 
# 
_reflns_shell.d_res_high                  2.343 
_reflns_shell.d_res_low                   2.427 
_reflns_shell.meanI_over_sigI_all         ? 
_reflns_shell.meanI_over_sigI_obs         3.51 
_reflns_shell.number_measured_all         ? 
_reflns_shell.number_measured_obs         ? 
_reflns_shell.number_possible             ? 
_reflns_shell.number_unique_all           ? 
_reflns_shell.number_unique_obs           ? 
_reflns_shell.percent_possible_all        99 
_reflns_shell.percent_possible_obs        ? 
_reflns_shell.Rmerge_F_all                ? 
_reflns_shell.Rmerge_F_obs                ? 
_reflns_shell.Rmerge_I_all                ? 
_reflns_shell.Rmerge_I_obs                .5082 
_reflns_shell.meanI_over_sigI_gt          ? 
_reflns_shell.meanI_over_uI_all           ? 
_reflns_shell.meanI_over_uI_gt            ? 
_reflns_shell.number_measured_gt          ? 
_reflns_shell.number_unique_gt            ? 
_reflns_shell.percent_possible_gt         ? 
_reflns_shell.Rmerge_F_gt                 ? 
_reflns_shell.Rmerge_I_gt                 ? 
_reflns_shell.pdbx_redundancy             4.4 
_reflns_shell.pdbx_Rsym_value             ? 
_reflns_shell.pdbx_chi_squared            ? 
_reflns_shell.pdbx_netI_over_sigmaI_all   ? 
_reflns_shell.pdbx_netI_over_sigmaI_obs   ? 
_reflns_shell.pdbx_Rrim_I_all             ? 
_reflns_shell.pdbx_Rpim_I_all             ? 
_reflns_shell.pdbx_rejects                ? 
_reflns_shell.pdbx_ordinal                1 
_reflns_shell.pdbx_diffrn_id              1 
_reflns_shell.pdbx_CC_half                ? 
_reflns_shell.pdbx_R_split                ? 
# 
_refine.aniso_B[1][1]                            ? 
_refine.aniso_B[1][2]                            ? 
_refine.aniso_B[1][3]                            ? 
_refine.aniso_B[2][2]                            ? 
_refine.aniso_B[2][3]                            ? 
_refine.aniso_B[3][3]                            ? 
_refine.B_iso_max                                ? 
_refine.B_iso_mean                               ? 
_refine.B_iso_min                                ? 
_refine.correlation_coeff_Fo_to_Fc               ? 
_refine.correlation_coeff_Fo_to_Fc_free          ? 
_refine.details                                  ? 
_refine.diff_density_max                         ? 
_refine.diff_density_max_esd                     ? 
_refine.diff_density_min                         ? 
_refine.diff_density_min_esd                     ? 
_refine.diff_density_rms                         ? 
_refine.diff_density_rms_esd                     ? 
_refine.entry_id                                 5KGW 
_refine.pdbx_refine_id                           'X-RAY DIFFRACTION' 
_refine.ls_abs_structure_details                 ? 
_refine.ls_abs_structure_Flack                   ? 
_refine.ls_abs_structure_Flack_esd               ? 
_refine.ls_abs_structure_Rogers                  ? 
_refine.ls_abs_structure_Rogers_esd              ? 
_refine.ls_d_res_high                            2.34 
_refine.ls_d_res_low                             29.18 
_refine.ls_extinction_coef                       ? 
_refine.ls_extinction_coef_esd                   ? 
_refine.ls_extinction_expression                 ? 
_refine.ls_extinction_method                     ? 
_refine.ls_goodness_of_fit_all                   ? 
_refine.ls_goodness_of_fit_all_esd               ? 
_refine.ls_goodness_of_fit_obs                   ? 
_refine.ls_goodness_of_fit_obs_esd               ? 
_refine.ls_hydrogen_treatment                    ? 
_refine.ls_matrix_type                           ? 
_refine.ls_number_constraints                    ? 
_refine.ls_number_parameters                     ? 
_refine.ls_number_reflns_all                     ? 
_refine.ls_number_reflns_obs                     8675 
_refine.ls_number_reflns_R_free                  ? 
_refine.ls_number_reflns_R_work                  ? 
_refine.ls_number_restraints                     ? 
_refine.ls_percent_reflns_obs                    99.85 
_refine.ls_percent_reflns_R_free                 ? 
_refine.ls_R_factor_all                          ? 
_refine.ls_R_factor_obs                          ? 
_refine.ls_R_factor_R_free                       .2410 
_refine.ls_R_factor_R_free_error                 ? 
_refine.ls_R_factor_R_free_error_details         ? 
_refine.ls_R_factor_R_work                       .1943 
_refine.ls_R_Fsqd_factor_obs                     ? 
_refine.ls_R_I_factor_obs                        ? 
_refine.ls_redundancy_reflns_all                 ? 
_refine.ls_redundancy_reflns_obs                 ? 
_refine.ls_restrained_S_all                      ? 
_refine.ls_restrained_S_obs                      ? 
_refine.ls_shift_over_esd_max                    ? 
_refine.ls_shift_over_esd_mean                   ? 
_refine.ls_structure_factor_coef                 ? 
_refine.ls_weighting_details                     ? 
_refine.ls_weighting_scheme                      ? 
_refine.ls_wR_factor_all                         ? 
_refine.ls_wR_factor_obs                         ? 
_refine.ls_wR_factor_R_free                      ? 
_refine.ls_wR_factor_R_work                      ? 
_refine.occupancy_max                            ? 
_refine.occupancy_min                            ? 
_refine.solvent_model_details                    ? 
_refine.solvent_model_param_bsol                 ? 
_refine.solvent_model_param_ksol                 ? 
_refine.ls_R_factor_gt                           ? 
_refine.ls_goodness_of_fit_gt                    ? 
_refine.ls_goodness_of_fit_ref                   ? 
_refine.ls_shift_over_su_max                     ? 
_refine.ls_shift_over_su_max_lt                  ? 
_refine.ls_shift_over_su_mean                    ? 
_refine.ls_shift_over_su_mean_lt                 ? 
_refine.pdbx_ls_sigma_I                          ? 
_refine.pdbx_ls_sigma_F                          ? 
_refine.pdbx_ls_sigma_Fsqd                       ? 
_refine.pdbx_data_cutoff_high_absF               ? 
_refine.pdbx_data_cutoff_high_rms_absF           ? 
_refine.pdbx_data_cutoff_low_absF                ? 
_refine.pdbx_isotropic_thermal_model             ? 
_refine.pdbx_ls_cross_valid_method               'FREE R-VALUE' 
_refine.pdbx_method_to_determine_struct          ? 
_refine.pdbx_starting_model                      ? 
_refine.pdbx_stereochemistry_target_values       ? 
_refine.pdbx_R_Free_selection_details            ? 
_refine.pdbx_stereochem_target_val_spec_case     ? 
_refine.pdbx_overall_ESU_R                       ? 
_refine.pdbx_overall_ESU_R_Free                  ? 
_refine.pdbx_solvent_vdw_probe_radii             ? 
_refine.pdbx_solvent_ion_probe_radii             ? 
_refine.pdbx_solvent_shrinkage_radii             ? 
_refine.pdbx_real_space_R                        ? 
_refine.pdbx_density_correlation                 ? 
_refine.pdbx_pd_number_of_powder_patterns        ? 
_refine.pdbx_pd_number_of_points                 ? 
_refine.pdbx_pd_meas_number_of_points            ? 
_refine.pdbx_pd_proc_ls_prof_R_factor            ? 
_refine.pdbx_pd_proc_ls_prof_wR_factor           ? 
_refine.pdbx_pd_Marquardt_correlation_coeff      ? 
_refine.pdbx_pd_Fsqrd_R_factor                   ? 
_refine.pdbx_pd_ls_matrix_band_width             ? 
_refine.pdbx_overall_phase_error                 ? 
_refine.pdbx_overall_SU_R_free_Cruickshank_DPI   ? 
_refine.pdbx_overall_SU_R_free_Blow_DPI          ? 
_refine.pdbx_overall_SU_R_Blow_DPI               ? 
_refine.pdbx_TLS_residual_ADP_flag               ? 
_refine.pdbx_diffrn_id                           1 
_refine.overall_SU_B                             ? 
_refine.overall_SU_ML                            ? 
_refine.overall_SU_R_Cruickshank_DPI             ? 
_refine.overall_SU_R_free                        ? 
_refine.overall_FOM_free_R_set                   ? 
_refine.overall_FOM_work_R_set                   ? 
_refine.pdbx_average_fsc_overall                 ? 
_refine.pdbx_average_fsc_work                    ? 
_refine.pdbx_average_fsc_free                    ? 
# 
_refine_hist.pdbx_refine_id                   'X-RAY DIFFRACTION' 
_refine_hist.cycle_id                         LAST 
_refine_hist.pdbx_number_atoms_protein        1066 
_refine_hist.pdbx_number_atoms_nucleic_acid   0 
_refine_hist.pdbx_number_atoms_ligand         44 
_refine_hist.number_atoms_solvent             25 
_refine_hist.number_atoms_total               1135 
_refine_hist.d_res_high                       2.34 
_refine_hist.d_res_low                        29.18 
# 
_struct.entry_id                     5KGW 
_struct.title                        
;HIV1 catalytic core domain in complex with inhibitor: (2~{S})-2-[3-(3,4-dihydro-2~{H}-chromen-6-yl)-1-methyl-indol-2-yl]-2-[(2-methylpropan-2-yl)oxy]ethanoic acid
;
_struct.pdbx_model_details           ? 
_struct.pdbx_formula_weight          ? 
_struct.pdbx_formula_weight_method   ? 
_struct.pdbx_model_type_details      ? 
_struct.pdbx_CASP_flag               N 
# 
_struct_keywords.entry_id        5KGW 
_struct_keywords.text            'Integrase Allini Nucleic acid binding, TRANSFERASE-TRANSFERASE INHIBITOR complex' 
_struct_keywords.pdbx_keywords   'TRANSFERASE/TRANSFERASE INHIBITOR' 
# 
loop_
_struct_asym.id 
_struct_asym.pdbx_blank_PDB_chainid_flag 
_struct_asym.pdbx_modified 
_struct_asym.entity_id 
_struct_asym.details 
A N N 1 ? 
B N N 2 ? 
C N N 2 ? 
D N N 2 ? 
E N N 3 ? 
F N N 4 ? 
# 
_struct_ref.id                         1 
_struct_ref.db_name                    UNP 
_struct_ref.db_code                    Q76353_9HIV1 
_struct_ref.pdbx_db_accession          Q76353 
_struct_ref.pdbx_db_isoform            ? 
_struct_ref.entity_id                  1 
_struct_ref.pdbx_seq_one_letter_code   
;MHGQVDCSPGIWQLDCTHLEGKVILVAVHVASGYIEAEVIPAETGQETAYFLLKLAGRWPVKTVHTDNGSNFTSTTVKAA
CWWAGIKQEFGIPYNPQSQGVIESMNKELKKIIGQVRDQAEHLKTAVQMAVFIHNFKRKGGIGGYSAGERIVDIIATDIQ
TKE
;
_struct_ref.pdbx_align_begin           50 
# 
_struct_ref_seq.align_id                      1 
_struct_ref_seq.ref_id                        1 
_struct_ref_seq.pdbx_PDB_id_code              5KGW 
_struct_ref_seq.pdbx_strand_id                A 
_struct_ref_seq.seq_align_beg                 1 
_struct_ref_seq.pdbx_seq_align_beg_ins_code   ? 
_struct_ref_seq.seq_align_end                 163 
_struct_ref_seq.pdbx_seq_align_end_ins_code   ? 
_struct_ref_seq.pdbx_db_accession             Q76353 
_struct_ref_seq.db_align_beg                  50 
_struct_ref_seq.pdbx_db_align_beg_ins_code    ? 
_struct_ref_seq.db_align_end                  212 
_struct_ref_seq.pdbx_db_align_end_ins_code    ? 
_struct_ref_seq.pdbx_auth_seq_align_beg       50 
_struct_ref_seq.pdbx_auth_seq_align_end       212 
# 
_struct_ref_seq_dif.align_id                     1 
_struct_ref_seq_dif.pdbx_pdb_id_code             5KGW 
_struct_ref_seq_dif.mon_id                       LYS 
_struct_ref_seq_dif.pdbx_pdb_strand_id           A 
_struct_ref_seq_dif.seq_num                      136 
_struct_ref_seq_dif.pdbx_pdb_ins_code            ? 
_struct_ref_seq_dif.pdbx_seq_db_name             UNP 
_struct_ref_seq_dif.pdbx_seq_db_accession_code   Q76353 
_struct_ref_seq_dif.db_mon_id                    PHE 
_struct_ref_seq_dif.pdbx_seq_db_seq_num          185 
_struct_ref_seq_dif.details                      'engineered mutation' 
_struct_ref_seq_dif.pdbx_auth_seq_num            185 
_struct_ref_seq_dif.pdbx_ordinal                 1 
# 
_pdbx_struct_assembly.id                   1 
_pdbx_struct_assembly.details              author_and_software_defined_assembly 
_pdbx_struct_assembly.method_details       PISA 
_pdbx_struct_assembly.oligomeric_details   dimeric 
_pdbx_struct_assembly.oligomeric_count     2 
# 
loop_
_pdbx_struct_assembly_prop.biol_id 
_pdbx_struct_assembly_prop.type 
_pdbx_struct_assembly_prop.value 
_pdbx_struct_assembly_prop.details 
1 'ABSA (A^2)' 4590  ? 
1 MORE         -93   ? 
1 'SSA (A^2)'  11920 ? 
# 
_pdbx_struct_assembly_gen.assembly_id       1 
_pdbx_struct_assembly_gen.oper_expression   1,2 
_pdbx_struct_assembly_gen.asym_id_list      A,B,C,D,E,F 
# 
loop_
_pdbx_struct_oper_list.id 
_pdbx_struct_oper_list.type 
_pdbx_struct_oper_list.name 
_pdbx_struct_oper_list.symmetry_operation 
_pdbx_struct_oper_list.matrix[1][1] 
_pdbx_struct_oper_list.matrix[1][2] 
_pdbx_struct_oper_list.matrix[1][3] 
_pdbx_struct_oper_list.vector[1] 
_pdbx_struct_oper_list.matrix[2][1] 
_pdbx_struct_oper_list.matrix[2][2] 
_pdbx_struct_oper_list.matrix[2][3] 
_pdbx_struct_oper_list.vector[2] 
_pdbx_struct_oper_list.matrix[3][1] 
_pdbx_struct_oper_list.matrix[3][2] 
_pdbx_struct_oper_list.matrix[3][3] 
_pdbx_struct_oper_list.vector[3] 
1 'identity operation'         1_555 x,y,z         1.0000000000  0.0000000000  0.0000000000  0.0000000000   0.0000000000  1.0000000000  0.0000000000 0.0000000000 0.0000000000  0.0000000000 1.0000000000 0.0000000000  
2 'crystal symmetry operation' 5_554 x-y,-y,-z-1/3 -0.9882477577 -0.0455052138 -0.1459302740 -18.4223722574 -0.0455052138 -0.8238017537 0.5650486228 3.6185207066 -0.1459302740 0.5650486228 0.8120495114 -2.6119716614 
# 
loop_
_struct_conf.conf_type_id 
_struct_conf.id 
_struct_conf.pdbx_PDB_helix_id 
_struct_conf.beg_label_comp_id 
_struct_conf.beg_label_asym_id 
_struct_conf.beg_label_seq_id 
_struct_conf.pdbx_beg_PDB_ins_code 
_struct_conf.end_label_comp_id 
_struct_conf.end_label_asym_id 
_struct_conf.end_label_seq_id 
_struct_conf.pdbx_end_PDB_ins_code 
_struct_conf.beg_auth_comp_id 
_struct_conf.beg_auth_asym_id 
_struct_conf.beg_auth_seq_id 
_struct_conf.end_auth_comp_id 
_struct_conf.end_auth_asym_id 
_struct_conf.end_auth_seq_id 
_struct_conf.pdbx_PDB_helix_class 
_struct_conf.details 
_struct_conf.pdbx_PDB_helix_length 
HELX_P HELX_P1 AA1 THR A 44  ? GLY A 57  ? THR A 93  GLY A 106 1 ? 14 
HELX_P HELX_P2 AA2 ASN A 68  ? THR A 73  ? ASN A 117 THR A 122 5 ? 6  
HELX_P HELX_P3 AA3 SER A 74  ? GLY A 85  ? SER A 123 GLY A 134 1 ? 12 
HELX_P HELX_P4 AA4 SER A 104 ? ARG A 117 ? SER A 153 ARG A 166 1 ? 14 
HELX_P HELX_P5 AA5 ASP A 118 ? ALA A 120 ? ASP A 167 ALA A 169 5 ? 3  
HELX_P HELX_P6 AA6 HIS A 122 ? LYS A 137 ? HIS A 171 LYS A 186 1 ? 16 
HELX_P HELX_P7 AA7 SER A 146 ? ASP A 158 ? SER A 195 ASP A 207 1 ? 13 
# 
_struct_conf_type.id          HELX_P 
_struct_conf_type.criteria    ? 
_struct_conf_type.reference   ? 
# 
loop_
_struct_conn.id 
_struct_conn.conn_type_id 
_struct_conn.pdbx_leaving_atom_flag 
_struct_conn.pdbx_PDB_id 
_struct_conn.ptnr1_label_asym_id 
_struct_conn.ptnr1_label_comp_id 
_struct_conn.ptnr1_label_seq_id 
_struct_conn.ptnr1_label_atom_id 
_struct_conn.pdbx_ptnr1_label_alt_id 
_struct_conn.pdbx_ptnr1_PDB_ins_code 
_struct_conn.pdbx_ptnr1_standard_comp_id 
_struct_conn.ptnr1_symmetry 
_struct_conn.ptnr2_label_asym_id 
_struct_conn.ptnr2_label_comp_id 
_struct_conn.ptnr2_label_seq_id 
_struct_conn.ptnr2_label_atom_id 
_struct_conn.pdbx_ptnr2_label_alt_id 
_struct_conn.pdbx_ptnr2_PDB_ins_code 
_struct_conn.ptnr1_auth_asym_id 
_struct_conn.ptnr1_auth_comp_id 
_struct_conn.ptnr1_auth_seq_id 
_struct_conn.ptnr2_auth_asym_id 
_struct_conn.ptnr2_auth_comp_id 
_struct_conn.ptnr2_auth_seq_id 
_struct_conn.ptnr2_symmetry 
_struct_conn.pdbx_ptnr3_label_atom_id 
_struct_conn.pdbx_ptnr3_label_seq_id 
_struct_conn.pdbx_ptnr3_label_comp_id 
_struct_conn.pdbx_ptnr3_label_asym_id 
_struct_conn.pdbx_ptnr3_label_alt_id 
_struct_conn.pdbx_ptnr3_PDB_ins_code 
_struct_conn.details 
_struct_conn.pdbx_dist_value 
_struct_conn.pdbx_value_order 
_struct_conn.pdbx_role 
covale1 covale both ? A ASP 15 C ? ? ? 1_555 A CAF 16 N ? ? A ASP 64  A CAF 65  1_555 ? ? ? ? ? ? ? 1.331 ? ? 
covale2 covale both ? A CAF 16 C ? ? ? 1_555 A THR 17 N ? ? A CAF 65  A THR 66  1_555 ? ? ? ? ? ? ? 1.328 ? ? 
covale3 covale both ? A ALA 80 C ? ? ? 1_555 A CAF 81 N ? ? A ALA 129 A CAF 130 1_555 ? ? ? ? ? ? ? 1.331 ? ? 
covale4 covale both ? A CAF 81 C ? ? ? 1_555 A TRP 82 N ? ? A CAF 130 A TRP 131 1_555 ? ? ? ? ? ? ? 1.329 ? ? 
# 
_struct_conn_type.id          covale 
_struct_conn_type.criteria    ? 
_struct_conn_type.reference   ? 
# 
loop_
_pdbx_modification_feature.ordinal 
_pdbx_modification_feature.label_comp_id 
_pdbx_modification_feature.label_asym_id 
_pdbx_modification_feature.label_seq_id 
_pdbx_modification_feature.label_alt_id 
_pdbx_modification_feature.modified_residue_label_comp_id 
_pdbx_modification_feature.modified_residue_label_asym_id 
_pdbx_modification_feature.modified_residue_label_seq_id 
_pdbx_modification_feature.modified_residue_label_alt_id 
_pdbx_modification_feature.auth_comp_id 
_pdbx_modification_feature.auth_asym_id 
_pdbx_modification_feature.auth_seq_id 
_pdbx_modification_feature.PDB_ins_code 
_pdbx_modification_feature.symmetry 
_pdbx_modification_feature.modified_residue_auth_comp_id 
_pdbx_modification_feature.modified_residue_auth_asym_id 
_pdbx_modification_feature.modified_residue_auth_seq_id 
_pdbx_modification_feature.modified_residue_PDB_ins_code 
_pdbx_modification_feature.modified_residue_symmetry 
_pdbx_modification_feature.comp_id_linking_atom 
_pdbx_modification_feature.modified_residue_id_linking_atom 
_pdbx_modification_feature.modified_residue_id 
_pdbx_modification_feature.ref_pcm_id 
_pdbx_modification_feature.ref_comp_id 
_pdbx_modification_feature.type 
_pdbx_modification_feature.category 
1 CAF A 16 ? . . . . CAF A 65  ? 1_555 . . . . . . . CYS 1 CAF None 'Non-standard residue' 
2 CAF A 81 ? . . . . CAF A 130 ? 1_555 . . . . . . . CYS 1 CAF None 'Non-standard residue' 
# 
_struct_sheet.id               AA1 
_struct_sheet.type             ? 
_struct_sheet.number_strands   5 
_struct_sheet.details          ? 
# 
loop_
_struct_sheet_order.sheet_id 
_struct_sheet_order.range_id_1 
_struct_sheet_order.range_id_2 
_struct_sheet_order.offset 
_struct_sheet_order.sense 
AA1 1 2 ? anti-parallel 
AA1 2 3 ? anti-parallel 
AA1 3 4 ? parallel      
AA1 4 5 ? parallel      
# 
loop_
_struct_sheet_range.sheet_id 
_struct_sheet_range.id 
_struct_sheet_range.beg_label_comp_id 
_struct_sheet_range.beg_label_asym_id 
_struct_sheet_range.beg_label_seq_id 
_struct_sheet_range.pdbx_beg_PDB_ins_code 
_struct_sheet_range.end_label_comp_id 
_struct_sheet_range.end_label_asym_id 
_struct_sheet_range.end_label_seq_id 
_struct_sheet_range.pdbx_end_PDB_ins_code 
_struct_sheet_range.beg_auth_comp_id 
_struct_sheet_range.beg_auth_asym_id 
_struct_sheet_range.beg_auth_seq_id 
_struct_sheet_range.end_auth_comp_id 
_struct_sheet_range.end_auth_asym_id 
_struct_sheet_range.end_auth_seq_id 
AA1 1 ILE A 35 ? ILE A 40 ? ILE A 84  ILE A 89  
AA1 2 LYS A 22 ? HIS A 29 ? LYS A 71  HIS A 78  
AA1 3 ILE A 11 ? LEU A 19 ? ILE A 60  LEU A 68  
AA1 4 THR A 63 ? HIS A 65 ? THR A 112 HIS A 114 
AA1 5 LYS A 87 ? GLN A 88 ? LYS A 136 GLN A 137 
# 
loop_
_pdbx_struct_sheet_hbond.sheet_id 
_pdbx_struct_sheet_hbond.range_id_1 
_pdbx_struct_sheet_hbond.range_id_2 
_pdbx_struct_sheet_hbond.range_1_label_atom_id 
_pdbx_struct_sheet_hbond.range_1_label_comp_id 
_pdbx_struct_sheet_hbond.range_1_label_asym_id 
_pdbx_struct_sheet_hbond.range_1_label_seq_id 
_pdbx_struct_sheet_hbond.range_1_PDB_ins_code 
_pdbx_struct_sheet_hbond.range_1_auth_atom_id 
_pdbx_struct_sheet_hbond.range_1_auth_comp_id 
_pdbx_struct_sheet_hbond.range_1_auth_asym_id 
_pdbx_struct_sheet_hbond.range_1_auth_seq_id 
_pdbx_struct_sheet_hbond.range_2_label_atom_id 
_pdbx_struct_sheet_hbond.range_2_label_comp_id 
_pdbx_struct_sheet_hbond.range_2_label_asym_id 
_pdbx_struct_sheet_hbond.range_2_label_seq_id 
_pdbx_struct_sheet_hbond.range_2_PDB_ins_code 
_pdbx_struct_sheet_hbond.range_2_auth_atom_id 
_pdbx_struct_sheet_hbond.range_2_auth_comp_id 
_pdbx_struct_sheet_hbond.range_2_auth_asym_id 
_pdbx_struct_sheet_hbond.range_2_auth_seq_id 
AA1 1 2 O GLU A 36 ? O GLU A 85  N ALA A 27 ? N ALA A 76  
AA1 2 3 O VAL A 26 ? O VAL A 75  N ASP A 15 ? N ASP A 64  
AA1 3 4 N TRP A 12 ? N TRP A 61  O HIS A 65 ? O HIS A 114 
AA1 4 5 N VAL A 64 ? N VAL A 113 O LYS A 87 ? O LYS A 136 
# 
loop_
_struct_site.id 
_struct_site.pdbx_evidence_code 
_struct_site.pdbx_auth_asym_id 
_struct_site.pdbx_auth_comp_id 
_struct_site.pdbx_auth_seq_id 
_struct_site.pdbx_auth_ins_code 
_struct_site.pdbx_num_residues 
_struct_site.details 
AC1 Software A SO4 301 ? 5  'binding site for residue SO4 A 301' 
AC2 Software A SO4 302 ? 2  'binding site for residue SO4 A 302' 
AC3 Software A SO4 303 ? 6  'binding site for residue SO4 A 303' 
AC4 Software A 7SK 304 ? 10 'binding site for residue 7SK A 304' 
# 
loop_
_struct_site_gen.id 
_struct_site_gen.site_id 
_struct_site_gen.pdbx_num_res 
_struct_site_gen.label_comp_id 
_struct_site_gen.label_asym_id 
_struct_site_gen.label_seq_id 
_struct_site_gen.pdbx_auth_ins_code 
_struct_site_gen.auth_comp_id 
_struct_site_gen.auth_asym_id 
_struct_site_gen.auth_seq_id 
_struct_site_gen.label_atom_id 
_struct_site_gen.label_alt_id 
_struct_site_gen.symmetry 
_struct_site_gen.details 
1  AC1 5  LYS A 22  ? LYS A 71  . ? 1_555 ? 
2  AC1 5  ARG A 117 ? ARG A 166 . ? 1_555 ? 
3  AC1 5  HIS A 122 ? HIS A 171 . ? 1_555 ? 
4  AC1 5  LEU A 123 ? LEU A 172 . ? 1_555 ? 
5  AC1 5  HOH F .   ? HOH A 409 . ? 1_555 ? 
6  AC2 2  THR A 17  ? THR A 66  . ? 1_555 ? 
7  AC2 2  HIS A 18  ? HIS A 67  . ? 1_555 ? 
8  AC3 6  THR A 44  ? THR A 93  . ? 1_555 ? 
9  AC3 6  GLY A 45  ? GLY A 94  . ? 1_555 ? 
10 AC3 6  SER A 74  ? SER A 123 . ? 1_555 ? 
11 AC3 6  THR A 76  ? THR A 125 . ? 1_555 ? 
12 AC3 6  LYS A 137 ? LYS A 186 . ? 4_565 ? 
13 AC3 6  HOH F .   ? HOH A 422 . ? 1_555 ? 
14 AC4 10 GLN A 46  ? GLN A 95  . ? 5_554 ? 
15 AC4 10 LEU A 53  ? LEU A 102 . ? 5_554 ? 
16 AC4 10 THR A 76  ? THR A 125 . ? 5_554 ? 
17 AC4 10 ALA A 80  ? ALA A 129 . ? 5_554 ? 
18 AC4 10 TRP A 83  ? TRP A 132 . ? 5_554 ? 
19 AC4 10 ALA A 120 ? ALA A 169 . ? 1_555 ? 
20 AC4 10 GLU A 121 ? GLU A 170 . ? 1_555 ? 
21 AC4 10 HIS A 122 ? HIS A 171 . ? 1_555 ? 
22 AC4 10 THR A 125 ? THR A 174 . ? 1_555 ? 
23 AC4 10 MET A 129 ? MET A 178 . ? 1_555 ? 
# 
_pdbx_entry_details.entry_id                   5KGW 
_pdbx_entry_details.compound_details           ? 
_pdbx_entry_details.source_details             ? 
_pdbx_entry_details.nonpolymer_details         ? 
_pdbx_entry_details.sequence_details           ? 
_pdbx_entry_details.has_ligand_of_interest     ? 
_pdbx_entry_details.has_protein_modification   Y 
# 
_pdbx_validate_close_contact.id               1 
_pdbx_validate_close_contact.PDB_model_num    1 
_pdbx_validate_close_contact.auth_atom_id_1   O 
_pdbx_validate_close_contact.auth_asym_id_1   A 
_pdbx_validate_close_contact.auth_comp_id_1   PRO 
_pdbx_validate_close_contact.auth_seq_id_1    109 
_pdbx_validate_close_contact.PDB_ins_code_1   ? 
_pdbx_validate_close_contact.label_alt_id_1   ? 
_pdbx_validate_close_contact.auth_atom_id_2   O 
_pdbx_validate_close_contact.auth_asym_id_2   A 
_pdbx_validate_close_contact.auth_comp_id_2   HOH 
_pdbx_validate_close_contact.auth_seq_id_2    401 
_pdbx_validate_close_contact.PDB_ins_code_2   ? 
_pdbx_validate_close_contact.label_alt_id_2   ? 
_pdbx_validate_close_contact.dist             2.12 
# 
loop_
_pdbx_struct_mod_residue.id 
_pdbx_struct_mod_residue.label_asym_id 
_pdbx_struct_mod_residue.label_comp_id 
_pdbx_struct_mod_residue.label_seq_id 
_pdbx_struct_mod_residue.auth_asym_id 
_pdbx_struct_mod_residue.auth_comp_id 
_pdbx_struct_mod_residue.auth_seq_id 
_pdbx_struct_mod_residue.PDB_ins_code 
_pdbx_struct_mod_residue.parent_comp_id 
_pdbx_struct_mod_residue.details 
1 A CAF 16 A CAF 65  ? CYS 'modified residue' 
2 A CAF 81 A CAF 130 ? CYS 'modified residue' 
# 
_pdbx_struct_special_symmetry.id              1 
_pdbx_struct_special_symmetry.PDB_model_num   1 
_pdbx_struct_special_symmetry.auth_asym_id    A 
_pdbx_struct_special_symmetry.auth_comp_id    HOH 
_pdbx_struct_special_symmetry.auth_seq_id     415 
_pdbx_struct_special_symmetry.PDB_ins_code    ? 
_pdbx_struct_special_symmetry.label_asym_id   F 
_pdbx_struct_special_symmetry.label_comp_id   HOH 
_pdbx_struct_special_symmetry.label_seq_id    . 
# 
loop_
_pdbx_unobs_or_zero_occ_residues.id 
_pdbx_unobs_or_zero_occ_residues.PDB_model_num 
_pdbx_unobs_or_zero_occ_residues.polymer_flag 
_pdbx_unobs_or_zero_occ_residues.occupancy_flag 
_pdbx_unobs_or_zero_occ_residues.auth_asym_id 
_pdbx_unobs_or_zero_occ_residues.auth_comp_id 
_pdbx_unobs_or_zero_occ_residues.auth_seq_id 
_pdbx_unobs_or_zero_occ_residues.PDB_ins_code 
_pdbx_unobs_or_zero_occ_residues.label_asym_id 
_pdbx_unobs_or_zero_occ_residues.label_comp_id 
_pdbx_unobs_or_zero_occ_residues.label_seq_id 
1  1 Y 1 A MET 50  ? A MET 1   
2  1 Y 1 A HIS 51  ? A HIS 2   
3  1 Y 1 A GLY 52  ? A GLY 3   
4  1 Y 1 A GLN 53  ? A GLN 4   
5  1 Y 1 A VAL 54  ? A VAL 5   
6  1 Y 1 A ASP 55  ? A ASP 6   
7  1 Y 1 A PHE 139 ? A PHE 90  
8  1 Y 1 A GLY 140 ? A GLY 91  
9  1 Y 1 A ILE 141 ? A ILE 92  
10 1 Y 1 A PRO 142 ? A PRO 93  
11 1 Y 1 A TYR 143 ? A TYR 94  
12 1 Y 1 A ASN 144 ? A ASN 95  
13 1 Y 1 A PRO 145 ? A PRO 96  
14 1 Y 1 A GLN 146 ? A GLN 97  
15 1 Y 1 A SER 147 ? A SER 98  
16 1 Y 1 A GLN 148 ? A GLN 99  
17 1 Y 1 A GLY 149 ? A GLY 100 
18 1 Y 1 A VAL 150 ? A VAL 101 
19 1 Y 1 A ILE 151 ? A ILE 102 
20 1 Y 1 A GLY 189 ? A GLY 140 
21 1 Y 1 A GLY 190 ? A GLY 141 
22 1 Y 1 A ILE 191 ? A ILE 142 
23 1 Y 1 A GLY 192 ? A GLY 143 
24 1 Y 1 A GLN 209 ? A GLN 160 
25 1 Y 1 A THR 210 ? A THR 161 
26 1 Y 1 A LYS 211 ? A LYS 162 
27 1 Y 1 A GLU 212 ? A GLU 163 
# 
loop_
_chem_comp_atom.comp_id 
_chem_comp_atom.atom_id 
_chem_comp_atom.type_symbol 
_chem_comp_atom.pdbx_aromatic_flag 
_chem_comp_atom.pdbx_stereo_config 
_chem_comp_atom.pdbx_ordinal 
7SK C10  C  N N 1   
7SK C13  C  Y N 2   
7SK C15  C  Y N 3   
7SK C17  C  Y N 4   
7SK C20  C  N N 5   
7SK C21  C  N N 6   
7SK C22  C  Y N 7   
7SK C24  C  Y N 8   
7SK C26  C  Y N 9   
7SK C28  C  Y N 10  
7SK C01  C  N N 11  
7SK N02  N  Y N 12  
7SK C03  C  Y N 13  
7SK C04  C  N S 14  
7SK O05  O  N N 15  
7SK C06  C  N N 16  
7SK C07  C  N N 17  
7SK C08  C  N N 18  
7SK C09  C  N N 19  
7SK O11  O  N N 20  
7SK O12  O  N N 21  
7SK C14  C  Y N 22  
7SK C16  C  Y N 23  
7SK O18  O  N N 24  
7SK C19  C  N N 25  
7SK C23  C  Y N 26  
7SK C25  C  Y N 27  
7SK C27  C  Y N 28  
7SK C29  C  Y N 29  
7SK H151 H  N N 30  
7SK H201 H  N N 31  
7SK H202 H  N N 32  
7SK H212 H  N N 33  
7SK H211 H  N N 34  
7SK H261 H  N N 35  
7SK H281 H  N N 36  
7SK H012 H  N N 37  
7SK H013 H  N N 38  
7SK H011 H  N N 39  
7SK H041 H  N N 40  
7SK H071 H  N N 41  
7SK H073 H  N N 42  
7SK H072 H  N N 43  
7SK H083 H  N N 44  
7SK H082 H  N N 45  
7SK H081 H  N N 46  
7SK H093 H  N N 47  
7SK H092 H  N N 48  
7SK H091 H  N N 49  
7SK H1   H  N N 50  
7SK H161 H  N N 51  
7SK H192 H  N N 52  
7SK H191 H  N N 53  
7SK H231 H  N N 54  
7SK H251 H  N N 55  
7SK H271 H  N N 56  
ALA N    N  N N 57  
ALA CA   C  N S 58  
ALA C    C  N N 59  
ALA O    O  N N 60  
ALA CB   C  N N 61  
ALA OXT  O  N N 62  
ALA H    H  N N 63  
ALA H2   H  N N 64  
ALA HA   H  N N 65  
ALA HB1  H  N N 66  
ALA HB2  H  N N 67  
ALA HB3  H  N N 68  
ALA HXT  H  N N 69  
ARG N    N  N N 70  
ARG CA   C  N S 71  
ARG C    C  N N 72  
ARG O    O  N N 73  
ARG CB   C  N N 74  
ARG CG   C  N N 75  
ARG CD   C  N N 76  
ARG NE   N  N N 77  
ARG CZ   C  N N 78  
ARG NH1  N  N N 79  
ARG NH2  N  N N 80  
ARG OXT  O  N N 81  
ARG H    H  N N 82  
ARG H2   H  N N 83  
ARG HA   H  N N 84  
ARG HB2  H  N N 85  
ARG HB3  H  N N 86  
ARG HG2  H  N N 87  
ARG HG3  H  N N 88  
ARG HD2  H  N N 89  
ARG HD3  H  N N 90  
ARG HE   H  N N 91  
ARG HH11 H  N N 92  
ARG HH12 H  N N 93  
ARG HH21 H  N N 94  
ARG HH22 H  N N 95  
ARG HXT  H  N N 96  
ASN N    N  N N 97  
ASN CA   C  N S 98  
ASN C    C  N N 99  
ASN O    O  N N 100 
ASN CB   C  N N 101 
ASN CG   C  N N 102 
ASN OD1  O  N N 103 
ASN ND2  N  N N 104 
ASN OXT  O  N N 105 
ASN H    H  N N 106 
ASN H2   H  N N 107 
ASN HA   H  N N 108 
ASN HB2  H  N N 109 
ASN HB3  H  N N 110 
ASN HD21 H  N N 111 
ASN HD22 H  N N 112 
ASN HXT  H  N N 113 
ASP N    N  N N 114 
ASP CA   C  N S 115 
ASP C    C  N N 116 
ASP O    O  N N 117 
ASP CB   C  N N 118 
ASP CG   C  N N 119 
ASP OD1  O  N N 120 
ASP OD2  O  N N 121 
ASP OXT  O  N N 122 
ASP H    H  N N 123 
ASP H2   H  N N 124 
ASP HA   H  N N 125 
ASP HB2  H  N N 126 
ASP HB3  H  N N 127 
ASP HD2  H  N N 128 
ASP HXT  H  N N 129 
CAF N    N  N N 130 
CAF CA   C  N R 131 
CAF CB   C  N N 132 
CAF C    C  N N 133 
CAF O    O  N N 134 
CAF OXT  O  N N 135 
CAF SG   S  N N 136 
CAF AS   AS N N 137 
CAF CE1  C  N N 138 
CAF CE2  C  N N 139 
CAF O1   O  N N 140 
CAF H    H  N N 141 
CAF H2   H  N N 142 
CAF HA   H  N N 143 
CAF HB2  H  N N 144 
CAF HB3  H  N N 145 
CAF HXT  H  N N 146 
CAF HE11 H  N N 147 
CAF HE12 H  N N 148 
CAF HE13 H  N N 149 
CAF HE21 H  N N 150 
CAF HE22 H  N N 151 
CAF HE23 H  N N 152 
CYS N    N  N N 153 
CYS CA   C  N R 154 
CYS C    C  N N 155 
CYS O    O  N N 156 
CYS CB   C  N N 157 
CYS SG   S  N N 158 
CYS OXT  O  N N 159 
CYS H    H  N N 160 
CYS H2   H  N N 161 
CYS HA   H  N N 162 
CYS HB2  H  N N 163 
CYS HB3  H  N N 164 
CYS HG   H  N N 165 
CYS HXT  H  N N 166 
GLN N    N  N N 167 
GLN CA   C  N S 168 
GLN C    C  N N 169 
GLN O    O  N N 170 
GLN CB   C  N N 171 
GLN CG   C  N N 172 
GLN CD   C  N N 173 
GLN OE1  O  N N 174 
GLN NE2  N  N N 175 
GLN OXT  O  N N 176 
GLN H    H  N N 177 
GLN H2   H  N N 178 
GLN HA   H  N N 179 
GLN HB2  H  N N 180 
GLN HB3  H  N N 181 
GLN HG2  H  N N 182 
GLN HG3  H  N N 183 
GLN HE21 H  N N 184 
GLN HE22 H  N N 185 
GLN HXT  H  N N 186 
GLU N    N  N N 187 
GLU CA   C  N S 188 
GLU C    C  N N 189 
GLU O    O  N N 190 
GLU CB   C  N N 191 
GLU CG   C  N N 192 
GLU CD   C  N N 193 
GLU OE1  O  N N 194 
GLU OE2  O  N N 195 
GLU OXT  O  N N 196 
GLU H    H  N N 197 
GLU H2   H  N N 198 
GLU HA   H  N N 199 
GLU HB2  H  N N 200 
GLU HB3  H  N N 201 
GLU HG2  H  N N 202 
GLU HG3  H  N N 203 
GLU HE2  H  N N 204 
GLU HXT  H  N N 205 
GLY N    N  N N 206 
GLY CA   C  N N 207 
GLY C    C  N N 208 
GLY O    O  N N 209 
GLY OXT  O  N N 210 
GLY H    H  N N 211 
GLY H2   H  N N 212 
GLY HA2  H  N N 213 
GLY HA3  H  N N 214 
GLY HXT  H  N N 215 
HIS N    N  N N 216 
HIS CA   C  N S 217 
HIS C    C  N N 218 
HIS O    O  N N 219 
HIS CB   C  N N 220 
HIS CG   C  Y N 221 
HIS ND1  N  Y N 222 
HIS CD2  C  Y N 223 
HIS CE1  C  Y N 224 
HIS NE2  N  Y N 225 
HIS OXT  O  N N 226 
HIS H    H  N N 227 
HIS H2   H  N N 228 
HIS HA   H  N N 229 
HIS HB2  H  N N 230 
HIS HB3  H  N N 231 
HIS HD1  H  N N 232 
HIS HD2  H  N N 233 
HIS HE1  H  N N 234 
HIS HE2  H  N N 235 
HIS HXT  H  N N 236 
HOH O    O  N N 237 
HOH H1   H  N N 238 
HOH H2   H  N N 239 
ILE N    N  N N 240 
ILE CA   C  N S 241 
ILE C    C  N N 242 
ILE O    O  N N 243 
ILE CB   C  N S 244 
ILE CG1  C  N N 245 
ILE CG2  C  N N 246 
ILE CD1  C  N N 247 
ILE OXT  O  N N 248 
ILE H    H  N N 249 
ILE H2   H  N N 250 
ILE HA   H  N N 251 
ILE HB   H  N N 252 
ILE HG12 H  N N 253 
ILE HG13 H  N N 254 
ILE HG21 H  N N 255 
ILE HG22 H  N N 256 
ILE HG23 H  N N 257 
ILE HD11 H  N N 258 
ILE HD12 H  N N 259 
ILE HD13 H  N N 260 
ILE HXT  H  N N 261 
LEU N    N  N N 262 
LEU CA   C  N S 263 
LEU C    C  N N 264 
LEU O    O  N N 265 
LEU CB   C  N N 266 
LEU CG   C  N N 267 
LEU CD1  C  N N 268 
LEU CD2  C  N N 269 
LEU OXT  O  N N 270 
LEU H    H  N N 271 
LEU H2   H  N N 272 
LEU HA   H  N N 273 
LEU HB2  H  N N 274 
LEU HB3  H  N N 275 
LEU HG   H  N N 276 
LEU HD11 H  N N 277 
LEU HD12 H  N N 278 
LEU HD13 H  N N 279 
LEU HD21 H  N N 280 
LEU HD22 H  N N 281 
LEU HD23 H  N N 282 
LEU HXT  H  N N 283 
LYS N    N  N N 284 
LYS CA   C  N S 285 
LYS C    C  N N 286 
LYS O    O  N N 287 
LYS CB   C  N N 288 
LYS CG   C  N N 289 
LYS CD   C  N N 290 
LYS CE   C  N N 291 
LYS NZ   N  N N 292 
LYS OXT  O  N N 293 
LYS H    H  N N 294 
LYS H2   H  N N 295 
LYS HA   H  N N 296 
LYS HB2  H  N N 297 
LYS HB3  H  N N 298 
LYS HG2  H  N N 299 
LYS HG3  H  N N 300 
LYS HD2  H  N N 301 
LYS HD3  H  N N 302 
LYS HE2  H  N N 303 
LYS HE3  H  N N 304 
LYS HZ1  H  N N 305 
LYS HZ2  H  N N 306 
LYS HZ3  H  N N 307 
LYS HXT  H  N N 308 
MET N    N  N N 309 
MET CA   C  N S 310 
MET C    C  N N 311 
MET O    O  N N 312 
MET CB   C  N N 313 
MET CG   C  N N 314 
MET SD   S  N N 315 
MET CE   C  N N 316 
MET OXT  O  N N 317 
MET H    H  N N 318 
MET H2   H  N N 319 
MET HA   H  N N 320 
MET HB2  H  N N 321 
MET HB3  H  N N 322 
MET HG2  H  N N 323 
MET HG3  H  N N 324 
MET HE1  H  N N 325 
MET HE2  H  N N 326 
MET HE3  H  N N 327 
MET HXT  H  N N 328 
PHE N    N  N N 329 
PHE CA   C  N S 330 
PHE C    C  N N 331 
PHE O    O  N N 332 
PHE CB   C  N N 333 
PHE CG   C  Y N 334 
PHE CD1  C  Y N 335 
PHE CD2  C  Y N 336 
PHE CE1  C  Y N 337 
PHE CE2  C  Y N 338 
PHE CZ   C  Y N 339 
PHE OXT  O  N N 340 
PHE H    H  N N 341 
PHE H2   H  N N 342 
PHE HA   H  N N 343 
PHE HB2  H  N N 344 
PHE HB3  H  N N 345 
PHE HD1  H  N N 346 
PHE HD2  H  N N 347 
PHE HE1  H  N N 348 
PHE HE2  H  N N 349 
PHE HZ   H  N N 350 
PHE HXT  H  N N 351 
PRO N    N  N N 352 
PRO CA   C  N S 353 
PRO C    C  N N 354 
PRO O    O  N N 355 
PRO CB   C  N N 356 
PRO CG   C  N N 357 
PRO CD   C  N N 358 
PRO OXT  O  N N 359 
PRO H    H  N N 360 
PRO HA   H  N N 361 
PRO HB2  H  N N 362 
PRO HB3  H  N N 363 
PRO HG2  H  N N 364 
PRO HG3  H  N N 365 
PRO HD2  H  N N 366 
PRO HD3  H  N N 367 
PRO HXT  H  N N 368 
SER N    N  N N 369 
SER CA   C  N S 370 
SER C    C  N N 371 
SER O    O  N N 372 
SER CB   C  N N 373 
SER OG   O  N N 374 
SER OXT  O  N N 375 
SER H    H  N N 376 
SER H2   H  N N 377 
SER HA   H  N N 378 
SER HB2  H  N N 379 
SER HB3  H  N N 380 
SER HG   H  N N 381 
SER HXT  H  N N 382 
SO4 S    S  N N 383 
SO4 O1   O  N N 384 
SO4 O2   O  N N 385 
SO4 O3   O  N N 386 
SO4 O4   O  N N 387 
THR N    N  N N 388 
THR CA   C  N S 389 
THR C    C  N N 390 
THR O    O  N N 391 
THR CB   C  N R 392 
THR OG1  O  N N 393 
THR CG2  C  N N 394 
THR OXT  O  N N 395 
THR H    H  N N 396 
THR H2   H  N N 397 
THR HA   H  N N 398 
THR HB   H  N N 399 
THR HG1  H  N N 400 
THR HG21 H  N N 401 
THR HG22 H  N N 402 
THR HG23 H  N N 403 
THR HXT  H  N N 404 
TRP N    N  N N 405 
TRP CA   C  N S 406 
TRP C    C  N N 407 
TRP O    O  N N 408 
TRP CB   C  N N 409 
TRP CG   C  Y N 410 
TRP CD1  C  Y N 411 
TRP CD2  C  Y N 412 
TRP NE1  N  Y N 413 
TRP CE2  C  Y N 414 
TRP CE3  C  Y N 415 
TRP CZ2  C  Y N 416 
TRP CZ3  C  Y N 417 
TRP CH2  C  Y N 418 
TRP OXT  O  N N 419 
TRP H    H  N N 420 
TRP H2   H  N N 421 
TRP HA   H  N N 422 
TRP HB2  H  N N 423 
TRP HB3  H  N N 424 
TRP HD1  H  N N 425 
TRP HE1  H  N N 426 
TRP HE3  H  N N 427 
TRP HZ2  H  N N 428 
TRP HZ3  H  N N 429 
TRP HH2  H  N N 430 
TRP HXT  H  N N 431 
TYR N    N  N N 432 
TYR CA   C  N S 433 
TYR C    C  N N 434 
TYR O    O  N N 435 
TYR CB   C  N N 436 
TYR CG   C  Y N 437 
TYR CD1  C  Y N 438 
TYR CD2  C  Y N 439 
TYR CE1  C  Y N 440 
TYR CE2  C  Y N 441 
TYR CZ   C  Y N 442 
TYR OH   O  N N 443 
TYR OXT  O  N N 444 
TYR H    H  N N 445 
TYR H2   H  N N 446 
TYR HA   H  N N 447 
TYR HB2  H  N N 448 
TYR HB3  H  N N 449 
TYR HD1  H  N N 450 
TYR HD2  H  N N 451 
TYR HE1  H  N N 452 
TYR HE2  H  N N 453 
TYR HH   H  N N 454 
TYR HXT  H  N N 455 
VAL N    N  N N 456 
VAL CA   C  N S 457 
VAL C    C  N N 458 
VAL O    O  N N 459 
VAL CB   C  N N 460 
VAL CG1  C  N N 461 
VAL CG2  C  N N 462 
VAL OXT  O  N N 463 
VAL H    H  N N 464 
VAL H2   H  N N 465 
VAL HA   H  N N 466 
VAL HB   H  N N 467 
VAL HG11 H  N N 468 
VAL HG12 H  N N 469 
VAL HG13 H  N N 470 
VAL HG21 H  N N 471 
VAL HG22 H  N N 472 
VAL HG23 H  N N 473 
VAL HXT  H  N N 474 
# 
loop_
_chem_comp_bond.comp_id 
_chem_comp_bond.atom_id_1 
_chem_comp_bond.atom_id_2 
_chem_comp_bond.value_order 
_chem_comp_bond.pdbx_aromatic_flag 
_chem_comp_bond.pdbx_stereo_config 
_chem_comp_bond.pdbx_ordinal 
7SK C09 C06  sing N N 1   
7SK C08 C06  sing N N 2   
7SK C07 C06  sing N N 3   
7SK C06 O05  sing N N 4   
7SK C27 C26  doub Y N 5   
7SK C27 C28  sing Y N 6   
7SK C26 C25  sing Y N 7   
7SK C15 C16  doub Y N 8   
7SK C15 C14  sing Y N 9   
7SK C28 C29  doub Y N 10  
7SK C25 C24  doub Y N 11  
7SK C16 C17  sing Y N 12  
7SK C29 C24  sing Y N 13  
7SK C29 N02  sing Y N 14  
7SK C24 C13  sing Y N 15  
7SK O05 C04  sing N N 16  
7SK N02 C01  sing N N 17  
7SK N02 C03  sing Y N 18  
7SK C13 C14  sing N N 19  
7SK C13 C03  doub Y N 20  
7SK C14 C23  doub Y N 21  
7SK C03 C04  sing N N 22  
7SK C17 O18  sing N N 23  
7SK C17 C22  doub Y N 24  
7SK C04 C10  sing N N 25  
7SK O18 C19  sing N N 26  
7SK C23 C22  sing Y N 27  
7SK C22 C21  sing N N 28  
7SK C19 C20  sing N N 29  
7SK C10 O11  doub N N 30  
7SK C10 O12  sing N N 31  
7SK C21 C20  sing N N 32  
7SK C15 H151 sing N N 33  
7SK C20 H201 sing N N 34  
7SK C20 H202 sing N N 35  
7SK C21 H212 sing N N 36  
7SK C21 H211 sing N N 37  
7SK C26 H261 sing N N 38  
7SK C28 H281 sing N N 39  
7SK C01 H012 sing N N 40  
7SK C01 H013 sing N N 41  
7SK C01 H011 sing N N 42  
7SK C04 H041 sing N N 43  
7SK C07 H071 sing N N 44  
7SK C07 H073 sing N N 45  
7SK C07 H072 sing N N 46  
7SK C08 H083 sing N N 47  
7SK C08 H082 sing N N 48  
7SK C08 H081 sing N N 49  
7SK C09 H093 sing N N 50  
7SK C09 H092 sing N N 51  
7SK C09 H091 sing N N 52  
7SK O12 H1   sing N N 53  
7SK C16 H161 sing N N 54  
7SK C19 H192 sing N N 55  
7SK C19 H191 sing N N 56  
7SK C23 H231 sing N N 57  
7SK C25 H251 sing N N 58  
7SK C27 H271 sing N N 59  
ALA N   CA   sing N N 60  
ALA N   H    sing N N 61  
ALA N   H2   sing N N 62  
ALA CA  C    sing N N 63  
ALA CA  CB   sing N N 64  
ALA CA  HA   sing N N 65  
ALA C   O    doub N N 66  
ALA C   OXT  sing N N 67  
ALA CB  HB1  sing N N 68  
ALA CB  HB2  sing N N 69  
ALA CB  HB3  sing N N 70  
ALA OXT HXT  sing N N 71  
ARG N   CA   sing N N 72  
ARG N   H    sing N N 73  
ARG N   H2   sing N N 74  
ARG CA  C    sing N N 75  
ARG CA  CB   sing N N 76  
ARG CA  HA   sing N N 77  
ARG C   O    doub N N 78  
ARG C   OXT  sing N N 79  
ARG CB  CG   sing N N 80  
ARG CB  HB2  sing N N 81  
ARG CB  HB3  sing N N 82  
ARG CG  CD   sing N N 83  
ARG CG  HG2  sing N N 84  
ARG CG  HG3  sing N N 85  
ARG CD  NE   sing N N 86  
ARG CD  HD2  sing N N 87  
ARG CD  HD3  sing N N 88  
ARG NE  CZ   sing N N 89  
ARG NE  HE   sing N N 90  
ARG CZ  NH1  sing N N 91  
ARG CZ  NH2  doub N N 92  
ARG NH1 HH11 sing N N 93  
ARG NH1 HH12 sing N N 94  
ARG NH2 HH21 sing N N 95  
ARG NH2 HH22 sing N N 96  
ARG OXT HXT  sing N N 97  
ASN N   CA   sing N N 98  
ASN N   H    sing N N 99  
ASN N   H2   sing N N 100 
ASN CA  C    sing N N 101 
ASN CA  CB   sing N N 102 
ASN CA  HA   sing N N 103 
ASN C   O    doub N N 104 
ASN C   OXT  sing N N 105 
ASN CB  CG   sing N N 106 
ASN CB  HB2  sing N N 107 
ASN CB  HB3  sing N N 108 
ASN CG  OD1  doub N N 109 
ASN CG  ND2  sing N N 110 
ASN ND2 HD21 sing N N 111 
ASN ND2 HD22 sing N N 112 
ASN OXT HXT  sing N N 113 
ASP N   CA   sing N N 114 
ASP N   H    sing N N 115 
ASP N   H2   sing N N 116 
ASP CA  C    sing N N 117 
ASP CA  CB   sing N N 118 
ASP CA  HA   sing N N 119 
ASP C   O    doub N N 120 
ASP C   OXT  sing N N 121 
ASP CB  CG   sing N N 122 
ASP CB  HB2  sing N N 123 
ASP CB  HB3  sing N N 124 
ASP CG  OD1  doub N N 125 
ASP CG  OD2  sing N N 126 
ASP OD2 HD2  sing N N 127 
ASP OXT HXT  sing N N 128 
CAF N   CA   sing N N 129 
CAF N   H    sing N N 130 
CAF N   H2   sing N N 131 
CAF CA  CB   sing N N 132 
CAF CA  C    sing N N 133 
CAF CA  HA   sing N N 134 
CAF CB  SG   sing N N 135 
CAF CB  HB2  sing N N 136 
CAF CB  HB3  sing N N 137 
CAF C   O    doub N N 138 
CAF C   OXT  sing N N 139 
CAF OXT HXT  sing N N 140 
CAF SG  AS   sing N N 141 
CAF AS  CE1  sing N N 142 
CAF AS  CE2  sing N N 143 
CAF AS  O1   doub N N 144 
CAF CE1 HE11 sing N N 145 
CAF CE1 HE12 sing N N 146 
CAF CE1 HE13 sing N N 147 
CAF CE2 HE21 sing N N 148 
CAF CE2 HE22 sing N N 149 
CAF CE2 HE23 sing N N 150 
CYS N   CA   sing N N 151 
CYS N   H    sing N N 152 
CYS N   H2   sing N N 153 
CYS CA  C    sing N N 154 
CYS CA  CB   sing N N 155 
CYS CA  HA   sing N N 156 
CYS C   O    doub N N 157 
CYS C   OXT  sing N N 158 
CYS CB  SG   sing N N 159 
CYS CB  HB2  sing N N 160 
CYS CB  HB3  sing N N 161 
CYS SG  HG   sing N N 162 
CYS OXT HXT  sing N N 163 
GLN N   CA   sing N N 164 
GLN N   H    sing N N 165 
GLN N   H2   sing N N 166 
GLN CA  C    sing N N 167 
GLN CA  CB   sing N N 168 
GLN CA  HA   sing N N 169 
GLN C   O    doub N N 170 
GLN C   OXT  sing N N 171 
GLN CB  CG   sing N N 172 
GLN CB  HB2  sing N N 173 
GLN CB  HB3  sing N N 174 
GLN CG  CD   sing N N 175 
GLN CG  HG2  sing N N 176 
GLN CG  HG3  sing N N 177 
GLN CD  OE1  doub N N 178 
GLN CD  NE2  sing N N 179 
GLN NE2 HE21 sing N N 180 
GLN NE2 HE22 sing N N 181 
GLN OXT HXT  sing N N 182 
GLU N   CA   sing N N 183 
GLU N   H    sing N N 184 
GLU N   H2   sing N N 185 
GLU CA  C    sing N N 186 
GLU CA  CB   sing N N 187 
GLU CA  HA   sing N N 188 
GLU C   O    doub N N 189 
GLU C   OXT  sing N N 190 
GLU CB  CG   sing N N 191 
GLU CB  HB2  sing N N 192 
GLU CB  HB3  sing N N 193 
GLU CG  CD   sing N N 194 
GLU CG  HG2  sing N N 195 
GLU CG  HG3  sing N N 196 
GLU CD  OE1  doub N N 197 
GLU CD  OE2  sing N N 198 
GLU OE2 HE2  sing N N 199 
GLU OXT HXT  sing N N 200 
GLY N   CA   sing N N 201 
GLY N   H    sing N N 202 
GLY N   H2   sing N N 203 
GLY CA  C    sing N N 204 
GLY CA  HA2  sing N N 205 
GLY CA  HA3  sing N N 206 
GLY C   O    doub N N 207 
GLY C   OXT  sing N N 208 
GLY OXT HXT  sing N N 209 
HIS N   CA   sing N N 210 
HIS N   H    sing N N 211 
HIS N   H2   sing N N 212 
HIS CA  C    sing N N 213 
HIS CA  CB   sing N N 214 
HIS CA  HA   sing N N 215 
HIS C   O    doub N N 216 
HIS C   OXT  sing N N 217 
HIS CB  CG   sing N N 218 
HIS CB  HB2  sing N N 219 
HIS CB  HB3  sing N N 220 
HIS CG  ND1  sing Y N 221 
HIS CG  CD2  doub Y N 222 
HIS ND1 CE1  doub Y N 223 
HIS ND1 HD1  sing N N 224 
HIS CD2 NE2  sing Y N 225 
HIS CD2 HD2  sing N N 226 
HIS CE1 NE2  sing Y N 227 
HIS CE1 HE1  sing N N 228 
HIS NE2 HE2  sing N N 229 
HIS OXT HXT  sing N N 230 
HOH O   H1   sing N N 231 
HOH O   H2   sing N N 232 
ILE N   CA   sing N N 233 
ILE N   H    sing N N 234 
ILE N   H2   sing N N 235 
ILE CA  C    sing N N 236 
ILE CA  CB   sing N N 237 
ILE CA  HA   sing N N 238 
ILE C   O    doub N N 239 
ILE C   OXT  sing N N 240 
ILE CB  CG1  sing N N 241 
ILE CB  CG2  sing N N 242 
ILE CB  HB   sing N N 243 
ILE CG1 CD1  sing N N 244 
ILE CG1 HG12 sing N N 245 
ILE CG1 HG13 sing N N 246 
ILE CG2 HG21 sing N N 247 
ILE CG2 HG22 sing N N 248 
ILE CG2 HG23 sing N N 249 
ILE CD1 HD11 sing N N 250 
ILE CD1 HD12 sing N N 251 
ILE CD1 HD13 sing N N 252 
ILE OXT HXT  sing N N 253 
LEU N   CA   sing N N 254 
LEU N   H    sing N N 255 
LEU N   H2   sing N N 256 
LEU CA  C    sing N N 257 
LEU CA  CB   sing N N 258 
LEU CA  HA   sing N N 259 
LEU C   O    doub N N 260 
LEU C   OXT  sing N N 261 
LEU CB  CG   sing N N 262 
LEU CB  HB2  sing N N 263 
LEU CB  HB3  sing N N 264 
LEU CG  CD1  sing N N 265 
LEU CG  CD2  sing N N 266 
LEU CG  HG   sing N N 267 
LEU CD1 HD11 sing N N 268 
LEU CD1 HD12 sing N N 269 
LEU CD1 HD13 sing N N 270 
LEU CD2 HD21 sing N N 271 
LEU CD2 HD22 sing N N 272 
LEU CD2 HD23 sing N N 273 
LEU OXT HXT  sing N N 274 
LYS N   CA   sing N N 275 
LYS N   H    sing N N 276 
LYS N   H2   sing N N 277 
LYS CA  C    sing N N 278 
LYS CA  CB   sing N N 279 
LYS CA  HA   sing N N 280 
LYS C   O    doub N N 281 
LYS C   OXT  sing N N 282 
LYS CB  CG   sing N N 283 
LYS CB  HB2  sing N N 284 
LYS CB  HB3  sing N N 285 
LYS CG  CD   sing N N 286 
LYS CG  HG2  sing N N 287 
LYS CG  HG3  sing N N 288 
LYS CD  CE   sing N N 289 
LYS CD  HD2  sing N N 290 
LYS CD  HD3  sing N N 291 
LYS CE  NZ   sing N N 292 
LYS CE  HE2  sing N N 293 
LYS CE  HE3  sing N N 294 
LYS NZ  HZ1  sing N N 295 
LYS NZ  HZ2  sing N N 296 
LYS NZ  HZ3  sing N N 297 
LYS OXT HXT  sing N N 298 
MET N   CA   sing N N 299 
MET N   H    sing N N 300 
MET N   H2   sing N N 301 
MET CA  C    sing N N 302 
MET CA  CB   sing N N 303 
MET CA  HA   sing N N 304 
MET C   O    doub N N 305 
MET C   OXT  sing N N 306 
MET CB  CG   sing N N 307 
MET CB  HB2  sing N N 308 
MET CB  HB3  sing N N 309 
MET CG  SD   sing N N 310 
MET CG  HG2  sing N N 311 
MET CG  HG3  sing N N 312 
MET SD  CE   sing N N 313 
MET CE  HE1  sing N N 314 
MET CE  HE2  sing N N 315 
MET CE  HE3  sing N N 316 
MET OXT HXT  sing N N 317 
PHE N   CA   sing N N 318 
PHE N   H    sing N N 319 
PHE N   H2   sing N N 320 
PHE CA  C    sing N N 321 
PHE CA  CB   sing N N 322 
PHE CA  HA   sing N N 323 
PHE C   O    doub N N 324 
PHE C   OXT  sing N N 325 
PHE CB  CG   sing N N 326 
PHE CB  HB2  sing N N 327 
PHE CB  HB3  sing N N 328 
PHE CG  CD1  doub Y N 329 
PHE CG  CD2  sing Y N 330 
PHE CD1 CE1  sing Y N 331 
PHE CD1 HD1  sing N N 332 
PHE CD2 CE2  doub Y N 333 
PHE CD2 HD2  sing N N 334 
PHE CE1 CZ   doub Y N 335 
PHE CE1 HE1  sing N N 336 
PHE CE2 CZ   sing Y N 337 
PHE CE2 HE2  sing N N 338 
PHE CZ  HZ   sing N N 339 
PHE OXT HXT  sing N N 340 
PRO N   CA   sing N N 341 
PRO N   CD   sing N N 342 
PRO N   H    sing N N 343 
PRO CA  C    sing N N 344 
PRO CA  CB   sing N N 345 
PRO CA  HA   sing N N 346 
PRO C   O    doub N N 347 
PRO C   OXT  sing N N 348 
PRO CB  CG   sing N N 349 
PRO CB  HB2  sing N N 350 
PRO CB  HB3  sing N N 351 
PRO CG  CD   sing N N 352 
PRO CG  HG2  sing N N 353 
PRO CG  HG3  sing N N 354 
PRO CD  HD2  sing N N 355 
PRO CD  HD3  sing N N 356 
PRO OXT HXT  sing N N 357 
SER N   CA   sing N N 358 
SER N   H    sing N N 359 
SER N   H2   sing N N 360 
SER CA  C    sing N N 361 
SER CA  CB   sing N N 362 
SER CA  HA   sing N N 363 
SER C   O    doub N N 364 
SER C   OXT  sing N N 365 
SER CB  OG   sing N N 366 
SER CB  HB2  sing N N 367 
SER CB  HB3  sing N N 368 
SER OG  HG   sing N N 369 
SER OXT HXT  sing N N 370 
SO4 S   O1   doub N N 371 
SO4 S   O2   doub N N 372 
SO4 S   O3   sing N N 373 
SO4 S   O4   sing N N 374 
THR N   CA   sing N N 375 
THR N   H    sing N N 376 
THR N   H2   sing N N 377 
THR CA  C    sing N N 378 
THR CA  CB   sing N N 379 
THR CA  HA   sing N N 380 
THR C   O    doub N N 381 
THR C   OXT  sing N N 382 
THR CB  OG1  sing N N 383 
THR CB  CG2  sing N N 384 
THR CB  HB   sing N N 385 
THR OG1 HG1  sing N N 386 
THR CG2 HG21 sing N N 387 
THR CG2 HG22 sing N N 388 
THR CG2 HG23 sing N N 389 
THR OXT HXT  sing N N 390 
TRP N   CA   sing N N 391 
TRP N   H    sing N N 392 
TRP N   H2   sing N N 393 
TRP CA  C    sing N N 394 
TRP CA  CB   sing N N 395 
TRP CA  HA   sing N N 396 
TRP C   O    doub N N 397 
TRP C   OXT  sing N N 398 
TRP CB  CG   sing N N 399 
TRP CB  HB2  sing N N 400 
TRP CB  HB3  sing N N 401 
TRP CG  CD1  doub Y N 402 
TRP CG  CD2  sing Y N 403 
TRP CD1 NE1  sing Y N 404 
TRP CD1 HD1  sing N N 405 
TRP CD2 CE2  doub Y N 406 
TRP CD2 CE3  sing Y N 407 
TRP NE1 CE2  sing Y N 408 
TRP NE1 HE1  sing N N 409 
TRP CE2 CZ2  sing Y N 410 
TRP CE3 CZ3  doub Y N 411 
TRP CE3 HE3  sing N N 412 
TRP CZ2 CH2  doub Y N 413 
TRP CZ2 HZ2  sing N N 414 
TRP CZ3 CH2  sing Y N 415 
TRP CZ3 HZ3  sing N N 416 
TRP CH2 HH2  sing N N 417 
TRP OXT HXT  sing N N 418 
TYR N   CA   sing N N 419 
TYR N   H    sing N N 420 
TYR N   H2   sing N N 421 
TYR CA  C    sing N N 422 
TYR CA  CB   sing N N 423 
TYR CA  HA   sing N N 424 
TYR C   O    doub N N 425 
TYR C   OXT  sing N N 426 
TYR CB  CG   sing N N 427 
TYR CB  HB2  sing N N 428 
TYR CB  HB3  sing N N 429 
TYR CG  CD1  doub Y N 430 
TYR CG  CD2  sing Y N 431 
TYR CD1 CE1  sing Y N 432 
TYR CD1 HD1  sing N N 433 
TYR CD2 CE2  doub Y N 434 
TYR CD2 HD2  sing N N 435 
TYR CE1 CZ   doub Y N 436 
TYR CE1 HE1  sing N N 437 
TYR CE2 CZ   sing Y N 438 
TYR CE2 HE2  sing N N 439 
TYR CZ  OH   sing N N 440 
TYR OH  HH   sing N N 441 
TYR OXT HXT  sing N N 442 
VAL N   CA   sing N N 443 
VAL N   H    sing N N 444 
VAL N   H2   sing N N 445 
VAL CA  C    sing N N 446 
VAL CA  CB   sing N N 447 
VAL CA  HA   sing N N 448 
VAL C   O    doub N N 449 
VAL C   OXT  sing N N 450 
VAL CB  CG1  sing N N 451 
VAL CB  CG2  sing N N 452 
VAL CB  HB   sing N N 453 
VAL CG1 HG11 sing N N 454 
VAL CG1 HG12 sing N N 455 
VAL CG1 HG13 sing N N 456 
VAL CG2 HG21 sing N N 457 
VAL CG2 HG22 sing N N 458 
VAL CG2 HG23 sing N N 459 
VAL OXT HXT  sing N N 460 
# 
_atom_sites.entry_id                    5KGW 
_atom_sites.fract_transf_matrix[1][1]   0.00692084 
_atom_sites.fract_transf_matrix[1][2]   0.00120105 
_atom_sites.fract_transf_matrix[1][3]   -0.01436878 
_atom_sites.fract_transf_matrix[2][1]   0.01171815 
_atom_sites.fract_transf_matrix[2][2]   0.01062447 
_atom_sites.fract_transf_matrix[2][3]   -0.00236931 
_atom_sites.fract_transf_matrix[3][1]   0.01024947 
_atom_sites.fract_transf_matrix[3][2]   -0.01039745 
_atom_sites.fract_transf_matrix[3][3]   0.00406764 
_atom_sites.fract_transf_vector[1]      -0.478314 
_atom_sites.fract_transf_vector[2]      0.085621 
_atom_sites.fract_transf_vector[3]      -0.048134 
# 
loop_
_atom_type.symbol 
AS 
C  
H  
N  
O  
S  
# 
loop_
_atom_site.group_PDB 
_atom_site.id 
_atom_site.type_symbol 
_atom_site.label_atom_id 
_atom_site.label_alt_id 
_atom_site.label_comp_id 
_atom_site.label_asym_id 
_atom_site.label_entity_id 
_atom_site.label_seq_id 
_atom_site.pdbx_PDB_ins_code 
_atom_site.Cartn_x 
_atom_site.Cartn_y 
_atom_site.Cartn_z 
_atom_site.occupancy 
_atom_site.B_iso_or_equiv 
_atom_site.pdbx_formal_charge 
_atom_site.auth_seq_id 
_atom_site.auth_comp_id 
_atom_site.auth_asym_id 
_atom_site.auth_atom_id 
_atom_site.pdbx_PDB_model_num 
ATOM   1    N  N    . CYS A 1 7   ? 5.355   6.407   14.912  1.00 82.19  ?  56  CYS A N    1 
ATOM   2    C  CA   . CYS A 1 7   ? 5.904   7.537   14.172  1.00 88.20  ?  56  CYS A CA   1 
ATOM   3    C  C    . CYS A 1 7   ? 4.793   8.456   13.671  1.00 78.03  ?  56  CYS A C    1 
ATOM   4    O  O    . CYS A 1 7   ? 3.641   8.337   14.092  1.00 80.92  ?  56  CYS A O    1 
ATOM   5    C  CB   . CYS A 1 7   ? 6.752   7.045   12.997  1.00 92.06  ?  56  CYS A CB   1 
ATOM   6    S  SG   . CYS A 1 7   ? 5.849   6.034   11.798  1.00 82.64  ?  56  CYS A SG   1 
ATOM   7    N  N    . SER A 1 8   ? 5.147   9.369   12.773  1.00 74.70  ?  57  SER A N    1 
ATOM   8    C  CA   . SER A 1 8   ? 4.163   10.293  12.230  1.00 66.81  ?  57  SER A CA   1 
ATOM   9    C  C    . SER A 1 8   ? 3.003   9.516   11.611  1.00 67.50  ?  57  SER A C    1 
ATOM   10   O  O    . SER A 1 8   ? 3.226   8.530   10.898  1.00 66.83  ?  57  SER A O    1 
ATOM   11   C  CB   . SER A 1 8   ? 4.803   11.207  11.185  1.00 61.94  ?  57  SER A CB   1 
ATOM   12   O  OG   . SER A 1 8   ? 3.845   12.085  10.616  1.00 69.29  ?  57  SER A OG   1 
ATOM   13   N  N    . PRO A 1 9   ? 1.755   9.924   11.864  1.00 70.32  ?  58  PRO A N    1 
ATOM   14   C  CA   . PRO A 1 9   ? 0.605   9.169   11.337  1.00 63.76  ?  58  PRO A CA   1 
ATOM   15   C  C    . PRO A 1 9   ? 0.383   9.335   9.840   1.00 58.60  ?  58  PRO A C    1 
ATOM   16   O  O    . PRO A 1 9   ? -0.420  8.584   9.270   1.00 53.30  ?  58  PRO A O    1 
ATOM   17   C  CB   . PRO A 1 9   ? -0.584  9.732   12.131  1.00 63.02  ?  58  PRO A CB   1 
ATOM   18   C  CG   . PRO A 1 9   ? 0.023   10.515  13.273  1.00 74.23  ?  58  PRO A CG   1 
ATOM   19   C  CD   . PRO A 1 9   ? 1.336   11.010  12.764  1.00 66.36  ?  58  PRO A CD   1 
ATOM   20   N  N    . GLY A 1 10  ? 1.056   10.279  9.188   1.00 52.58  ?  59  GLY A N    1 
ATOM   21   C  CA   . GLY A 1 10  ? 0.856   10.496  7.769   1.00 45.34  ?  59  GLY A CA   1 
ATOM   22   C  C    . GLY A 1 10  ? 1.955   9.939   6.883   1.00 48.87  ?  59  GLY A C    1 
ATOM   23   O  O    . GLY A 1 10  ? 2.090   10.359  5.730   1.00 50.38  ?  59  GLY A O    1 
ATOM   24   N  N    . ILE A 1 11  ? 2.740   8.993   7.395   1.00 43.85  ?  60  ILE A N    1 
ATOM   25   C  CA   . ILE A 1 11  ? 3.844   8.393   6.652   1.00 48.49  ?  60  ILE A CA   1 
ATOM   26   C  C    . ILE A 1 11  ? 3.384   7.067   6.063   1.00 45.00  ?  60  ILE A C    1 
ATOM   27   O  O    . ILE A 1 11  ? 2.891   6.193   6.787   1.00 39.80  ?  60  ILE A O    1 
ATOM   28   C  CB   . ILE A 1 11  ? 5.077   8.187   7.550   1.00 57.24  ?  60  ILE A CB   1 
ATOM   29   C  CG1  . ILE A 1 11  ? 5.565   9.523   8.118   1.00 66.26  ?  60  ILE A CG1  1 
ATOM   30   C  CG2  . ILE A 1 11  ? 6.188   7.498   6.771   1.00 47.04  ?  60  ILE A CG2  1 
ATOM   31   C  CD1  . ILE A 1 11  ? 6.710   9.385   9.104   1.00 62.62  ?  60  ILE A CD1  1 
ATOM   32   N  N    . TRP A 1 12  ? 3.563   6.905   4.756   1.00 42.93  ?  61  TRP A N    1 
ATOM   33   C  CA   . TRP A 1 12  ? 3.237   5.661   4.075   1.00 41.71  ?  61  TRP A CA   1 
ATOM   34   C  C    . TRP A 1 12  ? 4.465   5.122   3.356   1.00 43.65  ?  61  TRP A C    1 
ATOM   35   O  O    . TRP A 1 12  ? 5.420   5.849   3.090   1.00 44.24  ?  61  TRP A O    1 
ATOM   36   C  CB   . TRP A 1 12  ? 2.095   5.860   3.077   1.00 31.68  ?  61  TRP A CB   1 
ATOM   37   C  CG   . TRP A 1 12  ? 0.775   6.076   3.733   1.00 39.46  ?  61  TRP A CG   1 
ATOM   38   C  CD1  . TRP A 1 12  ? 0.319   7.228   4.308   1.00 33.73  ?  61  TRP A CD1  1 
ATOM   39   C  CD2  . TRP A 1 12  ? -0.269  5.107   3.886   1.00 39.60  ?  61  TRP A CD2  1 
ATOM   40   N  NE1  . TRP A 1 12  ? -0.947  7.034   4.811   1.00 39.33  ?  61  TRP A NE1  1 
ATOM   41   C  CE2  . TRP A 1 12  ? -1.330  5.741   4.565   1.00 35.49  ?  61  TRP A CE2  1 
ATOM   42   C  CE3  . TRP A 1 12  ? -0.408  3.764   3.520   1.00 35.21  ?  61  TRP A CE3  1 
ATOM   43   C  CZ2  . TRP A 1 12  ? -2.515  5.080   4.882   1.00 34.57  ?  61  TRP A CZ2  1 
ATOM   44   C  CZ3  . TRP A 1 12  ? -1.585  3.109   3.837   1.00 36.22  ?  61  TRP A CZ3  1 
ATOM   45   C  CH2  . TRP A 1 12  ? -2.622  3.768   4.508   1.00 38.92  ?  61  TRP A CH2  1 
ATOM   46   N  N    . GLN A 1 13  ? 4.426   3.830   3.042   1.00 38.66  ?  62  GLN A N    1 
ATOM   47   C  CA   . GLN A 1 13  ? 5.479   3.150   2.300   1.00 42.86  ?  62  GLN A CA   1 
ATOM   48   C  C    . GLN A 1 13  ? 4.854   2.489   1.082   1.00 40.79  ?  62  GLN A C    1 
ATOM   49   O  O    . GLN A 1 13  ? 3.822   1.828   1.200   1.00 42.93  ?  62  GLN A O    1 
ATOM   50   C  CB   . GLN A 1 13  ? 6.179   2.100   3.175   1.00 47.20  ?  62  GLN A CB   1 
ATOM   51   C  CG   . GLN A 1 13  ? 7.098   1.154   2.418   1.00 45.05  ?  62  GLN A CG   1 
ATOM   52   C  CD   . GLN A 1 13  ? 8.547   1.619   2.402   1.00 55.09  ?  62  GLN A CD   1 
ATOM   53   O  OE1  . GLN A 1 13  ? 8.919   2.566   3.099   1.00 49.44  ?  62  GLN A OE1  1 
ATOM   54   N  NE2  . GLN A 1 13  ? 9.373   0.946   1.606   1.00 46.35  ?  62  GLN A NE2  1 
ATOM   55   N  N    . LEU A 1 14  ? 5.488   2.641   -0.079  1.00 43.68  ?  63  LEU A N    1 
ATOM   56   C  CA   . LEU A 1 14  ? 4.916   2.188   -1.340  1.00 36.43  ?  63  LEU A CA   1 
ATOM   57   C  C    . LEU A 1 14  ? 5.956   1.387   -2.109  1.00 39.65  ?  63  LEU A C    1 
ATOM   58   O  O    . LEU A 1 14  ? 7.052   1.892   -2.372  1.00 41.94  ?  63  LEU A O    1 
ATOM   59   C  CB   . LEU A 1 14  ? 4.440   3.387   -2.166  1.00 43.17  ?  63  LEU A CB   1 
ATOM   60   C  CG   . LEU A 1 14  ? 3.337   3.133   -3.183  1.00 46.36  ?  63  LEU A CG   1 
ATOM   61   C  CD1  . LEU A 1 14  ? 2.192   2.423   -2.496  1.00 54.72  ?  63  LEU A CD1  1 
ATOM   62   C  CD2  . LEU A 1 14  ? 2.867   4.450   -3.774  1.00 47.17  ?  63  LEU A CD2  1 
ATOM   63   N  N    . ASP A 1 15  ? 5.612   0.157   -2.489  1.00 38.29  ?  64  ASP A N    1 
ATOM   64   C  CA   . ASP A 1 15  ? 6.517   -0.664  -3.306  1.00 39.73  ?  64  ASP A CA   1 
ATOM   65   C  C    . ASP A 1 15  ? 5.742   -1.604  -4.231  1.00 44.19  ?  64  ASP A C    1 
ATOM   66   O  O    . ASP A 1 15  ? 4.548   -1.801  -4.049  1.00 48.04  ?  64  ASP A O    1 
ATOM   67   C  CB   . ASP A 1 15  ? 7.469   -1.478  -2.419  1.00 33.18  ?  64  ASP A CB   1 
ATOM   68   C  CG   . ASP A 1 15  ? 8.376   -0.603  -1.566  1.00 43.81  ?  64  ASP A CG   1 
ATOM   69   O  OD1  . ASP A 1 15  ? 9.400   -0.117  -2.088  1.00 48.51  ?  64  ASP A OD1  1 
ATOM   70   O  OD2  . ASP A 1 15  ? 8.071   -0.400  -0.371  1.00 44.22  ?  64  ASP A OD2  1 
HETATM 71   N  N    . CAF A 1 16  ? 6.416   -2.184  -5.221  1.00 41.52  ?  65  CAF A N    1 
HETATM 72   C  CA   . CAF A 1 16  ? 5.797   -3.226  -6.034  1.00 48.78  ?  65  CAF A CA   1 
HETATM 73   C  CB   . CAF A 1 16  ? 5.838   -2.930  -7.532  1.00 51.71  ?  65  CAF A CB   1 
HETATM 74   C  C    . CAF A 1 16  ? 6.530   -4.550  -5.845  1.00 52.15  ?  65  CAF A C    1 
HETATM 75   O  O    . CAF A 1 16  ? 7.764   -4.549  -5.596  1.00 62.23  -1 65  CAF A O    1 
HETATM 76   S  SG   . CAF A 1 16  ? 4.796   -1.499  -7.929  1.00 50.57  ?  65  CAF A SG   1 
HETATM 77   AS AS   . CAF A 1 16  ? 6.184   0.254   -8.012  1.00 53.76  ?  65  CAF A AS   1 
HETATM 78   C  CE1  . CAF A 1 16  ? 5.943   1.177   -9.728  1.00 52.29  ?  65  CAF A CE1  1 
HETATM 79   C  CE2  . CAF A 1 16  ? 8.025   -0.408  -7.840  1.00 75.95  ?  65  CAF A CE2  1 
HETATM 80   O  O1   . CAF A 1 16  ? 5.844   1.244   -6.799  1.00 56.01  ?  65  CAF A O1   1 
ATOM   81   N  N    . THR A 1 17  ? 5.765   -5.630  -5.739  1.00 51.20  ?  66  THR A N    1 
ATOM   82   C  CA   . THR A 1 17  ? 6.330   -6.975  -5.754  1.00 63.24  ?  66  THR A CA   1 
ATOM   83   C  C    . THR A 1 17  ? 5.772   -7.726  -6.955  1.00 60.52  ?  66  THR A C    1 
ATOM   84   O  O    . THR A 1 17  ? 4.871   -7.234  -7.635  1.00 55.34  ?  66  THR A O    1 
ATOM   85   C  CB   . THR A 1 17  ? 6.026   -7.751  -4.462  1.00 62.67  ?  66  THR A CB   1 
ATOM   86   O  OG1  . THR A 1 17  ? 4.622   -7.695  -4.183  1.00 58.75  ?  66  THR A OG1  1 
ATOM   87   C  CG2  . THR A 1 17  ? 6.792   -7.162  -3.295  1.00 75.62  ?  66  THR A CG2  1 
ATOM   88   N  N    . HIS A 1 18  ? 6.299   -8.916  -7.222  1.00 63.20  ?  67  HIS A N    1 
ATOM   89   C  CA   . HIS A 1 18  ? 5.924   -9.659  -8.416  1.00 60.02  ?  67  HIS A CA   1 
ATOM   90   C  C    . HIS A 1 18  ? 5.493   -11.071 -8.056  1.00 52.96  ?  67  HIS A C    1 
ATOM   91   O  O    . HIS A 1 18  ? 6.054   -11.698 -7.152  1.00 59.38  ?  67  HIS A O    1 
ATOM   92   C  CB   . HIS A 1 18  ? 7.077   -9.696  -9.420  1.00 62.56  ?  67  HIS A CB   1 
ATOM   93   C  CG   . HIS A 1 18  ? 7.518   -8.340  -9.873  1.00 69.27  ?  67  HIS A CG   1 
ATOM   94   N  ND1  . HIS A 1 18  ? 8.352   -7.540  -9.122  1.00 75.95  ?  67  HIS A ND1  1 
ATOM   95   C  CD2  . HIS A 1 18  ? 7.222   -7.632  -10.989 1.00 69.55  ?  67  HIS A CD2  1 
ATOM   96   C  CE1  . HIS A 1 18  ? 8.560   -6.402  -9.760  1.00 66.90  ?  67  HIS A CE1  1 
ATOM   97   N  NE2  . HIS A 1 18  ? 7.886   -6.433  -10.895 1.00 69.23  ?  67  HIS A NE2  1 
ATOM   98   N  N    . LEU A 1 19  ? 4.478   -11.555 -8.766  1.00 51.35  ?  68  LEU A N    1 
ATOM   99   C  CA   . LEU A 1 19  ? 4.020   -12.931 -8.656  1.00 49.03  ?  68  LEU A CA   1 
ATOM   100  C  C    . LEU A 1 19  ? 3.296   -13.278 -9.946  1.00 53.39  ?  68  LEU A C    1 
ATOM   101  O  O    . LEU A 1 19  ? 2.544   -12.456 -10.478 1.00 55.46  ?  68  LEU A O    1 
ATOM   102  C  CB   . LEU A 1 19  ? 3.084   -13.142 -7.458  1.00 49.95  ?  68  LEU A CB   1 
ATOM   103  C  CG   . LEU A 1 19  ? 3.659   -13.103 -6.042  1.00 64.84  ?  68  LEU A CG   1 
ATOM   104  C  CD1  . LEU A 1 19  ? 2.564   -13.436 -5.036  1.00 55.42  ?  68  LEU A CD1  1 
ATOM   105  C  CD2  . LEU A 1 19  ? 4.831   -14.062 -5.893  1.00 63.85  ?  68  LEU A CD2  1 
ATOM   106  N  N    . GLU A 1 20  ? 3.542   -14.488 -10.448 1.00 49.47  ?  69  GLU A N    1 
ATOM   107  C  CA   . GLU A 1 20  ? 2.853   -14.986 -11.637 1.00 50.36  ?  69  GLU A CA   1 
ATOM   108  C  C    . GLU A 1 20  ? 2.989   -14.011 -12.803 1.00 43.98  ?  69  GLU A C    1 
ATOM   109  O  O    . GLU A 1 20  ? 2.076   -13.842 -13.614 1.00 58.41  ?  69  GLU A O    1 
ATOM   110  C  CB   . GLU A 1 20  ? 1.382   -15.267 -11.329 1.00 51.41  ?  69  GLU A CB   1 
ATOM   111  C  CG   . GLU A 1 20  ? 1.182   -16.115 -10.081 1.00 54.90  ?  69  GLU A CG   1 
ATOM   112  C  CD   . GLU A 1 20  ? -0.280  -16.297 -9.729  1.00 60.47  ?  69  GLU A CD   1 
ATOM   113  O  OE1  . GLU A 1 20  ? -1.144  -15.873 -10.529 1.00 56.48  ?  69  GLU A OE1  1 
ATOM   114  O  OE2  . GLU A 1 20  ? -0.562  -16.861 -8.652  1.00 50.98  ?  69  GLU A OE2  1 
ATOM   115  N  N    . GLY A 1 21  ? 4.146   -13.361 -12.888 1.00 52.92  ?  70  GLY A N    1 
ATOM   116  C  CA   . GLY A 1 21  ? 4.359   -12.378 -13.931 1.00 52.98  ?  70  GLY A CA   1 
ATOM   117  C  C    . GLY A 1 21  ? 3.439   -11.184 -13.858 1.00 60.76  ?  70  GLY A C    1 
ATOM   118  O  O    . GLY A 1 21  ? 3.182   -10.543 -14.881 1.00 58.81  ?  70  GLY A O    1 
ATOM   119  N  N    . LYS A 1 22  ? 2.923   -10.868 -12.673 1.00 55.30  ?  71  LYS A N    1 
ATOM   120  C  CA   . LYS A 1 22  ? 2.066   -9.709  -12.486 1.00 56.32  ?  71  LYS A CA   1 
ATOM   121  C  C    . LYS A 1 22  ? 2.652   -8.798  -11.415 1.00 52.32  ?  71  LYS A C    1 
ATOM   122  O  O    . LYS A 1 22  ? 3.499   -9.204  -10.614 1.00 57.10  ?  71  LYS A O    1 
ATOM   123  C  CB   . LYS A 1 22  ? 0.637   -10.126 -12.116 1.00 58.42  ?  71  LYS A CB   1 
ATOM   124  C  CG   . LYS A 1 22  ? -0.119  -10.761 -13.271 1.00 53.33  ?  71  LYS A CG   1 
ATOM   125  C  CD   . LYS A 1 22  ? -1.570  -11.018 -12.923 1.00 54.26  ?  71  LYS A CD   1 
ATOM   126  C  CE   . LYS A 1 22  ? -2.297  -11.643 -14.096 1.00 57.53  ?  71  LYS A CE   1 
ATOM   127  N  NZ   . LYS A 1 22  ? -1.683  -12.946 -14.484 1.00 69.30  ?  71  LYS A NZ   1 
ATOM   128  N  N    . VAL A 1 23  ? 2.192   -7.552  -11.417 1.00 56.00  ?  72  VAL A N    1 
ATOM   129  C  CA   . VAL A 1 23  ? 2.712   -6.512  -10.539 1.00 51.82  ?  72  VAL A CA   1 
ATOM   130  C  C    . VAL A 1 23  ? 1.694   -6.244  -9.444  1.00 42.64  ?  72  VAL A C    1 
ATOM   131  O  O    . VAL A 1 23  ? 0.507   -6.036  -9.724  1.00 52.74  ?  72  VAL A O    1 
ATOM   132  C  CB   . VAL A 1 23  ? 3.032   -5.227  -11.321 1.00 52.10  ?  72  VAL A CB   1 
ATOM   133  C  CG1  . VAL A 1 23  ? 3.429   -4.116  -10.367 1.00 52.03  ?  72  VAL A CG1  1 
ATOM   134  C  CG2  . VAL A 1 23  ? 4.137   -5.496  -12.330 1.00 51.59  ?  72  VAL A CG2  1 
ATOM   135  N  N    . ILE A 1 24  ? 2.157   -6.249  -8.199  1.00 46.98  ?  73  ILE A N    1 
ATOM   136  C  CA   . ILE A 1 24  ? 1.323   -5.930  -7.049  1.00 46.82  ?  73  ILE A CA   1 
ATOM   137  C  C    . ILE A 1 24  ? 1.890   -4.679  -6.399  1.00 46.05  ?  73  ILE A C    1 
ATOM   138  O  O    . ILE A 1 24  ? 3.037   -4.677  -5.933  1.00 47.79  ?  73  ILE A O    1 
ATOM   139  C  CB   . ILE A 1 24  ? 1.260   -7.089  -6.044  1.00 53.41  ?  73  ILE A CB   1 
ATOM   140  C  CG1  . ILE A 1 24  ? 0.785   -8.367  -6.740  1.00 37.64  ?  73  ILE A CG1  1 
ATOM   141  C  CG2  . ILE A 1 24  ? 0.341   -6.724  -4.884  1.00 38.78  ?  73  ILE A CG2  1 
ATOM   142  C  CD1  . ILE A 1 24  ? 0.922   -9.606  -5.887  1.00 47.53  ?  73  ILE A CD1  1 
ATOM   143  N  N    . LEU A 1 25  ? 1.097   -3.616  -6.388  1.00 41.80  ?  74  LEU A N    1 
ATOM   144  C  CA   . LEU A 1 25  ? 1.441   -2.380  -5.706  1.00 40.09  ?  74  LEU A CA   1 
ATOM   145  C  C    . LEU A 1 25  ? 0.932   -2.465  -4.270  1.00 39.18  ?  74  LEU A C    1 
ATOM   146  O  O    . LEU A 1 25  ? -0.253  -2.745  -4.043  1.00 39.21  ?  74  LEU A O    1 
ATOM   147  C  CB   . LEU A 1 25  ? 0.837   -1.189  -6.445  1.00 41.96  ?  74  LEU A CB   1 
ATOM   148  C  CG   . LEU A 1 25  ? 1.515   0.168   -6.270  1.00 52.23  ?  74  LEU A CG   1 
ATOM   149  C  CD1  . LEU A 1 25  ? 1.041   1.129   -7.344  1.00 53.86  ?  74  LEU A CD1  1 
ATOM   150  C  CD2  . LEU A 1 25  ? 1.217   0.720   -4.896  1.00 54.44  ?  74  LEU A CD2  1 
ATOM   151  N  N    . VAL A 1 26  ? 1.827   -2.235  -3.312  1.00 41.55  ?  75  VAL A N    1 
ATOM   152  C  CA   . VAL A 1 26  ? 1.543   -2.386  -1.889  1.00 36.80  ?  75  VAL A CA   1 
ATOM   153  C  C    . VAL A 1 26  ? 1.888   -1.086  -1.176  1.00 36.95  ?  75  VAL A C    1 
ATOM   154  O  O    . VAL A 1 26  ? 3.006   -0.572  -1.309  1.00 47.54  ?  75  VAL A O    1 
ATOM   155  C  CB   . VAL A 1 26  ? 2.326   -3.555  -1.266  1.00 35.17  ?  75  VAL A CB   1 
ATOM   156  C  CG1  . VAL A 1 26  ? 1.988   -3.681  0.218   1.00 34.68  ?  75  VAL A CG1  1 
ATOM   157  C  CG2  . VAL A 1 26  ? 2.039   -4.851  -2.006  1.00 38.51  ?  75  VAL A CG2  1 
ATOM   158  N  N    . ALA A 1 27  ? 0.925   -0.568  -0.421  1.00 38.86  ?  76  ALA A N    1 
ATOM   159  C  CA   . ALA A 1 27  ? 1.094   0.590   0.442   1.00 32.76  ?  76  ALA A CA   1 
ATOM   160  C  C    . ALA A 1 27  ? 0.892   0.164   1.891   1.00 40.34  ?  76  ALA A C    1 
ATOM   161  O  O    . ALA A 1 27  ? -0.044  -0.581  2.207   1.00 43.32  ?  76  ALA A O    1 
ATOM   162  C  CB   . ALA A 1 27  ? 0.104   1.701   0.079   1.00 30.58  ?  76  ALA A CB   1 
ATOM   163  N  N    . VAL A 1 28  ? 1.773   0.643   2.765   1.00 37.01  ?  77  VAL A N    1 
ATOM   164  C  CA   . VAL A 1 28  ? 1.770   0.306   4.182   1.00 34.76  ?  77  VAL A CA   1 
ATOM   165  C  C    . VAL A 1 28  ? 1.716   1.602   4.976   1.00 43.88  ?  77  VAL A C    1 
ATOM   166  O  O    . VAL A 1 28  ? 2.554   2.491   4.781   1.00 39.17  ?  77  VAL A O    1 
ATOM   167  C  CB   . VAL A 1 28  ? 3.010   -0.514  4.583   1.00 44.12  ?  77  VAL A CB   1 
ATOM   168  C  CG1  . VAL A 1 28  ? 2.915   -0.936  6.042   1.00 38.60  ?  77  VAL A CG1  1 
ATOM   169  C  CG2  . VAL A 1 28  ? 3.172   -1.723  3.671   1.00 37.00  ?  77  VAL A CG2  1 
ATOM   170  N  N    . HIS A 1 29  ? 0.732   1.714   5.859   1.00 41.79  ?  78  HIS A N    1 
ATOM   171  C  CA   . HIS A 1 29  ? 0.704   2.789   6.841   1.00 42.82  ?  78  HIS A CA   1 
ATOM   172  C  C    . HIS A 1 29  ? 1.710   2.420   7.923   1.00 48.03  ?  78  HIS A C    1 
ATOM   173  O  O    . HIS A 1 29  ? 1.426   1.603   8.802   1.00 49.31  ?  78  HIS A O    1 
ATOM   174  C  CB   . HIS A 1 29  ? -0.701  2.968   7.403   1.00 38.01  ?  78  HIS A CB   1 
ATOM   175  C  CG   . HIS A 1 29  ? -0.808  4.065   8.415   1.00 45.83  ?  78  HIS A CG   1 
ATOM   176  N  ND1  . HIS A 1 29  ? -1.135  3.832   9.734   1.00 44.07  ?  78  HIS A ND1  1 
ATOM   177  C  CD2  . HIS A 1 29  ? -0.624  5.402   8.302   1.00 40.06  ?  78  HIS A CD2  1 
ATOM   178  C  CE1  . HIS A 1 29  ? -1.155  4.980   10.389  1.00 46.45  ?  78  HIS A CE1  1 
ATOM   179  N  NE2  . HIS A 1 29  ? -0.847  5.948   9.543   1.00 50.61  ?  78  HIS A NE2  1 
ATOM   180  N  N    . VAL A 1 30  ? 2.904   3.014   7.846   1.00 46.77  ?  79  VAL A N    1 
ATOM   181  C  CA   . VAL A 1 30  ? 4.031   2.554   8.657   1.00 48.14  ?  79  VAL A CA   1 
ATOM   182  C  C    . VAL A 1 30  ? 3.666   2.516   10.135  1.00 48.82  ?  79  VAL A C    1 
ATOM   183  O  O    . VAL A 1 30  ? 3.978   1.552   10.844  1.00 45.29  ?  79  VAL A O    1 
ATOM   184  C  CB   . VAL A 1 30  ? 5.264   3.442   8.401   1.00 58.73  ?  79  VAL A CB   1 
ATOM   185  C  CG1  . VAL A 1 30  ? 6.414   3.025   9.304   1.00 50.97  ?  79  VAL A CG1  1 
ATOM   186  C  CG2  . VAL A 1 30  ? 5.673   3.364   6.939   1.00 42.57  ?  79  VAL A CG2  1 
ATOM   187  N  N    . ALA A 1 31  ? 2.994   3.560   10.625  1.00 45.70  ?  80  ALA A N    1 
ATOM   188  C  CA   . ALA A 1 31  ? 2.704   3.640   12.053  1.00 50.83  ?  80  ALA A CA   1 
ATOM   189  C  C    . ALA A 1 31  ? 1.852   2.472   12.535  1.00 55.08  ?  80  ALA A C    1 
ATOM   190  O  O    . ALA A 1 31  ? 1.913   2.111   13.716  1.00 61.44  ?  80  ALA A O    1 
ATOM   191  C  CB   . ALA A 1 31  ? 2.012   4.966   12.374  1.00 52.90  ?  80  ALA A CB   1 
ATOM   192  N  N    . SER A 1 32  ? 1.059   1.863   11.648  1.00 51.59  ?  81  SER A N    1 
ATOM   193  C  CA   . SER A 1 32  ? 0.073   0.871   12.054  1.00 43.58  ?  81  SER A CA   1 
ATOM   194  C  C    . SER A 1 32  ? 0.270   -0.508  11.447  1.00 43.87  ?  81  SER A C    1 
ATOM   195  O  O    . SER A 1 32  ? -0.210  -1.485  12.030  1.00 52.26  ?  81  SER A O    1 
ATOM   196  C  CB   . SER A 1 32  ? -1.345  1.350   11.702  1.00 50.74  ?  81  SER A CB   1 
ATOM   197  O  OG   . SER A 1 32  ? -1.478  1.578   10.307  1.00 48.46  ?  81  SER A OG   1 
ATOM   198  N  N    . GLY A 1 33  ? 0.949   -0.624  10.309  1.00 47.77  ?  82  GLY A N    1 
ATOM   199  C  CA   . GLY A 1 33  ? 1.006   -1.884  9.600   1.00 44.15  ?  82  GLY A CA   1 
ATOM   200  C  C    . GLY A 1 33  ? -0.172  -2.153  8.686   1.00 43.70  ?  82  GLY A C    1 
ATOM   201  O  O    . GLY A 1 33  ? -0.177  -3.180  7.995   1.00 45.81  ?  82  GLY A O    1 
ATOM   202  N  N    . TYR A 1 34  ? -1.173  -1.273  8.668   1.00 46.85  ?  83  TYR A N    1 
ATOM   203  C  CA   . TYR A 1 34  ? -2.297  -1.421  7.751   1.00 45.75  ?  83  TYR A CA   1 
ATOM   204  C  C    . TYR A 1 34  ? -1.808  -1.396  6.311   1.00 41.70  ?  83  TYR A C    1 
ATOM   205  O  O    . TYR A 1 34  ? -0.914  -0.624  5.955   1.00 41.45  ?  83  TYR A O    1 
ATOM   206  C  CB   . TYR A 1 34  ? -3.314  -0.305  7.988   1.00 45.04  ?  83  TYR A CB   1 
ATOM   207  C  CG   . TYR A 1 34  ? -4.288  -0.071  6.852   1.00 48.01  ?  83  TYR A CG   1 
ATOM   208  C  CD1  . TYR A 1 34  ? -3.998  0.837   5.838   1.00 41.87  ?  83  TYR A CD1  1 
ATOM   209  C  CD2  . TYR A 1 34  ? -5.508  -0.739  6.805   1.00 42.31  ?  83  TYR A CD2  1 
ATOM   210  C  CE1  . TYR A 1 34  ? -4.889  1.064   4.800   1.00 42.89  ?  83  TYR A CE1  1 
ATOM   211  C  CE2  . TYR A 1 34  ? -6.408  -0.518  5.772   1.00 47.34  ?  83  TYR A CE2  1 
ATOM   212  C  CZ   . TYR A 1 34  ? -6.093  0.385   4.772   1.00 46.94  ?  83  TYR A CZ   1 
ATOM   213  O  OH   . TYR A 1 34  ? -6.981  0.608   3.741   1.00 46.90  ?  83  TYR A OH   1 
ATOM   214  N  N    . ILE A 1 35  ? -2.401  -2.239  5.473   1.00 41.66  ?  84  ILE A N    1 
ATOM   215  C  CA   . ILE A 1 35  ? -1.959  -2.411  4.097   1.00 45.32  ?  84  ILE A CA   1 
ATOM   216  C  C    . ILE A 1 35  ? -3.118  -2.145  3.149   1.00 40.65  ?  84  ILE A C    1 
ATOM   217  O  O    . ILE A 1 35  ? -4.256  -2.549  3.414   1.00 35.83  ?  84  ILE A O    1 
ATOM   218  C  CB   . ILE A 1 35  ? -1.392  -3.828  3.868   1.00 45.84  ?  84  ILE A CB   1 
ATOM   219  C  CG1  . ILE A 1 35  ? -0.068  -4.000  4.616   1.00 46.37  ?  84  ILE A CG1  1 
ATOM   220  C  CG2  . ILE A 1 35  ? -1.225  -4.103  2.378   1.00 39.46  ?  84  ILE A CG2  1 
ATOM   221  C  CD1  . ILE A 1 35  ? 0.571   -5.360  4.417   1.00 51.12  ?  84  ILE A CD1  1 
ATOM   222  N  N    . GLU A 1 36  ? -2.823  -1.464  2.042   1.00 38.33  ?  85  GLU A N    1 
ATOM   223  C  CA   . GLU A 1 36  ? -3.673  -1.450  0.857   1.00 45.61  ?  85  GLU A CA   1 
ATOM   224  C  C    . GLU A 1 36  ? -2.866  -1.974  -0.321  1.00 37.99  ?  85  GLU A C    1 
ATOM   225  O  O    . GLU A 1 36  ? -1.658  -1.756  -0.401  1.00 44.51  ?  85  GLU A O    1 
ATOM   226  C  CB   . GLU A 1 36  ? -4.196  -0.046  0.531   1.00 41.70  ?  85  GLU A CB   1 
ATOM   227  C  CG   . GLU A 1 36  ? -5.292  0.439   1.437   1.00 50.17  ?  85  GLU A CG   1 
ATOM   228  C  CD   . GLU A 1 36  ? -5.822  1.805   1.034   1.00 53.26  ?  85  GLU A CD   1 
ATOM   229  O  OE1  . GLU A 1 36  ? -5.622  2.221   -0.130  1.00 48.95  ?  85  GLU A OE1  1 
ATOM   230  O  OE2  . GLU A 1 36  ? -6.440  2.467   1.890   1.00 39.49  ?  85  GLU A OE2  1 
ATOM   231  N  N    . ALA A 1 37  ? -3.530  -2.663  -1.243  1.00 41.90  ?  86  ALA A N    1 
ATOM   232  C  CA   . ALA A 1 37  ? -2.803  -3.260  -2.351  1.00 35.06  ?  86  ALA A CA   1 
ATOM   233  C  C    . ALA A 1 37  ? -3.697  -3.342  -3.575  1.00 46.19  ?  86  ALA A C    1 
ATOM   234  O  O    . ALA A 1 37  ? -4.922  -3.444  -3.470  1.00 46.34  ?  86  ALA A O    1 
ATOM   235  C  CB   . ALA A 1 37  ? -2.271  -4.654  -2.000  1.00 41.78  ?  86  ALA A CB   1 
ATOM   236  N  N    . GLU A 1 38  ? -3.061  -3.303  -4.742  1.00 47.26  ?  87  GLU A N    1 
ATOM   237  C  CA   . GLU A 1 38  ? -3.770  -3.400  -6.007  1.00 45.42  ?  87  GLU A CA   1 
ATOM   238  C  C    . GLU A 1 38  ? -2.879  -4.155  -6.979  1.00 45.33  ?  87  GLU A C    1 
ATOM   239  O  O    . GLU A 1 38  ? -1.653  -4.072  -6.900  1.00 47.16  ?  87  GLU A O    1 
ATOM   240  C  CB   . GLU A 1 38  ? -4.125  -2.009  -6.556  1.00 42.10  ?  87  GLU A CB   1 
ATOM   241  C  CG   . GLU A 1 38  ? -5.335  -1.978  -7.479  1.00 49.21  ?  87  GLU A CG   1 
ATOM   242  C  CD   . GLU A 1 38  ? -6.624  -1.614  -6.754  1.00 57.40  ?  87  GLU A CD   1 
ATOM   243  O  OE1  . GLU A 1 38  ? -6.585  -0.747  -5.848  1.00 56.86  ?  87  GLU A OE1  1 
ATOM   244  O  OE2  . GLU A 1 38  ? -7.677  -2.192  -7.094  1.00 51.59  ?  87  GLU A OE2  1 
ATOM   245  N  N    . VAL A 1 39  ? -3.493  -4.905  -7.885  1.00 51.11  ?  88  VAL A N    1 
ATOM   246  C  CA   . VAL A 1 39  ? -2.762  -5.604  -8.935  1.00 50.86  ?  88  VAL A CA   1 
ATOM   247  C  C    . VAL A 1 39  ? -2.818  -4.742  -10.185 1.00 48.07  ?  88  VAL A C    1 
ATOM   248  O  O    . VAL A 1 39  ? -3.905  -4.438  -10.688 1.00 49.80  ?  88  VAL A O    1 
ATOM   249  C  CB   . VAL A 1 39  ? -3.334  -7.006  -9.194  1.00 47.51  ?  88  VAL A CB   1 
ATOM   250  C  CG1  . VAL A 1 39  ? -2.778  -7.571  -10.493 1.00 44.62  ?  88  VAL A CG1  1 
ATOM   251  C  CG2  . VAL A 1 39  ? -2.996  -7.925  -8.037  1.00 42.88  ?  88  VAL A CG2  1 
ATOM   252  N  N    . ILE A 1 40  ? -1.655  -4.338  -10.682 1.00 47.06  ?  89  ILE A N    1 
ATOM   253  C  CA   . ILE A 1 40  ? -1.609  -3.422  -11.819 1.00 50.82  ?  89  ILE A CA   1 
ATOM   254  C  C    . ILE A 1 40  ? -1.040  -4.145  -13.035 1.00 57.59  ?  89  ILE A C    1 
ATOM   255  O  O    . ILE A 1 40  ? -0.231  -5.073  -12.886 1.00 52.40  ?  89  ILE A O    1 
ATOM   256  C  CB   . ILE A 1 40  ? -0.795  -2.160  -11.490 1.00 56.11  ?  89  ILE A CB   1 
ATOM   257  C  CG1  . ILE A 1 40  ? 0.662   -2.523  -11.194 1.00 49.04  ?  89  ILE A CG1  1 
ATOM   258  C  CG2  . ILE A 1 40  ? -1.422  -1.419  -10.315 1.00 44.95  ?  89  ILE A CG2  1 
ATOM   259  C  CD1  . ILE A 1 40  ? 1.550   -1.323  -10.936 1.00 46.07  ?  89  ILE A CD1  1 
ATOM   260  N  N    . PRO A 1 41  ? -1.432  -3.759  -14.246 1.00 65.54  ?  90  PRO A N    1 
ATOM   261  C  CA   . PRO A 1 41  ? -0.912  -4.438  -15.439 1.00 57.37  ?  90  PRO A CA   1 
ATOM   262  C  C    . PRO A 1 41  ? 0.568   -4.169  -15.648 1.00 66.20  ?  90  PRO A C    1 
ATOM   263  O  O    . PRO A 1 41  ? 1.356   -5.103  -15.835 1.00 70.52  ?  90  PRO A O    1 
ATOM   264  C  CB   . PRO A 1 41  ? -1.762  -3.850  -16.572 1.00 65.81  ?  90  PRO A CB   1 
ATOM   265  C  CG   . PRO A 1 41  ? -2.168  -2.503  -16.070 1.00 62.96  ?  90  PRO A CG   1 
ATOM   266  C  CD   . PRO A 1 41  ? -2.340  -2.647  -14.583 1.00 64.24  ?  90  PRO A CD   1 
ATOM   267  N  N    . ALA A 1 42  ? 0.958   -2.899  -15.607 1.00 59.60  ?  91  ALA A N    1 
ATOM   268  C  CA   . ALA A 1 42  ? 2.336   -2.495  -15.848 1.00 63.24  ?  91  ALA A CA   1 
ATOM   269  C  C    . ALA A 1 42  ? 2.869   -1.714  -14.657 1.00 59.63  ?  91  ALA A C    1 
ATOM   270  O  O    . ALA A 1 42  ? 2.139   -0.939  -14.031 1.00 65.32  ?  91  ALA A O    1 
ATOM   271  C  CB   . ALA A 1 42  ? 2.446   -1.646  -17.120 1.00 67.55  ?  91  ALA A CB   1 
ATOM   272  N  N    . GLU A 1 43  ? 4.151   -1.919  -14.351 1.00 52.14  ?  92  GLU A N    1 
ATOM   273  C  CA   . GLU A 1 43  ? 4.824   -1.201  -13.269 1.00 49.56  ?  92  GLU A CA   1 
ATOM   274  C  C    . GLU A 1 43  ? 5.264   0.188   -13.744 1.00 60.44  ?  92  GLU A C    1 
ATOM   275  O  O    . GLU A 1 43  ? 6.446   0.529   -13.783 1.00 64.82  ?  92  GLU A O    1 
ATOM   276  C  CB   . GLU A 1 43  ? 6.001   -2.019  -12.757 1.00 46.47  ?  92  GLU A CB   1 
ATOM   277  C  CG   . GLU A 1 43  ? 6.726   -1.405  -11.572 1.00 53.72  ?  92  GLU A CG   1 
ATOM   278  C  CD   . GLU A 1 43  ? 7.725   -2.362  -10.937 1.00 61.98  ?  92  GLU A CD   1 
ATOM   279  O  OE1  . GLU A 1 43  ? 8.612   -1.893  -10.192 1.00 63.79  ?  92  GLU A OE1  1 
ATOM   280  O  OE2  . GLU A 1 43  ? 7.622   -3.584  -11.181 1.00 53.08  ?  92  GLU A OE2  1 
ATOM   281  N  N    . THR A 1 44  ? 4.273   1.002   -14.100 1.00 59.92  ?  93  THR A N    1 
ATOM   282  C  CA   . THR A 1 44  ? 4.493   2.311   -14.696 1.00 47.35  ?  93  THR A CA   1 
ATOM   283  C  C    . THR A 1 44  ? 4.141   3.426   -13.717 1.00 53.53  ?  93  THR A C    1 
ATOM   284  O  O    . THR A 1 44  ? 3.366   3.241   -12.775 1.00 47.02  ?  93  THR A O    1 
ATOM   285  C  CB   . THR A 1 44  ? 3.658   2.485   -15.966 1.00 56.55  ?  93  THR A CB   1 
ATOM   286  O  OG1  . THR A 1 44  ? 3.962   3.752   -16.563 1.00 77.90  ?  93  THR A OG1  1 
ATOM   287  C  CG2  . THR A 1 44  ? 2.176   2.446   -15.623 1.00 45.03  ?  93  THR A CG2  1 
ATOM   288  N  N    . GLY A 1 45  ? 4.714   4.604   -13.975 1.00 55.67  ?  94  GLY A N    1 
ATOM   289  C  CA   . GLY A 1 45  ? 4.405   5.777   -13.178 1.00 53.66  ?  94  GLY A CA   1 
ATOM   290  C  C    . GLY A 1 45  ? 2.958   6.213   -13.251 1.00 44.87  ?  94  GLY A C    1 
ATOM   291  O  O    . GLY A 1 45  ? 2.461   6.822   -12.303 1.00 47.25  ?  94  GLY A O    1 
ATOM   292  N  N    . GLN A 1 46  ? 2.271   5.912   -14.352 1.00 40.91  ?  95  GLN A N    1 
ATOM   293  C  CA   . GLN A 1 46  ? 0.857   6.254   -14.468 1.00 45.36  ?  95  GLN A CA   1 
ATOM   294  C  C    . GLN A 1 46  ? 0.027   5.470   -13.456 1.00 43.89  ?  95  GLN A C    1 
ATOM   295  O  O    . GLN A 1 46  ? -0.835  6.032   -12.763 1.00 40.76  ?  95  GLN A O    1 
ATOM   296  C  CB   . GLN A 1 46  ? 0.391   5.982   -15.900 1.00 53.27  ?  95  GLN A CB   1 
ATOM   297  C  CG   . GLN A 1 46  ? -1.011  6.450   -16.240 1.00 75.36  ?  95  GLN A CG   1 
ATOM   298  C  CD   . GLN A 1 46  ? -1.235  6.533   -17.740 1.00 70.78  ?  95  GLN A CD   1 
ATOM   299  O  OE1  . GLN A 1 46  ? -0.354  6.192   -18.528 1.00 92.62  ?  95  GLN A OE1  1 
ATOM   300  N  NE2  . GLN A 1 46  ? -2.414  6.992   -18.141 1.00 78.08  ?  95  GLN A NE2  1 
ATOM   301  N  N    . GLU A 1 47  ? 0.281   4.165   -13.354 1.00 39.65  ?  96  GLU A N    1 
ATOM   302  C  CA   . GLU A 1 47  ? -0.379  3.355   -12.338 1.00 42.45  ?  96  GLU A CA   1 
ATOM   303  C  C    . GLU A 1 47  ? -0.058  3.866   -10.937 1.00 42.23  ?  96  GLU A C    1 
ATOM   304  O  O    . GLU A 1 47  ? -0.956  4.019   -10.101 1.00 40.80  ?  96  GLU A O    1 
ATOM   305  C  CB   . GLU A 1 47  ? 0.035   1.891   -12.492 1.00 44.52  ?  96  GLU A CB   1 
ATOM   306  C  CG   . GLU A 1 47  ? -0.394  1.260   -13.808 1.00 47.09  ?  96  GLU A CG   1 
ATOM   307  C  CD   . GLU A 1 47  ? -1.902  1.183   -13.954 1.00 49.47  ?  96  GLU A CD   1 
ATOM   308  O  OE1  . GLU A 1 47  ? -2.613  1.303   -12.932 1.00 56.68  ?  96  GLU A OE1  1 
ATOM   309  O  OE2  . GLU A 1 47  ? -2.378  1.006   -15.092 1.00 61.60  ?  96  GLU A OE2  1 
ATOM   310  N  N    . THR A 1 48  ? 1.221   4.141   -10.661 1.00 40.66  ?  97  THR A N    1 
ATOM   311  C  CA   . THR A 1 48  ? 1.594   4.632   -9.338  1.00 38.31  ?  97  THR A CA   1 
ATOM   312  C  C    . THR A 1 48  ? 0.866   5.930   -9.014  1.00 38.54  ?  97  THR A C    1 
ATOM   313  O  O    . THR A 1 48  ? 0.376   6.113   -7.894  1.00 38.85  ?  97  THR A O    1 
ATOM   314  C  CB   . THR A 1 48  ? 3.110   4.836   -9.243  1.00 37.53  ?  97  THR A CB   1 
ATOM   315  O  OG1  . THR A 1 48  ? 3.786   3.629   -9.602  1.00 39.92  ?  97  THR A OG1  1 
ATOM   316  C  CG2  . THR A 1 48  ? 3.512   5.221   -7.823  1.00 30.94  ?  97  THR A CG2  1 
ATOM   317  N  N    . ALA A 1 49  ? 0.783   6.842   -9.986  1.00 40.87  ?  98  ALA A N    1 
ATOM   318  C  CA   . ALA A 1 49  ? 0.131   8.128   -9.758  1.00 44.11  ?  98  ALA A CA   1 
ATOM   319  C  C    . ALA A 1 49  ? -1.349  7.943   -9.456  1.00 37.83  ?  98  ALA A C    1 
ATOM   320  O  O    . ALA A 1 49  ? -1.884  8.533   -8.507  1.00 36.11  ?  98  ALA A O    1 
ATOM   321  C  CB   . ALA A 1 49  ? 0.324   9.037   -10.975 1.00 37.75  ?  98  ALA A CB   1 
ATOM   322  N  N    . TYR A 1 50  ? -2.031  7.127   -10.262 1.00 36.91  ?  99  TYR A N    1 
ATOM   323  C  CA   . TYR A 1 50  ? -3.449  6.880   -10.027 1.00 39.45  ?  99  TYR A CA   1 
ATOM   324  C  C    . TYR A 1 50  ? -3.676  6.271   -8.647  1.00 35.92  ?  99  TYR A C    1 
ATOM   325  O  O    . TYR A 1 50  ? -4.577  6.688   -7.901  1.00 32.47  ?  99  TYR A O    1 
ATOM   326  C  CB   . TYR A 1 50  ? -3.998  5.975   -11.129 1.00 37.98  ?  99  TYR A CB   1 
ATOM   327  C  CG   . TYR A 1 50  ? -5.482  5.753   -11.054 1.00 39.33  ?  99  TYR A CG   1 
ATOM   328  C  CD1  . TYR A 1 50  ? -6.365  6.819   -11.150 1.00 38.26  ?  99  TYR A CD1  1 
ATOM   329  C  CD2  . TYR A 1 50  ? -6.003  4.479   -10.892 1.00 36.89  ?  99  TYR A CD2  1 
ATOM   330  C  CE1  . TYR A 1 50  ? -7.727  6.621   -11.084 1.00 39.74  ?  99  TYR A CE1  1 
ATOM   331  C  CE2  . TYR A 1 50  ? -7.362  4.270   -10.824 1.00 36.98  ?  99  TYR A CE2  1 
ATOM   332  C  CZ   . TYR A 1 50  ? -8.220  5.342   -10.921 1.00 39.20  ?  99  TYR A CZ   1 
ATOM   333  O  OH   . TYR A 1 50  ? -9.577  5.138   -10.851 1.00 39.70  ?  99  TYR A OH   1 
ATOM   334  N  N    . PHE A 1 51  ? -2.855  5.281   -8.289  1.00 37.63  ?  100 PHE A N    1 
ATOM   335  C  CA   . PHE A 1 51  ? -2.948  4.679   -6.966  1.00 34.24  ?  100 PHE A CA   1 
ATOM   336  C  C    . PHE A 1 51  ? -2.768  5.727   -5.877  1.00 33.51  ?  100 PHE A C    1 
ATOM   337  O  O    . PHE A 1 51  ? -3.519  5.750   -4.894  1.00 30.82  ?  100 PHE A O    1 
ATOM   338  C  CB   . PHE A 1 51  ? -1.904  3.567   -6.835  1.00 43.81  ?  100 PHE A CB   1 
ATOM   339  C  CG   . PHE A 1 51  ? -1.978  2.808   -5.544  1.00 41.65  ?  100 PHE A CG   1 
ATOM   340  C  CD1  . PHE A 1 51  ? -1.379  3.305   -4.397  1.00 36.17  ?  100 PHE A CD1  1 
ATOM   341  C  CD2  . PHE A 1 51  ? -2.632  1.590   -5.479  1.00 41.05  ?  100 PHE A CD2  1 
ATOM   342  C  CE1  . PHE A 1 51  ? -1.441  2.607   -3.206  1.00 39.11  ?  100 PHE A CE1  1 
ATOM   343  C  CE2  . PHE A 1 51  ? -2.696  0.884   -4.292  1.00 41.84  ?  100 PHE A CE2  1 
ATOM   344  C  CZ   . PHE A 1 51  ? -2.100  1.394   -3.154  1.00 44.37  ?  100 PHE A CZ   1 
ATOM   345  N  N    . LEU A 1 52  ? -1.778  6.607   -6.037  1.00 33.21  ?  101 LEU A N    1 
ATOM   346  C  CA   . LEU A 1 52  ? -1.547  7.649   -5.041  1.00 34.68  ?  101 LEU A CA   1 
ATOM   347  C  C    . LEU A 1 52  ? -2.762  8.555   -4.900  1.00 36.59  ?  101 LEU A C    1 
ATOM   348  O  O    . LEU A 1 52  ? -3.156  8.903   -3.782  1.00 35.69  ?  101 LEU A O    1 
ATOM   349  C  CB   . LEU A 1 52  ? -0.307  8.464   -5.411  1.00 35.32  ?  101 LEU A CB   1 
ATOM   350  C  CG   . LEU A 1 52  ? 1.027   7.818   -5.031  1.00 43.51  ?  101 LEU A CG   1 
ATOM   351  C  CD1  . LEU A 1 52  ? 2.194   8.529   -5.699  1.00 39.18  ?  101 LEU A CD1  1 
ATOM   352  C  CD2  . LEU A 1 52  ? 1.191   7.823   -3.518  1.00 41.42  ?  101 LEU A CD2  1 
ATOM   353  N  N    . LEU A 1 53  ? -3.373  8.948   -6.021  1.00 34.23  ?  102 LEU A N    1 
ATOM   354  C  CA   . LEU A 1 53  ? -4.584  9.759   -5.939  1.00 33.87  ?  102 LEU A CA   1 
ATOM   355  C  C    . LEU A 1 53  ? -5.666  9.038   -5.144  1.00 35.74  ?  102 LEU A C    1 
ATOM   356  O  O    . LEU A 1 53  ? -6.307  9.635   -4.269  1.00 36.34  ?  102 LEU A O    1 
ATOM   357  C  CB   . LEU A 1 53  ? -5.085  10.114  -7.340  1.00 30.30  ?  102 LEU A CB   1 
ATOM   358  C  CG   . LEU A 1 53  ? -4.192  11.042  -8.171  1.00 34.45  ?  102 LEU A CG   1 
ATOM   359  C  CD1  . LEU A 1 53  ? -4.798  11.279  -9.550  1.00 37.21  ?  102 LEU A CD1  1 
ATOM   360  C  CD2  . LEU A 1 53  ? -3.970  12.365  -7.455  1.00 34.72  ?  102 LEU A CD2  1 
ATOM   361  N  N    . LYS A 1 54  ? -5.874  7.747   -5.420  1.00 41.23  ?  103 LYS A N    1 
ATOM   362  C  CA   . LYS A 1 54  ? -6.869  7.005   -4.653  1.00 34.41  ?  103 LYS A CA   1 
ATOM   363  C  C    . LYS A 1 54  ? -6.533  7.009   -3.166  1.00 42.54  ?  103 LYS A C    1 
ATOM   364  O  O    . LYS A 1 54  ? -7.412  7.222   -2.321  1.00 41.24  ?  103 LYS A O    1 
ATOM   365  C  CB   . LYS A 1 54  ? -6.986  5.574   -5.178  1.00 31.04  ?  103 LYS A CB   1 
ATOM   366  C  CG   . LYS A 1 54  ? -7.761  5.453   -6.484  1.00 37.86  ?  103 LYS A CG   1 
ATOM   367  C  CD   . LYS A 1 54  ? -8.035  3.995   -6.855  1.00 41.07  ?  103 LYS A CD   1 
ATOM   368  C  CE   . LYS A 1 54  ? -6.752  3.247   -7.187  1.00 47.62  ?  103 LYS A CE   1 
ATOM   369  N  NZ   . LYS A 1 54  ? -7.016  1.907   -7.791  1.00 49.89  ?  103 LYS A NZ   1 
ATOM   370  N  N    . LEU A 1 55  ? -5.257  6.798   -2.831  1.00 41.93  ?  104 LEU A N    1 
ATOM   371  C  CA   . LEU A 1 55  ? -4.857  6.675   -1.433  1.00 33.81  ?  104 LEU A CA   1 
ATOM   372  C  C    . LEU A 1 55  ? -5.038  7.988   -0.683  1.00 38.15  ?  104 LEU A C    1 
ATOM   373  O  O    . LEU A 1 55  ? -5.539  7.998   0.449   1.00 36.87  ?  104 LEU A O    1 
ATOM   374  C  CB   . LEU A 1 55  ? -3.400  6.215   -1.351  1.00 39.69  ?  104 LEU A CB   1 
ATOM   375  C  CG   . LEU A 1 55  ? -2.858  5.854   0.032   1.00 36.55  ?  104 LEU A CG   1 
ATOM   376  C  CD1  . LEU A 1 55  ? -3.276  4.437   0.409   1.00 35.72  ?  104 LEU A CD1  1 
ATOM   377  C  CD2  . LEU A 1 55  ? -1.343  6.008   0.083   1.00 38.18  ?  104 LEU A CD2  1 
ATOM   378  N  N    . ALA A 1 56  ? -4.614  9.101   -1.287  1.00 31.83  ?  105 ALA A N    1 
ATOM   379  C  CA   . ALA A 1 56  ? -4.677  10.392  -0.609  1.00 36.31  ?  105 ALA A CA   1 
ATOM   380  C  C    . ALA A 1 56  ? -6.113  10.841  -0.366  1.00 35.74  ?  105 ALA A C    1 
ATOM   381  O  O    . ALA A 1 56  ? -6.389  11.509  0.637   1.00 42.98  ?  105 ALA A O    1 
ATOM   382  C  CB   . ALA A 1 56  ? -3.929  11.450  -1.421  1.00 35.24  ?  105 ALA A CB   1 
ATOM   383  N  N    . GLY A 1 57  ? -7.035  10.498  -1.264  1.00 36.41  ?  106 GLY A N    1 
ATOM   384  C  CA   . GLY A 1 57  ? -8.423  10.860  -1.049  1.00 35.68  ?  106 GLY A CA   1 
ATOM   385  C  C    . GLY A 1 57  ? -9.082  10.117  0.084   1.00 40.47  ?  106 GLY A C    1 
ATOM   386  O  O    . GLY A 1 57  ? -10.175 10.506  0.511   1.00 42.09  ?  106 GLY A O    1 
ATOM   387  N  N    . ARG A 1 58  ? -8.439  9.071   0.589   1.00 41.97  ?  107 ARG A N    1 
ATOM   388  C  CA   . ARG A 1 58  ? -8.992  8.217   1.628   1.00 43.62  ?  107 ARG A CA   1 
ATOM   389  C  C    . ARG A 1 58  ? -8.318  8.404   2.979   1.00 43.82  ?  107 ARG A C    1 
ATOM   390  O  O    . ARG A 1 58  ? -8.985  8.324   4.010   1.00 43.52  ?  107 ARG A O    1 
ATOM   391  C  CB   . ARG A 1 58  ? -8.891  6.751   1.187   1.00 40.69  ?  107 ARG A CB   1 
ATOM   392  C  CG   . ARG A 1 58  ? -8.922  5.738   2.304   1.00 51.17  ?  107 ARG A CG   1 
ATOM   393  C  CD   . ARG A 1 58  ? -9.263  4.344   1.771   1.00 51.80  ?  107 ARG A CD   1 
ATOM   394  N  NE   . ARG A 1 58  ? -8.394  3.901   0.681   1.00 45.89  ?  107 ARG A NE   1 
ATOM   395  C  CZ   . ARG A 1 58  ? -8.751  3.866   -0.601  1.00 52.66  ?  107 ARG A CZ   1 
ATOM   396  N  NH1  . ARG A 1 58  ? -9.967  4.255   -0.969  1.00 57.50  ?  107 ARG A NH1  1 
ATOM   397  N  NH2  . ARG A 1 58  ? -7.895  3.438   -1.520  1.00 48.06  ?  107 ARG A NH2  1 
ATOM   398  N  N    . TRP A 1 59  ? -7.020  8.668   3.003   1.00 45.33  ?  108 TRP A N    1 
ATOM   399  C  CA   . TRP A 1 59  ? -6.273  8.851   4.234   1.00 43.23  ?  108 TRP A CA   1 
ATOM   400  C  C    . TRP A 1 59  ? -5.559  10.196  4.216   1.00 49.95  ?  108 TRP A C    1 
ATOM   401  O  O    . TRP A 1 59  ? -5.362  10.793  3.150   1.00 47.46  ?  108 TRP A O    1 
ATOM   402  C  CB   . TRP A 1 59  ? -5.240  7.730   4.432   1.00 43.36  ?  108 TRP A CB   1 
ATOM   403  C  CG   . TRP A 1 59  ? -5.804  6.340   4.385   1.00 35.51  ?  108 TRP A CG   1 
ATOM   404  C  CD1  . TRP A 1 59  ? -5.684  5.444   3.364   1.00 40.41  ?  108 TRP A CD1  1 
ATOM   405  C  CD2  . TRP A 1 59  ? -6.565  5.680   5.407   1.00 39.31  ?  108 TRP A CD2  1 
ATOM   406  N  NE1  . TRP A 1 59  ? -6.322  4.271   3.682   1.00 37.94  ?  108 TRP A NE1  1 
ATOM   407  C  CE2  . TRP A 1 59  ? -6.875  4.391   4.930   1.00 41.59  ?  108 TRP A CE2  1 
ATOM   408  C  CE3  . TRP A 1 59  ? -7.016  6.056   6.675   1.00 47.99  ?  108 TRP A CE3  1 
ATOM   409  C  CZ2  . TRP A 1 59  ? -7.615  3.474   5.678   1.00 40.29  ?  108 TRP A CZ2  1 
ATOM   410  C  CZ3  . TRP A 1 59  ? -7.754  5.142   7.419   1.00 44.07  ?  108 TRP A CZ3  1 
ATOM   411  C  CH2  . TRP A 1 59  ? -8.044  3.869   6.915   1.00 38.13  ?  108 TRP A CH2  1 
ATOM   412  N  N    . PRO A 1 60  ? -5.160  10.707  5.382   1.00 50.00  ?  109 PRO A N    1 
ATOM   413  C  CA   . PRO A 1 60  ? -4.303  11.897  5.404   1.00 49.13  ?  109 PRO A CA   1 
ATOM   414  C  C    . PRO A 1 60  ? -2.860  11.525  5.097   1.00 49.18  ?  109 PRO A C    1 
ATOM   415  O  O    . PRO A 1 60  ? -2.113  11.119  5.991   1.00 54.67  ?  109 PRO A O    1 
ATOM   416  C  CB   . PRO A 1 60  ? -4.473  12.423  6.833   1.00 43.77  ?  109 PRO A CB   1 
ATOM   417  C  CG   . PRO A 1 60  ? -4.747  11.190  7.637   1.00 45.43  ?  109 PRO A CG   1 
ATOM   418  C  CD   . PRO A 1 60  ? -5.522  10.256  6.738   1.00 49.88  ?  109 PRO A CD   1 
ATOM   419  N  N    . VAL A 1 61  ? -2.466  11.642  3.834   1.00 47.74  ?  110 VAL A N    1 
ATOM   420  C  CA   . VAL A 1 61  ? -1.149  11.216  3.376   1.00 48.25  ?  110 VAL A CA   1 
ATOM   421  C  C    . VAL A 1 61  ? -0.243  12.442  3.341   1.00 51.67  ?  110 VAL A C    1 
ATOM   422  O  O    . VAL A 1 61  ? -0.433  13.345  2.518   1.00 51.40  ?  110 VAL A O    1 
ATOM   423  C  CB   . VAL A 1 61  ? -1.223  10.538  2.001   1.00 42.91  ?  110 VAL A CB   1 
ATOM   424  C  CG1  . VAL A 1 61  ? 0.156   10.068  1.569   1.00 44.67  ?  110 VAL A CG1  1 
ATOM   425  C  CG2  . VAL A 1 61  ? -2.206  9.374   2.034   1.00 40.83  ?  110 VAL A CG2  1 
ATOM   426  N  N    . LYS A 1 62  ? 0.744   12.476  4.235   1.00 46.18  ?  111 LYS A N    1 
ATOM   427  C  CA   . LYS A 1 62  ? 1.716   13.564  4.268   1.00 53.38  ?  111 LYS A CA   1 
ATOM   428  C  C    . LYS A 1 62  ? 2.954   13.224  3.444   1.00 45.56  ?  111 LYS A C    1 
ATOM   429  O  O    . LYS A 1 62  ? 3.310   13.954  2.512   1.00 46.67  ?  111 LYS A O    1 
ATOM   430  C  CB   . LYS A 1 62  ? 2.112   13.880  5.717   1.00 50.87  ?  111 LYS A CB   1 
ATOM   431  C  CG   . LYS A 1 62  ? 0.975   14.417  6.578   1.00 62.27  ?  111 LYS A CG   1 
ATOM   432  C  CD   . LYS A 1 62  ? 0.534   15.800  6.126   1.00 75.54  ?  111 LYS A CD   1 
ATOM   433  C  CE   . LYS A 1 62  ? -0.548  16.358  7.041   1.00 96.72  ?  111 LYS A CE   1 
ATOM   434  N  NZ   . LYS A 1 62  ? -0.086  16.467  8.454   1.00 97.48  ?  111 LYS A NZ   1 
ATOM   435  N  N    . THR A 1 63  ? 3.613   12.115  3.768   1.00 41.14  ?  112 THR A N    1 
ATOM   436  C  CA   . THR A 1 63  ? 4.848   11.739  3.102   1.00 48.34  ?  112 THR A CA   1 
ATOM   437  C  C    . THR A 1 63  ? 4.812   10.269  2.715   1.00 41.06  ?  112 THR A C    1 
ATOM   438  O  O    . THR A 1 63  ? 4.211   9.435   3.403   1.00 50.57  ?  112 THR A O    1 
ATOM   439  C  CB   . THR A 1 63  ? 6.071   12.027  3.989   1.00 47.31  ?  112 THR A CB   1 
ATOM   440  O  OG1  . THR A 1 63  ? 5.941   11.329  5.230   1.00 48.65  ?  112 THR A OG1  1 
ATOM   441  C  CG2  . THR A 1 63  ? 6.176   13.521  4.271   1.00 48.97  ?  112 THR A CG2  1 
ATOM   442  N  N    . VAL A 1 64  ? 5.458   9.964   1.594   1.00 43.22  ?  113 VAL A N    1 
ATOM   443  C  CA   . VAL A 1 64  ? 5.535   8.611   1.062   1.00 43.04  ?  113 VAL A CA   1 
ATOM   444  C  C    . VAL A 1 64  ? 7.000   8.236   0.910   1.00 44.81  ?  113 VAL A C    1 
ATOM   445  O  O    . VAL A 1 64  ? 7.794   9.010   0.364   1.00 51.85  ?  113 VAL A O    1 
ATOM   446  C  CB   . VAL A 1 64  ? 4.795   8.480   -0.281  1.00 45.60  ?  113 VAL A CB   1 
ATOM   447  C  CG1  . VAL A 1 64  ? 5.044   7.107   -0.885  1.00 48.60  ?  113 VAL A CG1  1 
ATOM   448  C  CG2  . VAL A 1 64  ? 3.306   8.710   -0.087  1.00 37.70  ?  113 VAL A CG2  1 
ATOM   449  N  N    . HIS A 1 65  ? 7.351   7.057   1.402   1.00 45.38  ?  114 HIS A N    1 
ATOM   450  C  CA   . HIS A 1 65  ? 8.670   6.468   1.264   1.00 50.33  ?  114 HIS A CA   1 
ATOM   451  C  C    . HIS A 1 65  ? 8.572   5.251   0.357   1.00 45.95  ?  114 HIS A C    1 
ATOM   452  O  O    . HIS A 1 65  ? 7.494   4.689   0.148   1.00 47.06  ?  114 HIS A O    1 
ATOM   453  C  CB   . HIS A 1 65  ? 9.240   6.075   2.633   1.00 44.88  ?  114 HIS A CB   1 
ATOM   454  C  CG   . HIS A 1 65  ? 10.662  5.606   2.585   1.00 60.67  ?  114 HIS A CG   1 
ATOM   455  N  ND1  . HIS A 1 65  ? 11.006  4.271   2.581   1.00 57.37  ?  114 HIS A ND1  1 
ATOM   456  C  CD2  . HIS A 1 65  ? 11.827  6.296   2.533   1.00 57.71  ?  114 HIS A CD2  1 
ATOM   457  C  CE1  . HIS A 1 65  ? 12.322  4.159   2.529   1.00 55.07  ?  114 HIS A CE1  1 
ATOM   458  N  NE2  . HIS A 1 65  ? 12.843  5.372   2.500   1.00 62.08  ?  114 HIS A NE2  1 
ATOM   459  N  N    . THR A 1 66  ? 9.713   4.852   -0.194  1.00 43.29  ?  115 THR A N    1 
ATOM   460  C  CA   . THR A 1 66  ? 9.771   3.681   -1.052  1.00 42.17  ?  115 THR A CA   1 
ATOM   461  C  C    . THR A 1 66  ? 11.177  3.107   -0.988  1.00 48.08  ?  115 THR A C    1 
ATOM   462  O  O    . THR A 1 66  ? 12.128  3.790   -0.598  1.00 50.68  ?  115 THR A O    1 
ATOM   463  C  CB   . THR A 1 66  ? 9.389   4.022   -2.499  1.00 46.54  ?  115 THR A CB   1 
ATOM   464  O  OG1  . THR A 1 66  ? 9.454   2.842   -3.315  1.00 35.08  ?  115 THR A OG1  1 
ATOM   465  C  CG2  . THR A 1 66  ? 10.330  5.084   -3.063  1.00 45.82  ?  115 THR A CG2  1 
ATOM   466  N  N    . ASP A 1 67  ? 11.296  1.834   -1.356  1.00 45.97  ?  116 ASP A N    1 
ATOM   467  C  CA   . ASP A 1 67  ? 12.593  1.180   -1.453  1.00 51.59  ?  116 ASP A CA   1 
ATOM   468  C  C    . ASP A 1 67  ? 13.181  1.245   -2.857  1.00 48.17  ?  116 ASP A C    1 
ATOM   469  O  O    . ASP A 1 67  ? 14.291  0.747   -3.071  1.00 50.19  ?  116 ASP A O    1 
ATOM   470  C  CB   . ASP A 1 67  ? 12.490  -0.282  -1.004  1.00 43.17  ?  116 ASP A CB   1 
ATOM   471  C  CG   . ASP A 1 67  ? 12.321  -0.418  0.499   1.00 55.43  ?  116 ASP A CG   1 
ATOM   472  O  OD1  . ASP A 1 67  ? 12.566  0.574   1.219   1.00 50.72  ?  116 ASP A OD1  1 
ATOM   473  O  OD2  . ASP A 1 67  ? 11.955  -1.520  0.960   1.00 57.24  ?  116 ASP A OD2  1 
ATOM   474  N  N    . ASN A 1 68  ? 12.466  1.832   -3.816  1.00 41.02  ?  117 ASN A N    1 
ATOM   475  C  CA   . ASN A 1 68  ? 12.970  2.042   -5.174  1.00 41.23  ?  117 ASN A CA   1 
ATOM   476  C  C    . ASN A 1 68  ? 12.699  3.500   -5.528  1.00 41.67  ?  117 ASN A C    1 
ATOM   477  O  O    . ASN A 1 68  ? 11.669  3.820   -6.131  1.00 41.93  ?  117 ASN A O    1 
ATOM   478  C  CB   . ASN A 1 68  ? 12.326  1.083   -6.172  1.00 37.28  ?  117 ASN A CB   1 
ATOM   479  C  CG   . ASN A 1 68  ? 12.994  1.137   -7.540  1.00 47.85  ?  117 ASN A CG   1 
ATOM   480  O  OD1  . ASN A 1 68  ? 13.805  2.026   -7.811  1.00 42.30  ?  117 ASN A OD1  1 
ATOM   481  N  ND2  . ASN A 1 68  ? 12.653  0.191   -8.408  1.00 47.12  ?  117 ASN A ND2  1 
ATOM   482  N  N    . GLY A 1 69  ? 13.635  4.376   -5.160  1.00 39.73  ?  118 GLY A N    1 
ATOM   483  C  CA   . GLY A 1 69  ? 13.433  5.803   -5.368  1.00 42.19  ?  118 GLY A CA   1 
ATOM   484  C  C    . GLY A 1 69  ? 13.016  6.147   -6.783  1.00 41.66  ?  118 GLY A C    1 
ATOM   485  O  O    . GLY A 1 69  ? 12.200  7.048   -6.999  1.00 45.85  ?  118 GLY A O    1 
ATOM   486  N  N    . SER A 1 70  ? 13.566  5.436   -7.770  1.00 35.72  ?  119 SER A N    1 
ATOM   487  C  CA   . SER A 1 70  ? 13.227  5.708   -9.162  1.00 42.66  ?  119 SER A CA   1 
ATOM   488  C  C    . SER A 1 70  ? 11.747  5.496   -9.456  1.00 41.64  ?  119 SER A C    1 
ATOM   489  O  O    . SER A 1 70  ? 11.285  5.887   -10.534 1.00 40.11  ?  119 SER A O    1 
ATOM   490  C  CB   . SER A 1 70  ? 14.070  4.835   -10.091 1.00 34.37  ?  119 SER A CB   1 
ATOM   491  O  OG   . SER A 1 70  ? 13.623  3.492   -10.059 1.00 38.90  ?  119 SER A OG   1 
ATOM   492  N  N    . ASN A 1 71  ? 10.998  4.879   -8.538  1.00 45.36  ?  120 ASN A N    1 
ATOM   493  C  CA   . ASN A 1 71  ? 9.551   4.792   -8.703  1.00 50.05  ?  120 ASN A CA   1 
ATOM   494  C  C    . ASN A 1 71  ? 8.907   6.168   -8.792  1.00 46.67  ?  120 ASN A C    1 
ATOM   495  O  O    . ASN A 1 71  ? 7.843   6.314   -9.403  1.00 47.60  ?  120 ASN A O    1 
ATOM   496  C  CB   . ASN A 1 71  ? 8.926   4.022   -7.538  1.00 47.54  ?  120 ASN A CB   1 
ATOM   497  C  CG   . ASN A 1 71  ? 9.197   2.538   -7.603  1.00 54.30  ?  120 ASN A CG   1 
ATOM   498  O  OD1  . ASN A 1 71  ? 9.360   1.972   -8.686  1.00 55.44  ?  120 ASN A OD1  1 
ATOM   499  N  ND2  . ASN A 1 71  ? 9.235   1.893   -6.440  1.00 45.04  ?  120 ASN A ND2  1 
ATOM   500  N  N    . PHE A 1 72  ? 9.525   7.180   -8.182  1.00 43.52  ?  121 PHE A N    1 
ATOM   501  C  CA   . PHE A 1 72  ? 8.887   8.475   -7.978  1.00 49.61  ?  121 PHE A CA   1 
ATOM   502  C  C    . PHE A 1 72  ? 9.485   9.578   -8.845  1.00 51.41  ?  121 PHE A C    1 
ATOM   503  O  O    . PHE A 1 72  ? 9.321   10.762  -8.531  1.00 56.38  ?  121 PHE A O    1 
ATOM   504  C  CB   . PHE A 1 72  ? 8.968   8.873   -6.504  1.00 54.77  ?  121 PHE A CB   1 
ATOM   505  C  CG   . PHE A 1 72  ? 8.191   7.972   -5.586  1.00 45.42  ?  121 PHE A CG   1 
ATOM   506  C  CD1  . PHE A 1 72  ? 7.164   7.178   -6.075  1.00 43.46  ?  121 PHE A CD1  1 
ATOM   507  C  CD2  . PHE A 1 72  ? 8.484   7.929   -4.232  1.00 39.85  ?  121 PHE A CD2  1 
ATOM   508  C  CE1  . PHE A 1 72  ? 6.446   6.351   -5.228  1.00 43.11  ?  121 PHE A CE1  1 
ATOM   509  C  CE2  . PHE A 1 72  ? 7.772   7.107   -3.378  1.00 42.28  ?  121 PHE A CE2  1 
ATOM   510  C  CZ   . PHE A 1 72  ? 6.751   6.316   -3.875  1.00 50.05  ?  121 PHE A CZ   1 
ATOM   511  N  N    . THR A 1 73  ? 10.169  9.223   -9.933  1.00 49.36  ?  122 THR A N    1 
ATOM   512  C  CA   . THR A 1 73  ? 10.795  10.228  -10.783 1.00 47.10  ?  122 THR A CA   1 
ATOM   513  C  C    . THR A 1 73  ? 9.939   10.646  -11.969 1.00 49.65  ?  122 THR A C    1 
ATOM   514  O  O    . THR A 1 73  ? 10.218  11.687  -12.575 1.00 62.72  ?  122 THR A O    1 
ATOM   515  C  CB   . THR A 1 73  ? 12.139  9.718   -11.313 1.00 54.07  ?  122 THR A CB   1 
ATOM   516  O  OG1  . THR A 1 73  ? 11.920  8.538   -12.096 1.00 64.44  ?  122 THR A OG1  1 
ATOM   517  C  CG2  . THR A 1 73  ? 13.085  9.405   -10.162 1.00 47.37  ?  122 THR A CG2  1 
ATOM   518  N  N    . SER A 1 74  ? 8.920   9.873   -12.323 1.00 39.97  ?  123 SER A N    1 
ATOM   519  C  CA   . SER A 1 74  ? 8.138   10.199  -13.502 1.00 46.80  ?  123 SER A CA   1 
ATOM   520  C  C    . SER A 1 74  ? 7.351   11.484  -13.286 1.00 56.76  ?  123 SER A C    1 
ATOM   521  O  O    . SER A 1 74  ? 7.007   11.856  -12.158 1.00 53.13  ?  123 SER A O    1 
ATOM   522  C  CB   . SER A 1 74  ? 7.188   9.057   -13.859 1.00 57.91  ?  123 SER A CB   1 
ATOM   523  O  OG   . SER A 1 74  ? 6.099   8.993   -12.958 1.00 62.26  ?  123 SER A OG   1 
ATOM   524  N  N    . THR A 1 75  ? 7.079   12.176  -14.391 1.00 55.66  ?  124 THR A N    1 
ATOM   525  C  CA   A THR A 1 75  ? 6.287   13.397  -14.313 0.38 52.97  ?  124 THR A CA   1 
ATOM   526  C  CA   B THR A 1 75  ? 6.286   13.395  -14.317 0.62 53.23  ?  124 THR A CA   1 
ATOM   527  C  C    . THR A 1 75  ? 4.895   13.111  -13.765 1.00 49.34  ?  124 THR A C    1 
ATOM   528  O  O    . THR A 1 75  ? 4.363   13.890  -12.965 1.00 45.82  ?  124 THR A O    1 
ATOM   529  C  CB   A THR A 1 75  ? 6.203   14.055  -15.691 0.38 52.00  ?  124 THR A CB   1 
ATOM   530  C  CB   B THR A 1 75  ? 6.194   14.042  -15.699 0.62 52.40  ?  124 THR A CB   1 
ATOM   531  O  OG1  A THR A 1 75  ? 5.352   15.205  -15.625 0.38 54.88  ?  124 THR A OG1  1 
ATOM   532  O  OG1  B THR A 1 75  ? 7.512   14.269  -16.209 0.62 51.70  ?  124 THR A OG1  1 
ATOM   533  C  CG2  A THR A 1 75  ? 5.651   13.077  -16.717 0.38 50.52  ?  124 THR A CG2  1 
ATOM   534  C  CG2  B THR A 1 75  ? 5.453   15.368  -15.616 0.62 55.06  ?  124 THR A CG2  1 
ATOM   535  N  N    . THR A 1 76  ? 4.292   11.991  -14.173 1.00 43.51  ?  125 THR A N    1 
ATOM   536  C  CA   . THR A 1 76  ? 2.950   11.674  -13.698 1.00 51.19  ?  125 THR A CA   1 
ATOM   537  C  C    . THR A 1 76  ? 2.924   11.531  -12.181 1.00 45.78  ?  125 THR A C    1 
ATOM   538  O  O    . THR A 1 76  ? 2.008   12.035  -11.521 1.00 42.98  ?  125 THR A O    1 
ATOM   539  C  CB   . THR A 1 76  ? 2.431   10.405  -14.375 1.00 50.22  ?  125 THR A CB   1 
ATOM   540  O  OG1  . THR A 1 76  ? 3.378   9.345   -14.204 1.00 57.20  ?  125 THR A OG1  1 
ATOM   541  C  CG2  . THR A 1 76  ? 2.208   10.645  -15.864 1.00 54.42  ?  125 THR A CG2  1 
ATOM   542  N  N    . VAL A 1 77  ? 3.929   10.866  -11.605 1.00 40.89  ?  126 VAL A N    1 
ATOM   543  C  CA   . VAL A 1 77  ? 3.958   10.694  -10.154 1.00 43.94  ?  126 VAL A CA   1 
ATOM   544  C  C    . VAL A 1 77  ? 4.076   12.045  -9.462  1.00 44.92  ?  126 VAL A C    1 
ATOM   545  O  O    . VAL A 1 77  ? 3.303   12.369  -8.553  1.00 39.42  ?  126 VAL A O    1 
ATOM   546  C  CB   . VAL A 1 77  ? 5.100   9.746   -9.743  1.00 47.34  ?  126 VAL A CB   1 
ATOM   547  C  CG1  . VAL A 1 77  ? 5.255   9.728   -8.228  1.00 37.87  ?  126 VAL A CG1  1 
ATOM   548  C  CG2  . VAL A 1 77  ? 4.841   8.340   -10.270 1.00 46.27  ?  126 VAL A CG2  1 
ATOM   549  N  N    . LYS A 1 78  ? 5.051   12.856  -9.879  1.00 43.95  ?  127 LYS A N    1 
ATOM   550  C  CA   . LYS A 1 78  ? 5.237   14.157  -9.244  1.00 47.52  ?  127 LYS A CA   1 
ATOM   551  C  C    . LYS A 1 78  ? 3.976   15.008  -9.356  1.00 43.51  ?  127 LYS A C    1 
ATOM   552  O  O    . LYS A 1 78  ? 3.627   15.739  -8.423  1.00 40.41  ?  127 LYS A O    1 
ATOM   553  C  CB   . LYS A 1 78  ? 6.442   14.872  -9.858  1.00 48.07  ?  127 LYS A CB   1 
ATOM   554  C  CG   . LYS A 1 78  ? 7.726   14.051  -9.778  1.00 58.25  ?  127 LYS A CG   1 
ATOM   555  C  CD   . LYS A 1 78  ? 8.983   14.908  -9.857  1.00 66.25  ?  127 LYS A CD   1 
ATOM   556  C  CE   . LYS A 1 78  ? 9.184   15.506  -11.238 1.00 71.62  ?  127 LYS A CE   1 
ATOM   557  N  NZ   . LYS A 1 78  ? 10.455  16.284  -11.319 1.00 75.15  ?  127 LYS A NZ   1 
ATOM   558  N  N    . ALA A 1 79  ? 3.266   14.910  -10.481 1.00 43.45  ?  128 ALA A N    1 
ATOM   559  C  CA   . ALA A 1 79  ? 2.024   15.664  -10.634 1.00 42.22  ?  128 ALA A CA   1 
ATOM   560  C  C    . ALA A 1 79  ? 0.999   15.246  -9.588  1.00 45.38  ?  128 ALA A C    1 
ATOM   561  O  O    . ALA A 1 79  ? 0.357   16.097  -8.959  1.00 40.59  ?  128 ALA A O    1 
ATOM   562  C  CB   . ALA A 1 79  ? 1.464   15.476  -12.043 1.00 34.01  ?  128 ALA A CB   1 
ATOM   563  N  N    . ALA A 1 80  ? 0.841   13.942  -9.378  1.00 37.47  ?  129 ALA A N    1 
ATOM   564  C  CA   . ALA A 1 80  ? -0.100  13.426  -8.392  1.00 37.29  ?  129 ALA A CA   1 
ATOM   565  C  C    . ALA A 1 80  ? 0.256   13.871  -6.972  1.00 41.53  ?  129 ALA A C    1 
ATOM   566  O  O    . ALA A 1 80  ? -0.628  14.223  -6.194  1.00 42.74  ?  129 ALA A O    1 
ATOM   567  C  CB   . ALA A 1 80  ? -0.160  11.906  -8.469  1.00 40.42  ?  129 ALA A CB   1 
HETATM 568  N  N    . CAF A 1 81  ? 1.542   13.852  -6.631  1.00 35.88  ?  130 CAF A N    1 
HETATM 569  C  CA   . CAF A 1 81  ? 1.970   14.263  -5.300  1.00 44.60  ?  130 CAF A CA   1 
HETATM 570  C  CB   . CAF A 1 81  ? 3.451   13.978  -5.107  1.00 44.15  ?  130 CAF A CB   1 
HETATM 571  C  C    . CAF A 1 81  ? 1.784   15.763  -5.111  1.00 42.95  ?  130 CAF A C    1 
HETATM 572  O  O    . CAF A 1 81  ? 1.454   16.227  -3.988  1.00 41.05  ?  130 CAF A O    1 
HETATM 573  S  SG   . CAF A 1 81  ? 3.685   12.196  -4.890  1.00 51.72  ?  130 CAF A SG   1 
HETATM 574  AS AS   . CAF A 1 81  ? 5.746   11.951  -4.045  1.00 60.53  ?  130 CAF A AS   1 
HETATM 575  C  CE1  . CAF A 1 81  ? 7.003   11.778  -5.544  1.00 46.47  ?  130 CAF A CE1  1 
HETATM 576  C  CE2  . CAF A 1 81  ? 5.759   10.325  -2.941  1.00 57.72  ?  130 CAF A CE2  1 
HETATM 577  O  O1   . CAF A 1 81  ? 6.115   13.225  -3.155  1.00 52.63  ?  130 CAF A O1   1 
ATOM   578  N  N    . TRP A 1 82  ? 2.015   16.522  -6.176  1.00 38.20  ?  131 TRP A N    1 
ATOM   579  C  CA   . TRP A 1 82  ? 1.808   17.963  -6.150  1.00 47.16  ?  131 TRP A CA   1 
ATOM   580  C  C    . TRP A 1 82  ? 0.352   18.294  -5.842  1.00 43.55  ?  131 TRP A C    1 
ATOM   581  O  O    . TRP A 1 82  ? 0.060   19.050  -4.918  1.00 44.54  ?  131 TRP A O    1 
ATOM   582  C  CB   . TRP A 1 82  ? 2.223   18.589  -7.486  1.00 42.90  ?  131 TRP A CB   1 
ATOM   583  C  CG   . TRP A 1 82  ? 1.668   19.963  -7.717  1.00 49.16  ?  131 TRP A CG   1 
ATOM   584  C  CD1  . TRP A 1 82  ? 2.155   21.140  -7.224  1.00 42.82  ?  131 TRP A CD1  1 
ATOM   585  C  CD2  . TRP A 1 82  ? 0.522   20.303  -8.509  1.00 47.83  ?  131 TRP A CD2  1 
ATOM   586  N  NE1  . TRP A 1 82  ? 1.383   22.190  -7.659  1.00 43.65  ?  131 TRP A NE1  1 
ATOM   587  C  CE2  . TRP A 1 82  ? 0.374   21.703  -8.449  1.00 44.71  ?  131 TRP A CE2  1 
ATOM   588  C  CE3  . TRP A 1 82  ? -0.392  19.559  -9.263  1.00 41.21  ?  131 TRP A CE3  1 
ATOM   589  C  CZ2  . TRP A 1 82  ? -0.652  22.373  -9.113  1.00 43.04  ?  131 TRP A CZ2  1 
ATOM   590  C  CZ3  . TRP A 1 82  ? -1.409  20.228  -9.919  1.00 48.22  ?  131 TRP A CZ3  1 
ATOM   591  C  CH2  . TRP A 1 82  ? -1.530  21.620  -9.841  1.00 44.03  ?  131 TRP A CH2  1 
ATOM   592  N  N    . TRP A 1 83  ? -0.562  17.707  -6.617  1.00 43.59  ?  132 TRP A N    1 
ATOM   593  C  CA   . TRP A 1 83  ? -1.974  18.039  -6.468  1.00 40.55  ?  132 TRP A CA   1 
ATOM   594  C  C    . TRP A 1 83  ? -2.503  17.628  -5.099  1.00 42.60  ?  132 TRP A C    1 
ATOM   595  O  O    . TRP A 1 83  ? -3.293  18.361  -4.491  1.00 42.33  ?  132 TRP A O    1 
ATOM   596  C  CB   . TRP A 1 83  ? -2.790  17.378  -7.577  1.00 43.04  ?  132 TRP A CB   1 
ATOM   597  C  CG   . TRP A 1 83  ? -4.223  17.833  -7.619  1.00 45.62  ?  132 TRP A CG   1 
ATOM   598  C  CD1  . TRP A 1 83  ? -4.726  18.889  -8.322  1.00 40.73  ?  132 TRP A CD1  1 
ATOM   599  C  CD2  . TRP A 1 83  ? -5.337  17.238  -6.939  1.00 43.19  ?  132 TRP A CD2  1 
ATOM   600  N  NE1  . TRP A 1 83  ? -6.081  18.992  -8.119  1.00 44.29  ?  132 TRP A NE1  1 
ATOM   601  C  CE2  . TRP A 1 83  ? -6.481  17.992  -7.274  1.00 43.86  ?  132 TRP A CE2  1 
ATOM   602  C  CE3  . TRP A 1 83  ? -5.476  16.143  -6.079  1.00 33.30  ?  132 TRP A CE3  1 
ATOM   603  C  CZ2  . TRP A 1 83  ? -7.750  17.687  -6.779  1.00 39.11  ?  132 TRP A CZ2  1 
ATOM   604  C  CZ3  . TRP A 1 83  ? -6.736  15.840  -5.588  1.00 40.26  ?  132 TRP A CZ3  1 
ATOM   605  C  CH2  . TRP A 1 83  ? -7.857  16.611  -5.938  1.00 44.67  ?  132 TRP A CH2  1 
ATOM   606  N  N    . ALA A 1 84  ? -2.090  16.466  -4.599  1.00 38.42  ?  133 ALA A N    1 
ATOM   607  C  CA   . ALA A 1 84  ? -2.574  15.991  -3.309  1.00 39.37  ?  133 ALA A CA   1 
ATOM   608  C  C    . ALA A 1 84  ? -1.772  16.536  -2.135  1.00 42.72  ?  133 ALA A C    1 
ATOM   609  O  O    . ALA A 1 84  ? -2.112  16.240  -0.983  1.00 40.93  ?  133 ALA A O    1 
ATOM   610  C  CB   . ALA A 1 84  ? -2.568  14.460  -3.272  1.00 39.11  ?  133 ALA A CB   1 
ATOM   611  N  N    . GLY A 1 85  ? -0.729  17.319  -2.394  1.00 41.07  ?  134 GLY A N    1 
ATOM   612  C  CA   . GLY A 1 85  ? 0.082   17.877  -1.331  1.00 40.65  ?  134 GLY A CA   1 
ATOM   613  C  C    . GLY A 1 85  ? 0.894   16.827  -0.608  1.00 43.86  ?  134 GLY A C    1 
ATOM   614  O  O    . GLY A 1 85  ? 0.937   16.807  0.627   1.00 45.26  ?  134 GLY A O    1 
ATOM   615  N  N    . ILE A 1 86  ? 1.542   15.944  -1.363  1.00 41.59  ?  135 ILE A N    1 
ATOM   616  C  CA   . ILE A 1 86  ? 2.321   14.844  -0.807  1.00 52.55  ?  135 ILE A CA   1 
ATOM   617  C  C    . ILE A 1 86  ? 3.799   15.138  -1.004  1.00 44.42  ?  135 ILE A C    1 
ATOM   618  O  O    . ILE A 1 86  ? 4.219   15.575  -2.082  1.00 46.69  ?  135 ILE A O    1 
ATOM   619  C  CB   . ILE A 1 86  ? 1.949   13.494  -1.452  1.00 50.25  ?  135 ILE A CB   1 
ATOM   620  C  CG1  . ILE A 1 86  ? 0.457   13.207  -1.280  1.00 47.66  ?  135 ILE A CG1  1 
ATOM   621  C  CG2  . ILE A 1 86  ? 2.777   12.374  -0.844  1.00 45.44  ?  135 ILE A CG2  1 
ATOM   622  C  CD1  . ILE A 1 86  ? 0.035   11.852  -1.809  1.00 41.78  ?  135 ILE A CD1  1 
ATOM   623  N  N    . LYS A 1 87  ? 4.586   14.894  0.038   1.00 49.73  ?  136 LYS A N    1 
ATOM   624  C  CA   . LYS A 1 87  ? 6.033   15.034  -0.018  1.00 58.57  ?  136 LYS A CA   1 
ATOM   625  C  C    . LYS A 1 87  ? 6.682   13.657  0.030   1.00 55.13  ?  136 LYS A C    1 
ATOM   626  O  O    . LYS A 1 87  ? 6.132   12.715  0.607   1.00 54.18  ?  136 LYS A O    1 
ATOM   627  C  CB   . LYS A 1 87  ? 6.555   15.892  1.139   1.00 59.51  ?  136 LYS A CB   1 
ATOM   628  C  CG   . LYS A 1 87  ? 5.791   17.188  1.368   1.00 67.11  ?  136 LYS A CG   1 
ATOM   629  C  CD   . LYS A 1 87  ? 6.380   18.346  0.579   1.00 60.45  ?  136 LYS A CD   1 
ATOM   630  C  CE   . LYS A 1 87  ? 6.253   18.135  -0.918  1.00 63.96  ?  136 LYS A CE   1 
ATOM   631  N  NZ   . LYS A 1 87  ? 6.709   19.337  -1.675  1.00 63.24  ?  136 LYS A NZ   1 
ATOM   632  N  N    . GLN A 1 88  ? 7.855   13.547  -0.585  1.00 56.38  ?  137 GLN A N    1 
ATOM   633  C  CA   . GLN A 1 88  ? 8.615   12.309  -0.516  1.00 65.79  ?  137 GLN A CA   1 
ATOM   634  C  C    . GLN A 1 88  ? 9.445   12.274  0.764   1.00 68.49  ?  137 GLN A C    1 
ATOM   635  O  O    . GLN A 1 88  ? 9.689   13.299  1.406   1.00 70.53  ?  137 GLN A O    1 
ATOM   636  C  CB   . GLN A 1 88  ? 9.517   12.154  -1.744  1.00 56.88  ?  137 GLN A CB   1 
ATOM   637  C  CG   . GLN A 1 88  ? 10.328  10.863  -1.754  1.00 61.22  ?  137 GLN A CG   1 
ATOM   638  C  CD   . GLN A 1 88  ? 11.005  10.593  -3.085  1.00 60.96  ?  137 GLN A CD   1 
ATOM   639  O  OE1  . GLN A 1 88  ? 10.833  11.337  -4.052  1.00 65.91  ?  137 GLN A OE1  1 
ATOM   640  N  NE2  . GLN A 1 88  ? 11.779  9.516   -3.140  1.00 56.40  ?  137 GLN A NE2  1 
ATOM   641  N  N    . GLU A 1 89  ? 9.875   11.074  1.136   1.00 72.37  ?  138 GLU A N    1 
ATOM   642  C  CA   . GLU A 1 89  ? 10.675  10.901  2.343   1.00 75.95  ?  138 GLU A CA   1 
ATOM   643  C  C    . GLU A 1 89  ? 11.633  9.724   2.207   1.00 67.93  ?  138 GLU A C    1 
ATOM   644  O  O    . GLU A 1 89  ? 11.870  9.232   1.103   1.00 77.42  ?  138 GLU A O    1 
ATOM   645  C  CB   . GLU A 1 89  ? 9.768   10.708  3.557   1.00 73.44  ?  138 GLU A CB   1 
ATOM   646  C  CG   . GLU A 1 89  ? 10.512  10.484  4.861   1.00 85.57  ?  138 GLU A CG   1 
ATOM   647  C  CD   . GLU A 1 89  ? 9.572   10.315  6.038   1.00 83.03  ?  138 GLU A CD   1 
ATOM   648  O  OE1  . GLU A 1 89  ? 8.943   11.313  6.454   1.00 78.37  ?  138 GLU A OE1  1 
ATOM   649  O  OE2  . GLU A 1 89  ? 9.449   9.177   6.536   1.00 86.44  ?  138 GLU A OE2  1 
ATOM   650  N  N    . GLU A 1 103 ? 11.023  -3.900  7.058   1.00 89.03  ?  152 GLU A N    1 
ATOM   651  C  CA   . GLU A 1 103 ? 9.594   -4.082  6.828   1.00 96.99  ?  152 GLU A CA   1 
ATOM   652  C  C    . GLU A 1 103 ? 9.182   -5.540  6.967   1.00 92.82  ?  152 GLU A C    1 
ATOM   653  O  O    . GLU A 1 103 ? 8.614   -5.942  7.985   1.00 90.98  ?  152 GLU A O    1 
ATOM   654  C  CB   . GLU A 1 103 ? 9.199   -3.568  5.441   1.00 93.74  ?  152 GLU A CB   1 
ATOM   655  C  CG   . GLU A 1 103 ? 9.186   -2.053  5.313   1.00 92.94  ?  152 GLU A CG   1 
ATOM   656  C  CD   . GLU A 1 103 ? 8.028   -1.413  6.056   1.00 91.19  ?  152 GLU A CD   1 
ATOM   657  O  OE1  . GLU A 1 103 ? 7.571   -0.332  5.626   1.00 73.22  ?  152 GLU A OE1  1 
ATOM   658  O  OE2  . GLU A 1 103 ? 7.572   -1.994  7.065   1.00 89.85  ?  152 GLU A OE2  1 
ATOM   659  N  N    . SER A 1 104 ? 9.473   -6.331  5.936   1.00 89.47  ?  153 SER A N    1 
ATOM   660  C  CA   . SER A 1 104 ? 9.025   -7.711  5.794   1.00 97.09  ?  153 SER A CA   1 
ATOM   661  C  C    . SER A 1 104 ? 7.538   -7.794  5.480   1.00 96.81  ?  153 SER A C    1 
ATOM   662  O  O    . SER A 1 104 ? 7.000   -8.904  5.376   1.00 87.21  ?  153 SER A O    1 
ATOM   663  C  CB   . SER A 1 104 ? 9.322   -8.557  7.042   1.00 111.55 ?  153 SER A CB   1 
ATOM   664  O  OG   . SER A 1 104 ? 8.857   -9.887  6.884   1.00 102.17 ?  153 SER A OG   1 
ATOM   665  N  N    . MET A 1 105 ? 6.851   -6.657  5.332   1.00 103.22 ?  154 MET A N    1 
ATOM   666  C  CA   . MET A 1 105 ? 5.430   -6.692  5.005   1.00 90.55  ?  154 MET A CA   1 
ATOM   667  C  C    . MET A 1 105 ? 5.191   -7.392  3.676   1.00 78.97  ?  154 MET A C    1 
ATOM   668  O  O    . MET A 1 105 ? 4.226   -8.148  3.533   1.00 82.98  ?  154 MET A O    1 
ATOM   669  C  CB   . MET A 1 105 ? 4.860   -5.274  4.980   1.00 85.32  ?  154 MET A CB   1 
ATOM   670  C  CG   . MET A 1 105 ? 4.784   -4.611  6.351   1.00 91.63  ?  154 MET A CG   1 
ATOM   671  S  SD   . MET A 1 105 ? 3.705   -5.492  7.498   1.00 84.59  ?  154 MET A SD   1 
ATOM   672  C  CE   . MET A 1 105 ? 3.755   -4.406  8.924   1.00 63.98  ?  154 MET A CE   1 
ATOM   673  N  N    . ASN A 1 106 ? 6.058   -7.154  2.689   1.00 80.71  ?  155 ASN A N    1 
ATOM   674  C  CA   . ASN A 1 106 ? 5.938   -7.880  1.429   1.00 83.25  ?  155 ASN A CA   1 
ATOM   675  C  C    . ASN A 1 106 ? 6.077   -9.381  1.638   1.00 87.96  ?  155 ASN A C    1 
ATOM   676  O  O    . ASN A 1 106 ? 5.439   -10.172 0.929   1.00 87.05  ?  155 ASN A O    1 
ATOM   677  C  CB   . ASN A 1 106 ? 6.986   -7.380  0.433   1.00 79.31  ?  155 ASN A CB   1 
ATOM   678  C  CG   . ASN A 1 106 ? 6.724   -5.958  -0.026  1.00 89.20  ?  155 ASN A CG   1 
ATOM   679  O  OD1  . ASN A 1 106 ? 5.773   -5.313  0.418   1.00 79.85  ?  155 ASN A OD1  1 
ATOM   680  N  ND2  . ASN A 1 106 ? 7.575   -5.459  -0.916  1.00 84.95  ?  155 ASN A ND2  1 
ATOM   681  N  N    . LYS A 1 107 ? 6.890   -9.794  2.611   1.00 91.75  ?  156 LYS A N    1 
ATOM   682  C  CA   . LYS A 1 107 ? 7.093   -11.215 2.864   1.00 90.68  ?  156 LYS A CA   1 
ATOM   683  C  C    . LYS A 1 107 ? 5.909   -11.828 3.605   1.00 81.88  ?  156 LYS A C    1 
ATOM   684  O  O    . LYS A 1 107 ? 5.467   -12.928 3.261   1.00 82.23  ?  156 LYS A O    1 
ATOM   685  C  CB   . LYS A 1 107 ? 8.392   -11.424 3.641   1.00 95.08  ?  156 LYS A CB   1 
ATOM   686  C  CG   . LYS A 1 107 ? 9.620   -10.884 2.921   1.00 99.27  ?  156 LYS A CG   1 
ATOM   687  C  CD   . LYS A 1 107 ? 10.879  -11.047 3.753   1.00 104.95 ?  156 LYS A CD   1 
ATOM   688  C  CE   . LYS A 1 107 ? 12.097  -10.517 3.011   1.00 107.10 ?  156 LYS A CE   1 
ATOM   689  N  NZ   . LYS A 1 107 ? 13.348  -10.686 3.802   1.00 113.83 ?  156 LYS A NZ   1 
ATOM   690  N  N    . GLU A 1 108 ? 5.387   -11.139 4.621   1.00 73.32  ?  157 GLU A N    1 
ATOM   691  C  CA   . GLU A 1 108 ? 4.183   -11.619 5.296   1.00 74.42  ?  157 GLU A CA   1 
ATOM   692  C  C    . GLU A 1 108 ? 3.010   -11.695 4.324   1.00 82.67  ?  157 GLU A C    1 
ATOM   693  O  O    . GLU A 1 108 ? 2.328   -12.725 4.224   1.00 80.00  ?  157 GLU A O    1 
ATOM   694  C  CB   . GLU A 1 108 ? 3.854   -10.706 6.480   1.00 74.42  ?  157 GLU A CB   1 
ATOM   695  C  CG   . GLU A 1 108 ? 2.420   -10.804 6.974   1.00 79.66  ?  157 GLU A CG   1 
ATOM   696  C  CD   . GLU A 1 108 ? 2.077   -12.171 7.537   1.00 92.78  ?  157 GLU A CD   1 
ATOM   697  O  OE1  . GLU A 1 108 ? 2.933   -13.078 7.473   1.00 94.91  ?  157 GLU A OE1  1 
ATOM   698  O  OE2  . GLU A 1 108 ? 0.949   -12.335 8.048   1.00 97.74  ?  157 GLU A OE2  1 
ATOM   699  N  N    . LEU A 1 109 ? 2.765   -10.605 3.592   1.00 72.20  ?  158 LEU A N    1 
ATOM   700  C  CA   . LEU A 1 109 ? 1.692   -10.591 2.605   1.00 66.69  ?  158 LEU A CA   1 
ATOM   701  C  C    . LEU A 1 109 ? 1.868   -11.710 1.589   1.00 67.86  ?  158 LEU A C    1 
ATOM   702  O  O    . LEU A 1 109 ? 0.900   -12.391 1.236   1.00 56.87  ?  158 LEU A O    1 
ATOM   703  C  CB   . LEU A 1 109 ? 1.641   -9.231  1.908   1.00 71.11  ?  158 LEU A CB   1 
ATOM   704  C  CG   . LEU A 1 109 ? 0.469   -8.996  0.952   1.00 61.38  ?  158 LEU A CG   1 
ATOM   705  C  CD1  . LEU A 1 109 ? -0.857  -9.076  1.698   1.00 57.67  ?  158 LEU A CD1  1 
ATOM   706  C  CD2  . LEU A 1 109 ? 0.613   -7.654  0.257   1.00 62.40  ?  158 LEU A CD2  1 
ATOM   707  N  N    . LYS A 1 110 ? 3.095   -11.914 1.100   1.00 65.35  ?  159 LYS A N    1 
ATOM   708  C  CA   . LYS A 1 110 ? 3.334   -13.046 0.210   1.00 66.49  ?  159 LYS A CA   1 
ATOM   709  C  C    . LYS A 1 110 ? 3.038   -14.369 0.904   1.00 61.92  ?  159 LYS A C    1 
ATOM   710  O  O    . LYS A 1 110 ? 2.599   -15.329 0.258   1.00 62.28  ?  159 LYS A O    1 
ATOM   711  C  CB   . LYS A 1 110 ? 4.773   -13.029 -0.305  1.00 69.44  ?  159 LYS A CB   1 
ATOM   712  C  CG   . LYS A 1 110 ? 5.030   -12.019 -1.409  1.00 74.34  ?  159 LYS A CG   1 
ATOM   713  C  CD   . LYS A 1 110 ? 6.202   -12.455 -2.276  1.00 82.10  ?  159 LYS A CD   1 
ATOM   714  C  CE   . LYS A 1 110 ? 6.492   -11.449 -3.375  1.00 73.39  ?  159 LYS A CE   1 
ATOM   715  N  NZ   . LYS A 1 110 ? 6.959   -10.152 -2.815  1.00 86.31  ?  159 LYS A NZ   1 
ATOM   716  N  N    . LYS A 1 111 ? 3.261   -14.438 2.215   1.00 58.42  ?  160 LYS A N    1 
ATOM   717  C  CA   . LYS A 1 111 ? 2.940   -15.646 2.961   1.00 63.81  ?  160 LYS A CA   1 
ATOM   718  C  C    . LYS A 1 111 ? 1.444   -15.929 2.906   1.00 63.43  ?  160 LYS A C    1 
ATOM   719  O  O    . LYS A 1 111 ? 1.012   -16.991 2.442   1.00 63.40  ?  160 LYS A O    1 
ATOM   720  C  CB   . LYS A 1 111 ? 3.418   -15.510 4.408   1.00 66.43  ?  160 LYS A CB   1 
ATOM   721  C  CG   . LYS A 1 111 ? 3.087   -16.704 5.292   1.00 78.43  ?  160 LYS A CG   1 
ATOM   722  C  CD   . LYS A 1 111 ? 3.609   -16.518 6.710   1.00 80.19  ?  160 LYS A CD   1 
ATOM   723  C  CE   . LYS A 1 111 ? 5.129   -16.451 6.737   1.00 87.81  ?  160 LYS A CE   1 
ATOM   724  N  NZ   . LYS A 1 111 ? 5.663   -16.396 8.127   1.00 85.12  ?  160 LYS A NZ   1 
ATOM   725  N  N    . ILE A 1 112 ? 0.635   -14.969 3.359   1.00 59.62  ?  161 ILE A N    1 
ATOM   726  C  CA   . ILE A 1 112 ? -0.814  -15.160 3.354   1.00 56.16  ?  161 ILE A CA   1 
ATOM   727  C  C    . ILE A 1 112 ? -1.317  -15.423 1.937   1.00 60.77  ?  161 ILE A C    1 
ATOM   728  O  O    . ILE A 1 112 ? -2.185  -16.282 1.717   1.00 53.72  ?  161 ILE A O    1 
ATOM   729  C  CB   . ILE A 1 112 ? -1.508  -13.945 3.994   1.00 59.56  ?  161 ILE A CB   1 
ATOM   730  C  CG1  . ILE A 1 112 ? -0.919  -13.680 5.383   1.00 56.14  ?  161 ILE A CG1  1 
ATOM   731  C  CG2  . ILE A 1 112 ? -3.007  -14.172 4.078   1.00 58.16  ?  161 ILE A CG2  1 
ATOM   732  C  CD1  . ILE A 1 112 ? -1.441  -12.432 6.043   1.00 62.00  ?  161 ILE A CD1  1 
ATOM   733  N  N    . ILE A 1 113 ? -0.778  -14.699 0.952   1.00 47.00  ?  162 ILE A N    1 
ATOM   734  C  CA   . ILE A 1 113 ? -1.168  -14.932 -0.436  1.00 48.31  ?  162 ILE A CA   1 
ATOM   735  C  C    . ILE A 1 113 ? -0.931  -16.388 -0.811  1.00 58.84  ?  162 ILE A C    1 
ATOM   736  O  O    . ILE A 1 113 ? -1.811  -17.059 -1.362  1.00 59.35  ?  162 ILE A O    1 
ATOM   737  C  CB   . ILE A 1 113 ? -0.413  -13.979 -1.382  1.00 55.47  ?  162 ILE A CB   1 
ATOM   738  C  CG1  . ILE A 1 113 ? -0.796  -12.523 -1.105  1.00 53.76  ?  162 ILE A CG1  1 
ATOM   739  C  CG2  . ILE A 1 113 ? -0.702  -14.334 -2.834  1.00 43.34  ?  162 ILE A CG2  1 
ATOM   740  C  CD1  . ILE A 1 113 ? -0.135  -11.529 -2.039  1.00 48.86  ?  162 ILE A CD1  1 
ATOM   741  N  N    . GLY A 1 114 ? 0.268   -16.901 -0.517  1.00 58.50  ?  163 GLY A N    1 
ATOM   742  C  CA   . GLY A 1 114 ? 0.528   -18.309 -0.759  1.00 52.85  ?  163 GLY A CA   1 
ATOM   743  C  C    . GLY A 1 114 ? -0.471  -19.211 -0.060  1.00 49.77  ?  163 GLY A C    1 
ATOM   744  O  O    . GLY A 1 114 ? -0.923  -20.211 -0.624  1.00 50.50  ?  163 GLY A O    1 
ATOM   745  N  N    . GLN A 1 115 ? -0.845  -18.858 1.170   1.00 53.07  ?  164 GLN A N    1 
ATOM   746  C  CA   . GLN A 1 115 ? -1.793  -19.679 1.920   1.00 57.52  ?  164 GLN A CA   1 
ATOM   747  C  C    . GLN A 1 115 ? -3.162  -19.731 1.248   1.00 58.26  ?  164 GLN A C    1 
ATOM   748  O  O    . GLN A 1 115 ? -3.802  -20.788 1.226   1.00 65.68  ?  164 GLN A O    1 
ATOM   749  C  CB   . GLN A 1 115 ? -1.924  -19.150 3.346   1.00 55.05  ?  164 GLN A CB   1 
ATOM   750  C  CG   . GLN A 1 115 ? -0.629  -19.177 4.131   1.00 57.80  ?  164 GLN A CG   1 
ATOM   751  C  CD   . GLN A 1 115 ? -0.762  -18.511 5.480   1.00 66.74  ?  164 GLN A CD   1 
ATOM   752  O  OE1  . GLN A 1 115 ? -1.693  -17.738 5.716   1.00 72.62  ?  164 GLN A OE1  1 
ATOM   753  N  NE2  . GLN A 1 115 ? 0.168   -18.807 6.380   1.00 68.82  ?  164 GLN A NE2  1 
ATOM   754  N  N    . VAL A 1 116 ? -3.633  -18.610 0.693   1.00 60.76  ?  165 VAL A N    1 
ATOM   755  C  CA   . VAL A 1 116 ? -5.000  -18.534 0.187   1.00 53.14  ?  165 VAL A CA   1 
ATOM   756  C  C    . VAL A 1 116 ? -5.085  -18.673 -1.327  1.00 61.18  ?  165 VAL A C    1 
ATOM   757  O  O    . VAL A 1 116 ? -6.191  -18.600 -1.880  1.00 61.29  ?  165 VAL A O    1 
ATOM   758  C  CB   . VAL A 1 116 ? -5.682  -17.222 0.629   1.00 61.86  ?  165 VAL A CB   1 
ATOM   759  C  CG1  . VAL A 1 116 ? -5.534  -17.019 2.128   1.00 52.32  ?  165 VAL A CG1  1 
ATOM   760  C  CG2  . VAL A 1 116 ? -5.118  -16.029 -0.144  1.00 44.47  ?  165 VAL A CG2  1 
ATOM   761  N  N    . ARG A 1 117 ? -3.961  -18.892 -2.016  1.00 58.61  ?  166 ARG A N    1 
ATOM   762  C  CA   . ARG A 1 117 ? -3.954  -18.757 -3.473  1.00 56.51  ?  166 ARG A CA   1 
ATOM   763  C  C    . ARG A 1 117 ? -4.898  -19.738 -4.158  1.00 61.44  ?  166 ARG A C    1 
ATOM   764  O  O    . ARG A 1 117 ? -5.418  -19.440 -5.240  1.00 61.90  ?  166 ARG A O    1 
ATOM   765  C  CB   . ARG A 1 117 ? -2.539  -18.938 -4.021  1.00 53.88  ?  166 ARG A CB   1 
ATOM   766  C  CG   . ARG A 1 117 ? -2.441  -18.777 -5.539  1.00 55.64  ?  166 ARG A CG   1 
ATOM   767  C  CD   . ARG A 1 117 ? -2.900  -17.385 -5.974  1.00 55.55  ?  166 ARG A CD   1 
ATOM   768  N  NE   . ARG A 1 117 ? -2.765  -17.150 -7.413  1.00 48.02  ?  166 ARG A NE   1 
ATOM   769  C  CZ   . ARG A 1 117 ? -3.762  -17.254 -8.289  1.00 54.29  ?  166 ARG A CZ   1 
ATOM   770  N  NH1  . ARG A 1 117 ? -4.978  -17.596 -7.884  1.00 52.20  ?  166 ARG A NH1  1 
ATOM   771  N  NH2  . ARG A 1 117 ? -3.546  -17.011 -9.573  1.00 55.00  ?  166 ARG A NH2  1 
ATOM   772  N  N    . ASP A 1 118 ? -5.126  -20.911 -3.566  1.00 70.94  ?  167 ASP A N    1 
ATOM   773  C  CA   . ASP A 1 118 ? -5.900  -21.939 -4.253  1.00 68.14  ?  167 ASP A CA   1 
ATOM   774  C  C    . ASP A 1 118 ? -7.404  -21.714 -4.163  1.00 67.38  ?  167 ASP A C    1 
ATOM   775  O  O    . ASP A 1 118 ? -8.150  -22.304 -4.954  1.00 62.50  ?  167 ASP A O    1 
ATOM   776  C  CB   . ASP A 1 118 ? -5.552  -23.327 -3.707  1.00 73.62  ?  167 ASP A CB   1 
ATOM   777  C  CG   . ASP A 1 118 ? -5.842  -23.465 -2.225  1.00 79.77  ?  167 ASP A CG   1 
ATOM   778  O  OD1  . ASP A 1 118 ? -5.589  -22.502 -1.470  1.00 81.83  ?  167 ASP A OD1  1 
ATOM   779  O  OD2  . ASP A 1 118 ? -6.323  -24.542 -1.814  1.00 91.10  ?  167 ASP A OD2  1 
ATOM   780  N  N    . GLN A 1 119 ? -7.866  -20.880 -3.226  1.00 65.95  ?  168 GLN A N    1 
ATOM   781  C  CA   . GLN A 1 119 ? -9.288  -20.580 -3.101  1.00 62.93  ?  168 GLN A CA   1 
ATOM   782  C  C    . GLN A 1 119 ? -9.809  -19.656 -4.192  1.00 64.95  ?  168 GLN A C    1 
ATOM   783  O  O    . GLN A 1 119 ? -11.030 -19.500 -4.315  1.00 64.18  ?  168 GLN A O    1 
ATOM   784  C  CB   . GLN A 1 119 ? -9.589  -19.938 -1.742  1.00 64.28  ?  168 GLN A CB   1 
ATOM   785  C  CG   . GLN A 1 119 ? -9.535  -20.884 -0.556  1.00 67.98  ?  168 GLN A CG   1 
ATOM   786  C  CD   . GLN A 1 119 ? -8.190  -20.870 0.136   1.00 68.71  ?  168 GLN A CD   1 
ATOM   787  O  OE1  . GLN A 1 119 ? -7.174  -20.528 -0.468  1.00 77.95  ?  168 GLN A OE1  1 
ATOM   788  N  NE2  . GLN A 1 119 ? -8.177  -21.233 1.413   1.00 61.85  ?  168 GLN A NE2  1 
ATOM   789  N  N    . ALA A 1 120 ? -8.932  -19.033 -4.975  1.00 55.20  ?  169 ALA A N    1 
ATOM   790  C  CA   . ALA A 1 120 ? -9.343  -18.017 -5.930  1.00 54.80  ?  169 ALA A CA   1 
ATOM   791  C  C    . ALA A 1 120 ? -8.682  -18.262 -7.274  1.00 56.53  ?  169 ALA A C    1 
ATOM   792  O  O    . ALA A 1 120 ? -7.513  -18.653 -7.340  1.00 59.57  ?  169 ALA A O    1 
ATOM   793  C  CB   . ALA A 1 120 ? -8.997  -16.607 -5.428  1.00 48.59  ?  169 ALA A CB   1 
ATOM   794  N  N    . GLU A 1 121 ? -9.441  -18.026 -8.344  1.00 47.36  ?  170 GLU A N    1 
ATOM   795  C  CA   . GLU A 1 121 ? -8.905  -18.176 -9.691  1.00 49.96  ?  170 GLU A CA   1 
ATOM   796  C  C    . GLU A 1 121 ? -7.828  -17.133 -9.971  1.00 53.95  ?  170 GLU A C    1 
ATOM   797  O  O    . GLU A 1 121 ? -6.682  -17.475 -10.284 1.00 57.80  ?  170 GLU A O    1 
ATOM   798  C  CB   . GLU A 1 121 ? -10.038 -18.073 -10.714 1.00 48.99  ?  170 GLU A CB   1 
ATOM   799  C  CG   . GLU A 1 121 ? -9.592  -18.178 -12.158 1.00 48.88  ?  170 GLU A CG   1 
ATOM   800  C  CD   . GLU A 1 121 ? -10.729 -17.950 -13.130 1.00 65.05  ?  170 GLU A CD   1 
ATOM   801  O  OE1  . GLU A 1 121 ? -10.473 -17.457 -14.250 1.00 72.61  ?  170 GLU A OE1  1 
ATOM   802  O  OE2  . GLU A 1 121 ? -11.884 -18.257 -12.770 1.00 61.96  ?  170 GLU A OE2  1 
ATOM   803  N  N    . HIS A 1 122 ? -8.177  -15.855 -9.854  1.00 53.26  ?  171 HIS A N    1 
ATOM   804  C  CA   . HIS A 1 122 ? -7.279  -14.769 -10.222 1.00 46.74  ?  171 HIS A CA   1 
ATOM   805  C  C    . HIS A 1 122 ? -6.373  -14.383 -9.059  1.00 45.60  ?  171 HIS A C    1 
ATOM   806  O  O    . HIS A 1 122 ? -6.742  -14.496 -7.889  1.00 50.80  ?  171 HIS A O    1 
ATOM   807  C  CB   . HIS A 1 122 ? -8.069  -13.544 -10.676 1.00 48.30  ?  171 HIS A CB   1 
ATOM   808  C  CG   . HIS A 1 122 ? -9.084  -13.833 -11.736 1.00 50.03  ?  171 HIS A CG   1 
ATOM   809  N  ND1  . HIS A 1 122 ? -8.747  -14.025 -13.059 1.00 57.71  ?  171 HIS A ND1  1 
ATOM   810  C  CD2  . HIS A 1 122 ? -10.431 -13.947 -11.671 1.00 49.13  ?  171 HIS A CD2  1 
ATOM   811  C  CE1  . HIS A 1 122 ? -9.842  -14.252 -13.762 1.00 54.18  ?  171 HIS A CE1  1 
ATOM   812  N  NE2  . HIS A 1 122 ? -10.877 -14.209 -12.944 1.00 62.36  ?  171 HIS A NE2  1 
ATOM   813  N  N    . LEU A 1 123 ? -5.176  -13.901 -9.401  1.00 50.13  ?  172 LEU A N    1 
ATOM   814  C  CA   . LEU A 1 123 ? -4.234  -13.471 -8.373  1.00 50.82  ?  172 LEU A CA   1 
ATOM   815  C  C    . LEU A 1 123 ? -4.772  -12.283 -7.582  1.00 43.48  ?  172 LEU A C    1 
ATOM   816  O  O    . LEU A 1 123 ? -4.558  -12.198 -6.368  1.00 47.31  ?  172 LEU A O    1 
ATOM   817  C  CB   . LEU A 1 123 ? -2.886  -13.125 -9.007  1.00 47.69  ?  172 LEU A CB   1 
ATOM   818  C  CG   . LEU A 1 123 ? -1.846  -12.514 -8.067  1.00 44.84  ?  172 LEU A CG   1 
ATOM   819  C  CD1  . LEU A 1 123 ? -1.622  -13.402 -6.853  1.00 44.14  ?  172 LEU A CD1  1 
ATOM   820  C  CD2  . LEU A 1 123 ? -0.533  -12.262 -8.793  1.00 51.54  ?  172 LEU A CD2  1 
ATOM   821  N  N    . LYS A 1 124 ? -5.467  -11.355 -8.245  1.00 44.36  ?  173 LYS A N    1 
ATOM   822  C  CA   . LYS A 1 124 ? -5.910  -10.143 -7.559  1.00 47.68  ?  173 LYS A CA   1 
ATOM   823  C  C    . LYS A 1 124 ? -6.890  -10.468 -6.438  1.00 39.75  ?  173 LYS A C    1 
ATOM   824  O  O    . LYS A 1 124 ? -6.882  -9.820  -5.382  1.00 40.96  ?  173 LYS A O    1 
ATOM   825  C  CB   . LYS A 1 124 ? -6.528  -9.167  -8.564  1.00 46.01  ?  173 LYS A CB   1 
ATOM   826  C  CG   . LYS A 1 124 ? -7.684  -9.736  -9.364  1.00 46.27  ?  173 LYS A CG   1 
ATOM   827  C  CD   . LYS A 1 124 ? -8.318  -8.664  -10.238 1.00 44.93  ?  173 LYS A CD   1 
ATOM   828  C  CE   . LYS A 1 124 ? -9.559  -9.193  -10.933 1.00 51.69  ?  173 LYS A CE   1 
ATOM   829  N  NZ   . LYS A 1 124 ? -10.228 -8.155  -11.758 1.00 50.94  ?  173 LYS A NZ   1 
ATOM   830  N  N    . THR A 1 125 ? -7.740  -11.477 -6.647  1.00 39.91  ?  174 THR A N    1 
ATOM   831  C  CA   . THR A 1 125 ? -8.657  -11.916 -5.598  1.00 39.77  ?  174 THR A CA   1 
ATOM   832  C  C    . THR A 1 125 ? -7.903  -12.422 -4.377  1.00 38.19  ?  174 THR A C    1 
ATOM   833  O  O    . THR A 1 125 ? -8.263  -12.101 -3.237  1.00 39.58  ?  174 THR A O    1 
ATOM   834  C  CB   . THR A 1 125 ? -9.569  -13.017 -6.131  1.00 40.57  ?  174 THR A CB   1 
ATOM   835  O  OG1  . THR A 1 125 ? -10.177 -12.580 -7.349  1.00 42.73  ?  174 THR A OG1  1 
ATOM   836  C  CG2  . THR A 1 125 ? -10.650 -13.361 -5.110  1.00 42.66  ?  174 THR A CG2  1 
ATOM   837  N  N    . ALA A 1 126 ? -6.862  -13.232 -4.598  1.00 41.40  ?  175 ALA A N    1 
ATOM   838  C  CA   . ALA A 1 126 ? -6.050  -13.727 -3.491  1.00 38.58  ?  175 ALA A CA   1 
ATOM   839  C  C    . ALA A 1 126 ? -5.298  -12.598 -2.809  1.00 42.53  ?  175 ALA A C    1 
ATOM   840  O  O    . ALA A 1 126 ? -5.134  -12.615 -1.584  1.00 38.47  ?  175 ALA A O    1 
ATOM   841  C  CB   . ALA A 1 126 ? -5.069  -14.788 -3.990  1.00 43.78  ?  175 ALA A CB   1 
ATOM   842  N  N    . VAL A 1 127 ? -4.834  -11.616 -3.582  1.00 42.75  ?  176 VAL A N    1 
ATOM   843  C  CA   . VAL A 1 127 ? -4.182  -10.447 -3.000  1.00 37.81  ?  176 VAL A CA   1 
ATOM   844  C  C    . VAL A 1 127 ? -5.133  -9.733  -2.051  1.00 43.32  ?  176 VAL A C    1 
ATOM   845  O  O    . VAL A 1 127 ? -4.781  -9.422  -0.907  1.00 40.38  ?  176 VAL A O    1 
ATOM   846  C  CB   . VAL A 1 127 ? -3.683  -9.503  -4.109  1.00 45.27  ?  176 VAL A CB   1 
ATOM   847  C  CG1  . VAL A 1 127 ? -3.240  -8.170  -3.513  1.00 41.96  ?  176 VAL A CG1  1 
ATOM   848  C  CG2  . VAL A 1 127 ? -2.549  -10.152 -4.899  1.00 34.60  ?  176 VAL A CG2  1 
ATOM   849  N  N    . GLN A 1 128 ? -6.355  -9.456  -2.511  1.00 38.04  ?  177 GLN A N    1 
ATOM   850  C  CA   . GLN A 1 128 ? -7.299  -8.756  -1.646  1.00 38.05  ?  177 GLN A CA   1 
ATOM   851  C  C    . GLN A 1 128 ? -7.681  -9.611  -0.443  1.00 37.90  ?  177 GLN A C    1 
ATOM   852  O  O    . GLN A 1 128 ? -7.866  -9.085  0.660   1.00 36.83  ?  177 GLN A O    1 
ATOM   853  C  CB   . GLN A 1 128 ? -8.538  -8.338  -2.436  1.00 35.73  ?  177 GLN A CB   1 
ATOM   854  C  CG   . GLN A 1 128 ? -8.229  -7.418  -3.614  1.00 39.46  ?  177 GLN A CG   1 
ATOM   855  C  CD   . GLN A 1 128 ? -7.343  -6.244  -3.233  1.00 36.25  ?  177 GLN A CD   1 
ATOM   856  O  OE1  . GLN A 1 128 ? -7.309  -5.818  -2.077  1.00 43.34  ?  177 GLN A OE1  1 
ATOM   857  N  NE2  . GLN A 1 128 ? -6.616  -5.717  -4.207  1.00 38.72  ?  177 GLN A NE2  1 
ATOM   858  N  N    . MET A 1 129 ? -7.804  -10.928 -0.633  1.00 37.72  ?  178 MET A N    1 
ATOM   859  C  CA   . MET A 1 129 ? -8.035  -11.817 0.505   1.00 40.82  ?  178 MET A CA   1 
ATOM   860  C  C    . MET A 1 129 ? -6.922  -11.673 1.536   1.00 37.76  ?  178 MET A C    1 
ATOM   861  O  O    . MET A 1 129 ? -7.182  -11.528 2.737   1.00 36.11  ?  178 MET A O    1 
ATOM   862  C  CB   . MET A 1 129 ? -8.142  -13.269 0.030   1.00 43.35  ?  178 MET A CB   1 
ATOM   863  C  CG   . MET A 1 129 ? -9.409  -13.593 -0.745  1.00 38.46  ?  178 MET A CG   1 
ATOM   864  S  SD   . MET A 1 129 ? -9.371  -15.250 -1.467  1.00 47.08  ?  178 MET A SD   1 
ATOM   865  C  CE   . MET A 1 129 ? -9.236  -16.254 0.012   1.00 50.64  ?  178 MET A CE   1 
ATOM   866  N  N    . ALA A 1 130 ? -5.670  -11.688 1.073   1.00 36.59  ?  179 ALA A N    1 
ATOM   867  C  CA   . ALA A 1 130 ? -4.531  -11.561 1.974   1.00 39.39  ?  179 ALA A CA   1 
ATOM   868  C  C    . ALA A 1 130 ? -4.531  -10.215 2.682   1.00 40.70  ?  179 ALA A C    1 
ATOM   869  O  O    . ALA A 1 130 ? -4.243  -10.139 3.881   1.00 44.66  ?  179 ALA A O    1 
ATOM   870  C  CB   . ALA A 1 130 ? -3.229  -11.762 1.195   1.00 42.62  ?  179 ALA A CB   1 
ATOM   871  N  N    . VAL A 1 131 ? -4.836  -9.136  1.954   1.00 40.26  ?  180 VAL A N    1 
ATOM   872  C  CA   . VAL A 1 131 ? -4.954  -7.825  2.590   1.00 39.04  ?  180 VAL A CA   1 
ATOM   873  C  C    . VAL A 1 131 ? -6.000  -7.872  3.694   1.00 34.06  ?  180 VAL A C    1 
ATOM   874  O  O    . VAL A 1 131 ? -5.772  -7.399  4.812   1.00 39.62  ?  180 VAL A O    1 
ATOM   875  C  CB   . VAL A 1 131 ? -5.293  -6.746  1.544   1.00 41.54  ?  180 VAL A CB   1 
ATOM   876  C  CG1  . VAL A 1 131 ? -5.568  -5.406  2.228   1.00 29.90  ?  180 VAL A CG1  1 
ATOM   877  C  CG2  . VAL A 1 131 ? -4.170  -6.617  0.531   1.00 31.78  ?  180 VAL A CG2  1 
ATOM   878  N  N    . PHE A 1 132 ? -7.167  -8.444  3.390   1.00 38.00  ?  181 PHE A N    1 
ATOM   879  C  CA   . PHE A 1 132 ? -8.225  -8.599  4.385   1.00 41.12  ?  181 PHE A CA   1 
ATOM   880  C  C    . PHE A 1 132 ? -7.706  -9.307  5.634   1.00 39.16  ?  181 PHE A C    1 
ATOM   881  O  O    . PHE A 1 132 ? -7.827  -8.795  6.756   1.00 38.82  ?  181 PHE A O    1 
ATOM   882  C  CB   . PHE A 1 132 ? -9.392  -9.369  3.759   1.00 31.37  ?  181 PHE A CB   1 
ATOM   883  C  CG   . PHE A 1 132 ? -10.594 -9.521  4.657   1.00 39.78  ?  181 PHE A CG   1 
ATOM   884  C  CD1  . PHE A 1 132 ? -10.636 -10.513 5.628   1.00 38.71  ?  181 PHE A CD1  1 
ATOM   885  C  CD2  . PHE A 1 132 ? -11.706 -8.700  4.497   1.00 42.13  ?  181 PHE A CD2  1 
ATOM   886  C  CE1  . PHE A 1 132 ? -11.750 -10.670 6.444   1.00 41.10  ?  181 PHE A CE1  1 
ATOM   887  C  CE2  . PHE A 1 132 ? -12.827 -8.850  5.305   1.00 45.46  ?  181 PHE A CE2  1 
ATOM   888  C  CZ   . PHE A 1 132 ? -12.848 -9.840  6.283   1.00 42.77  ?  181 PHE A CZ   1 
ATOM   889  N  N    . ILE A 1 133 ? -7.115  -10.489 5.454   1.00 40.52  ?  182 ILE A N    1 
ATOM   890  C  CA   . ILE A 1 133 ? -6.629  -11.258 6.595   1.00 43.14  ?  182 ILE A CA   1 
ATOM   891  C  C    . ILE A 1 133 ? -5.625  -10.443 7.402   1.00 45.51  ?  182 ILE A C    1 
ATOM   892  O  O    . ILE A 1 133 ? -5.746  -10.315 8.627   1.00 45.75  ?  182 ILE A O    1 
ATOM   893  C  CB   . ILE A 1 133 ? -6.031  -12.596 6.120   1.00 49.43  ?  182 ILE A CB   1 
ATOM   894  C  CG1  . ILE A 1 133 ? -7.138  -13.495 5.560   1.00 39.77  ?  182 ILE A CG1  1 
ATOM   895  C  CG2  . ILE A 1 133 ? -5.287  -13.281 7.261   1.00 44.22  ?  182 ILE A CG2  1 
ATOM   896  C  CD1  . ILE A 1 133 ? -6.653  -14.555 4.583   1.00 47.11  ?  182 ILE A CD1  1 
ATOM   897  N  N    . HIS A 1 134 ? -4.631  -9.857  6.728   1.00 46.75  ?  183 HIS A N    1 
ATOM   898  C  CA   . HIS A 1 134 ? -3.596  -9.112  7.439   1.00 36.56  ?  183 HIS A CA   1 
ATOM   899  C  C    . HIS A 1 134 ? -4.185  -7.950  8.230   1.00 45.92  ?  183 HIS A C    1 
ATOM   900  O  O    . HIS A 1 134 ? -3.812  -7.721  9.386   1.00 52.45  ?  183 HIS A O    1 
ATOM   901  C  CB   . HIS A 1 134 ? -2.537  -8.596  6.463   1.00 46.83  ?  183 HIS A CB   1 
ATOM   902  C  CG   . HIS A 1 134 ? -1.632  -7.563  7.061   1.00 46.99  ?  183 HIS A CG   1 
ATOM   903  N  ND1  . HIS A 1 134 ? -0.529  -7.887  7.823   1.00 45.45  ?  183 HIS A ND1  1 
ATOM   904  C  CD2  . HIS A 1 134 ? -1.685  -6.209  7.035   1.00 38.88  ?  183 HIS A CD2  1 
ATOM   905  C  CE1  . HIS A 1 134 ? 0.066   -6.779  8.227   1.00 48.26  ?  183 HIS A CE1  1 
ATOM   906  N  NE2  . HIS A 1 134 ? -0.616  -5.746  7.762   1.00 47.83  ?  183 HIS A NE2  1 
ATOM   907  N  N    . ASN A 1 135 ? -5.092  -7.185  7.613   1.00 42.35  ?  184 ASN A N    1 
ATOM   908  C  CA   . ASN A 1 135 ? -5.642  -6.017  8.296   1.00 42.41  ?  184 ASN A CA   1 
ATOM   909  C  C    . ASN A 1 135 ? -6.548  -6.414  9.456   1.00 49.46  ?  184 ASN A C    1 
ATOM   910  O  O    . ASN A 1 135 ? -6.658  -5.668  10.437  1.00 47.91  ?  184 ASN A O    1 
ATOM   911  C  CB   . ASN A 1 135 ? -6.408  -5.125  7.313   1.00 38.74  ?  184 ASN A CB   1 
ATOM   912  C  CG   . ASN A 1 135 ? -5.483  -4.304  6.418   1.00 47.28  ?  184 ASN A CG   1 
ATOM   913  O  OD1  . ASN A 1 135 ? -4.274  -4.247  6.641   1.00 40.21  ?  184 ASN A OD1  1 
ATOM   914  N  ND2  . ASN A 1 135 ? -6.057  -3.653  5.408   1.00 41.45  ?  184 ASN A ND2  1 
ATOM   915  N  N    . LYS A 1 136 ? -7.209  -7.570  9.362   1.00 52.08  ?  185 LYS A N    1 
ATOM   916  C  CA   . LYS A 1 136 ? -8.112  -8.005  10.421  1.00 55.95  ?  185 LYS A CA   1 
ATOM   917  C  C    . LYS A 1 136 ? -7.409  -8.792  11.520  1.00 62.40  ?  185 LYS A C    1 
ATOM   918  O  O    . LYS A 1 136 ? -7.920  -8.846  12.644  1.00 69.93  ?  185 LYS A O    1 
ATOM   919  C  CB   . LYS A 1 136 ? -9.248  -8.854  9.840   1.00 53.27  ?  185 LYS A CB   1 
ATOM   920  C  CG   . LYS A 1 136 ? -10.011 -8.199  8.690   1.00 54.29  ?  185 LYS A CG   1 
ATOM   921  C  CD   . LYS A 1 136 ? -10.678 -6.895  9.119   1.00 51.28  ?  185 LYS A CD   1 
ATOM   922  C  CE   . LYS A 1 136 ? -11.570 -6.341  8.011   1.00 58.00  ?  185 LYS A CE   1 
ATOM   923  N  NZ   . LYS A 1 136 ? -12.175 -5.020  8.364   1.00 58.57  ?  185 LYS A NZ   1 
ATOM   924  N  N    . LYS A 1 137 ? -6.256  -9.391  11.223  1.00 70.49  ?  186 LYS A N    1 
ATOM   925  C  CA   . LYS A 1 137 ? -5.534  -10.198 12.200  1.00 64.56  ?  186 LYS A CA   1 
ATOM   926  C  C    . LYS A 1 137 ? -5.330  -9.432  13.501  1.00 77.67  ?  186 LYS A C    1 
ATOM   927  O  O    . LYS A 1 137 ? -4.972  -8.250  13.501  1.00 70.54  ?  186 LYS A O    1 
ATOM   928  C  CB   . LYS A 1 137 ? -4.182  -10.626 11.625  1.00 61.57  ?  186 LYS A CB   1 
ATOM   929  C  CG   . LYS A 1 137 ? -3.317  -11.439 12.578  1.00 81.04  ?  186 LYS A CG   1 
ATOM   930  C  CD   . LYS A 1 137 ? -3.548  -12.934 12.409  1.00 84.31  ?  186 LYS A CD   1 
ATOM   931  C  CE   . LYS A 1 137 ? -3.075  -13.418 11.043  1.00 84.91  ?  186 LYS A CE   1 
ATOM   932  N  NZ   . LYS A 1 137 ? -1.617  -13.184 10.835  1.00 93.82  ?  186 LYS A NZ   1 
ATOM   933  N  N    . ARG A 1 138 ? -5.565  -10.116 14.617  1.00 85.29  ?  187 ARG A N    1 
ATOM   934  C  CA   . ARG A 1 138 ? -5.360  -9.544  15.940  1.00 83.90  ?  187 ARG A CA   1 
ATOM   935  C  C    . ARG A 1 138 ? -3.925  -9.782  16.392  1.00 82.27  ?  187 ARG A C    1 
ATOM   936  O  O    . ARG A 1 138 ? -3.368  -10.864 16.187  1.00 80.29  ?  187 ARG A O    1 
ATOM   937  C  CB   . ARG A 1 138 ? -6.337  -10.153 16.947  1.00 86.85  ?  187 ARG A CB   1 
ATOM   938  C  CG   . ARG A 1 138 ? -7.776  -9.675  16.797  1.00 89.97  ?  187 ARG A CG   1 
ATOM   939  C  CD   . ARG A 1 138 ? -7.961  -8.289  17.399  1.00 92.57  ?  187 ARG A CD   1 
ATOM   940  N  NE   . ARG A 1 138 ? -9.367  -7.895  17.458  1.00 97.25  ?  187 ARG A NE   1 
ATOM   941  C  CZ   . ARG A 1 138 ? -9.813  -6.806  18.079  1.00 98.23  ?  187 ARG A CZ   1 
ATOM   942  N  NH1  . ARG A 1 138 ? -8.963  -6.000  18.700  1.00 89.99  ?  187 ARG A NH1  1 
ATOM   943  N  NH2  . ARG A 1 138 ? -11.110 -6.525  18.082  1.00 96.90  ?  187 ARG A NH2  1 
ATOM   944  N  N    . LYS A 1 139 ? -3.331  -8.764  17.005  1.00 83.86  ?  188 LYS A N    1 
ATOM   945  C  CA   . LYS A 1 139 ? -1.949  -8.851  17.460  1.00 93.54  ?  188 LYS A CA   1 
ATOM   946  C  C    . LYS A 1 139 ? -1.783  -8.239  18.848  1.00 100.76 ?  188 LYS A C    1 
ATOM   947  O  O    . LYS A 1 139 ? -1.260  -7.133  18.993  1.00 99.23  ?  188 LYS A O    1 
ATOM   948  C  CB   . LYS A 1 139 ? -1.015  -8.161  16.463  1.00 90.07  ?  188 LYS A CB   1 
ATOM   949  C  CG   . LYS A 1 139 ? -1.140  -8.687  15.040  1.00 88.79  ?  188 LYS A CG   1 
ATOM   950  C  CD   . LYS A 1 139 ? -0.125  -8.048  14.106  1.00 78.37  ?  188 LYS A CD   1 
ATOM   951  C  CE   . LYS A 1 139 ? -0.244  -8.623  12.702  1.00 81.15  ?  188 LYS A CE   1 
ATOM   952  N  NZ   . LYS A 1 139 ? 0.835   -8.136  11.799  1.00 79.34  ?  188 LYS A NZ   1 
ATOM   953  N  N    . GLY A 1 144 ? -3.959  -5.553  21.853  1.00 88.19  ?  193 GLY A N    1 
ATOM   954  C  CA   . GLY A 1 144 ? -4.122  -6.636  20.901  1.00 92.80  ?  193 GLY A CA   1 
ATOM   955  C  C    . GLY A 1 144 ? -4.957  -6.262  19.691  1.00 98.72  ?  193 GLY A C    1 
ATOM   956  O  O    . GLY A 1 144 ? -5.500  -7.131  19.007  1.00 92.24  ?  193 GLY A O    1 
ATOM   957  N  N    . TYR A 1 145 ? -5.058  -4.961  19.428  1.00 93.35  ?  194 TYR A N    1 
ATOM   958  C  CA   . TYR A 1 145 ? -5.825  -4.478  18.292  1.00 85.38  ?  194 TYR A CA   1 
ATOM   959  C  C    . TYR A 1 145 ? -5.223  -4.985  16.979  1.00 77.07  ?  194 TYR A C    1 
ATOM   960  O  O    . TYR A 1 145 ? -4.098  -5.489  16.926  1.00 73.92  ?  194 TYR A O    1 
ATOM   961  C  CB   . TYR A 1 145 ? -5.879  -2.951  18.301  1.00 81.69  ?  194 TYR A CB   1 
ATOM   962  C  CG   . TYR A 1 145 ? -6.646  -2.377  19.469  1.00 90.83  ?  194 TYR A CG   1 
ATOM   963  C  CD1  . TYR A 1 145 ? -6.062  -2.271  20.726  1.00 101.46 ?  194 TYR A CD1  1 
ATOM   964  C  CD2  . TYR A 1 145 ? -7.954  -1.938  19.316  1.00 94.68  ?  194 TYR A CD2  1 
ATOM   965  C  CE1  . TYR A 1 145 ? -6.762  -1.748  21.797  1.00 100.06 ?  194 TYR A CE1  1 
ATOM   966  C  CE2  . TYR A 1 145 ? -8.661  -1.413  20.380  1.00 104.61 ?  194 TYR A CE2  1 
ATOM   967  C  CZ   . TYR A 1 145 ? -8.062  -1.319  21.619  1.00 111.01 ?  194 TYR A CZ   1 
ATOM   968  O  OH   . TYR A 1 145 ? -8.766  -0.795  22.678  1.00 114.09 ?  194 TYR A OH   1 
ATOM   969  N  N    . SER A 1 146 ? -5.997  -4.849  15.908  1.00 77.43  ?  195 SER A N    1 
ATOM   970  C  CA   . SER A 1 146 ? -5.564  -5.233  14.573  1.00 70.01  ?  195 SER A CA   1 
ATOM   971  C  C    . SER A 1 146 ? -4.996  -4.027  13.833  1.00 61.23  ?  195 SER A C    1 
ATOM   972  O  O    . SER A 1 146 ? -5.055  -2.887  14.302  1.00 57.96  ?  195 SER A O    1 
ATOM   973  C  CB   . SER A 1 146 ? -6.725  -5.842  13.781  1.00 64.54  ?  195 SER A CB   1 
ATOM   974  O  OG   . SER A 1 146 ? -7.693  -4.854  13.477  1.00 68.20  ?  195 SER A OG   1 
ATOM   975  N  N    . ALA A 1 147 ? -4.441  -4.295  12.649  1.00 56.22  ?  196 ALA A N    1 
ATOM   976  C  CA   . ALA A 1 147 ? -3.879  -3.222  11.833  1.00 52.45  ?  196 ALA A CA   1 
ATOM   977  C  C    . ALA A 1 147 ? -4.940  -2.188  11.466  1.00 46.66  ?  196 ALA A C    1 
ATOM   978  O  O    . ALA A 1 147 ? -4.709  -0.979  11.578  1.00 49.58  ?  196 ALA A O    1 
ATOM   979  C  CB   . ALA A 1 147 ? -3.227  -3.805  10.579  1.00 49.80  ?  196 ALA A CB   1 
ATOM   980  N  N    . GLY A 1 148 ? -6.115  -2.641  11.022  1.00 46.38  ?  197 GLY A N    1 
ATOM   981  C  CA   . GLY A 1 148 ? -7.162  -1.695  10.658  1.00 48.65  ?  197 GLY A CA   1 
ATOM   982  C  C    . GLY A 1 148 ? -7.619  -0.861  11.838  1.00 53.96  ?  197 GLY A C    1 
ATOM   983  O  O    . GLY A 1 148 ? -7.744  0.370   11.748  1.00 60.82  ?  197 GLY A O    1 
ATOM   984  N  N    . GLU A 1 149 ? -7.869  -1.522  12.969  1.00 57.29  ?  198 GLU A N    1 
ATOM   985  C  CA   . GLU A 1 149 ? -8.200  -0.796  14.188  1.00 60.34  ?  198 GLU A CA   1 
ATOM   986  C  C    . GLU A 1 149 ? -7.100  0.193   14.549  1.00 55.14  ?  198 GLU A C    1 
ATOM   987  O  O    . GLU A 1 149 ? -7.384  1.333   14.937  1.00 56.00  ?  198 GLU A O    1 
ATOM   988  C  CB   . GLU A 1 149 ? -8.448  -1.783  15.329  1.00 72.51  ?  198 GLU A CB   1 
ATOM   989  C  CG   . GLU A 1 149 ? -9.592  -2.752  15.065  1.00 64.19  ?  198 GLU A CG   1 
ATOM   990  C  CD   . GLU A 1 149 ? -9.624  -3.909  16.045  1.00 75.79  ?  198 GLU A CD   1 
ATOM   991  O  OE1  . GLU A 1 149 ? -8.614  -4.127  16.745  1.00 82.07  ?  198 GLU A OE1  1 
ATOM   992  O  OE2  . GLU A 1 149 ? -10.659 -4.604  16.116  1.00 82.79  ?  198 GLU A OE2  1 
ATOM   993  N  N    . ARG A 1 150 ? -5.836  -0.214  14.404  1.00 52.00  ?  199 ARG A N    1 
ATOM   994  C  CA   . ARG A 1 150 ? -4.733  0.668   14.774  1.00 55.37  ?  199 ARG A CA   1 
ATOM   995  C  C    . ARG A 1 150 ? -4.689  1.907   13.891  1.00 59.73  ?  199 ARG A C    1 
ATOM   996  O  O    . ARG A 1 150 ? -4.559  3.026   14.394  1.00 57.74  ?  199 ARG A O    1 
ATOM   997  C  CB   . ARG A 1 150 ? -3.399  -0.078  14.718  1.00 57.13  ?  199 ARG A CB   1 
ATOM   998  C  CG   . ARG A 1 150 ? -3.022  -0.768  16.021  1.00 63.24  ?  199 ARG A CG   1 
ATOM   999  C  CD   . ARG A 1 150 ? -1.556  -1.178  16.041  1.00 60.24  ?  199 ARG A CD   1 
ATOM   1000 N  NE   . ARG A 1 150 ? -1.207  -2.056  14.927  1.00 68.38  ?  199 ARG A NE   1 
ATOM   1001 C  CZ   . ARG A 1 150 ? -1.369  -3.377  14.934  1.00 70.13  ?  199 ARG A CZ   1 
ATOM   1002 N  NH1  . ARG A 1 150 ? -1.884  -3.979  15.998  1.00 75.89  ?  199 ARG A NH1  1 
ATOM   1003 N  NH2  . ARG A 1 150 ? -1.021  -4.096  13.875  1.00 65.52  ?  199 ARG A NH2  1 
ATOM   1004 N  N    . ILE A 1 151 ? -4.786  1.737   12.569  1.00 53.15  ?  200 ILE A N    1 
ATOM   1005 C  CA   . ILE A 1 151 ? -4.745  2.907   11.694  1.00 54.49  ?  200 ILE A CA   1 
ATOM   1006 C  C    . ILE A 1 151 ? -5.899  3.846   12.019  1.00 52.80  ?  200 ILE A C    1 
ATOM   1007 O  O    . ILE A 1 151 ? -5.715  5.065   12.153  1.00 56.65  ?  200 ILE A O    1 
ATOM   1008 C  CB   . ILE A 1 151 ? -4.747  2.493   10.209  1.00 56.10  ?  200 ILE A CB   1 
ATOM   1009 C  CG1  . ILE A 1 151 ? -4.755  3.741   9.315   1.00 48.70  ?  200 ILE A CG1  1 
ATOM   1010 C  CG2  . ILE A 1 151 ? -5.935  1.598   9.889   1.00 53.26  ?  200 ILE A CG2  1 
ATOM   1011 C  CD1  . ILE A 1 151 ? -4.737  3.445   7.827   1.00 44.35  ?  200 ILE A CD1  1 
ATOM   1012 N  N    . VAL A 1 152 ? -7.106  3.292   12.178  1.00 53.06  ?  201 VAL A N    1 
ATOM   1013 C  CA   . VAL A 1 152 ? -8.257  4.144   12.470  1.00 58.94  ?  201 VAL A CA   1 
ATOM   1014 C  C    . VAL A 1 152 ? -8.057  4.891   13.786  1.00 62.10  ?  201 VAL A C    1 
ATOM   1015 O  O    . VAL A 1 152 ? -8.380  6.081   13.897  1.00 57.62  ?  201 VAL A O    1 
ATOM   1016 C  CB   . VAL A 1 152 ? -9.551  3.309   12.479  1.00 63.69  ?  201 VAL A CB   1 
ATOM   1017 C  CG1  . VAL A 1 152 ? -10.690 4.109   13.082  1.00 65.44  ?  201 VAL A CG1  1 
ATOM   1018 C  CG2  . VAL A 1 152 ? -9.903  2.871   11.065  1.00 59.92  ?  201 VAL A CG2  1 
ATOM   1019 N  N    . ASP A 1 153 ? -7.510  4.212   14.798  1.00 62.98  ?  202 ASP A N    1 
ATOM   1020 C  CA   . ASP A 1 153 ? -7.357  4.836   16.110  1.00 67.96  ?  202 ASP A CA   1 
ATOM   1021 C  C    . ASP A 1 153 ? -6.248  5.882   16.108  1.00 68.20  ?  202 ASP A C    1 
ATOM   1022 O  O    . ASP A 1 153 ? -6.378  6.929   16.749  1.00 67.74  ?  202 ASP A O    1 
ATOM   1023 C  CB   . ASP A 1 153 ? -7.086  3.767   17.170  1.00 70.18  ?  202 ASP A CB   1 
ATOM   1024 C  CG   . ASP A 1 153 ? -6.956  4.351   18.562  1.00 78.90  ?  202 ASP A CG   1 
ATOM   1025 O  OD1  . ASP A 1 153 ? -8.000  4.635   19.186  1.00 72.88  ?  202 ASP A OD1  1 
ATOM   1026 O  OD2  . ASP A 1 153 ? -5.811  4.525   19.034  1.00 78.46  ?  202 ASP A OD2  1 
ATOM   1027 N  N    . ILE A 1 154 ? -5.144  5.611   15.411  1.00 61.80  ?  203 ILE A N    1 
ATOM   1028 C  CA   . ILE A 1 154 ? -4.070  6.595   15.297  1.00 59.04  ?  203 ILE A CA   1 
ATOM   1029 C  C    . ILE A 1 154 ? -4.574  7.847   14.593  1.00 66.92  ?  203 ILE A C    1 
ATOM   1030 O  O    . ILE A 1 154 ? -4.401  8.971   15.081  1.00 68.89  ?  203 ILE A O    1 
ATOM   1031 C  CB   . ILE A 1 154 ? -2.861  5.986   14.563  1.00 64.98  ?  203 ILE A CB   1 
ATOM   1032 C  CG1  . ILE A 1 154 ? -2.223  4.879   15.405  1.00 58.71  ?  203 ILE A CG1  1 
ATOM   1033 C  CG2  . ILE A 1 154 ? -1.844  7.067   14.219  1.00 59.32  ?  203 ILE A CG2  1 
ATOM   1034 C  CD1  . ILE A 1 154 ? -1.111  4.142   14.702  1.00 54.63  ?  203 ILE A CD1  1 
ATOM   1035 N  N    . ILE A 1 155 ? -5.213  7.672   13.434  1.00 65.90  ?  204 ILE A N    1 
ATOM   1036 C  CA   . ILE A 1 155 ? -5.657  8.837   12.679  1.00 65.07  ?  204 ILE A CA   1 
ATOM   1037 C  C    . ILE A 1 155 ? -6.748  9.589   13.431  1.00 68.77  ?  204 ILE A C    1 
ATOM   1038 O  O    . ILE A 1 155 ? -6.821  10.823  13.360  1.00 71.54  ?  204 ILE A O    1 
ATOM   1039 C  CB   . ILE A 1 155 ? -6.117  8.416   11.274  1.00 58.46  ?  204 ILE A CB   1 
ATOM   1040 C  CG1  . ILE A 1 155 ? -4.979  7.705   10.542  1.00 55.15  ?  204 ILE A CG1  1 
ATOM   1041 C  CG2  . ILE A 1 155 ? -6.584  9.627   10.488  1.00 50.35  ?  204 ILE A CG2  1 
ATOM   1042 C  CD1  . ILE A 1 155 ? -5.314  7.310   9.127   1.00 55.88  ?  204 ILE A CD1  1 
ATOM   1043 N  N    . ALA A 1 156 ? -7.607  8.875   14.158  1.00 65.46  ?  205 ALA A N    1 
ATOM   1044 C  CA   . ALA A 1 156 ? -8.642  9.546   14.938  1.00 68.71  ?  205 ALA A CA   1 
ATOM   1045 C  C    . ALA A 1 156 ? -8.029  10.331  16.092  1.00 73.01  ?  205 ALA A C    1 
ATOM   1046 O  O    . ALA A 1 156 ? -8.335  11.514  16.285  1.00 66.10  ?  205 ALA A O    1 
ATOM   1047 C  CB   . ALA A 1 156 ? -9.658  8.525   15.452  1.00 60.23  ?  205 ALA A CB   1 
ATOM   1048 N  N    . THR A 1 157 ? -7.161  9.683   16.873  1.00 66.20  ?  206 THR A N    1 
ATOM   1049 C  CA   . THR A 1 157 ? -6.467  10.368  17.958  1.00 67.63  ?  206 THR A CA   1 
ATOM   1050 C  C    . THR A 1 157 ? -5.776  11.627  17.455  1.00 76.72  ?  206 THR A C    1 
ATOM   1051 O  O    . THR A 1 157 ? -5.877  12.695  18.069  1.00 77.91  ?  206 THR A O    1 
ATOM   1052 C  CB   . THR A 1 157 ? -5.450  9.428   18.608  1.00 68.73  ?  206 THR A CB   1 
ATOM   1053 O  OG1  . THR A 1 157 ? -6.128  8.312   19.199  1.00 72.71  ?  206 THR A OG1  1 
ATOM   1054 C  CG2  . THR A 1 157 ? -4.662  10.163  19.682  1.00 70.14  ?  206 THR A CG2  1 
ATOM   1055 N  N    . ASP A 1 158 ? -5.071  11.519  16.326  1.00 77.75  ?  207 ASP A N    1 
ATOM   1056 C  CA   . ASP A 1 158 ? -4.412  12.682  15.746  1.00 73.94  ?  207 ASP A CA   1 
ATOM   1057 C  C    . ASP A 1 158 ? -5.399  13.793  15.417  1.00 68.79  ?  207 ASP A C    1 
ATOM   1058 O  O    . ASP A 1 158 ? -4.982  14.932  15.188  1.00 69.04  ?  207 ASP A O    1 
ATOM   1059 C  CB   . ASP A 1 158 ? -3.639  12.270  14.491  1.00 70.81  ?  207 ASP A CB   1 
ATOM   1060 C  CG   . ASP A 1 158 ? -2.493  13.210  14.175  1.00 78.57  ?  207 ASP A CG   1 
ATOM   1061 O  OD1  . ASP A 1 158 ? -2.699  14.164  13.395  1.00 80.42  ?  207 ASP A OD1  1 
ATOM   1062 O  OD2  . ASP A 1 158 ? -1.382  12.991  14.705  1.00 78.37  ?  207 ASP A OD2  1 
ATOM   1063 N  N    . ILE A 1 159 ? -6.693  13.487  15.389  1.00 81.11  ?  208 ILE A N    1 
ATOM   1064 C  CA   . ILE A 1 159 ? -7.728  14.484  15.139  1.00 86.48  ?  208 ILE A CA   1 
ATOM   1065 C  C    . ILE A 1 159 ? -8.141  15.150  16.446  1.00 82.93  ?  208 ILE A C    1 
ATOM   1066 O  O    . ILE A 1 159 ? -7.454  16.038  16.949  1.00 85.53  ?  208 ILE A O    1 
ATOM   1067 C  CB   . ILE A 1 159 ? -8.951  13.854  14.439  1.00 86.28  ?  208 ILE A CB   1 
ATOM   1068 C  CG1  . ILE A 1 159 ? -8.608  13.451  13.000  1.00 87.90  ?  208 ILE A CG1  1 
ATOM   1069 C  CG2  . ILE A 1 159 ? -10.131 14.811  14.469  1.00 87.32  ?  208 ILE A CG2  1 
ATOM   1070 C  CD1  . ILE A 1 159 ? -8.357  14.622  12.071  1.00 76.90  ?  208 ILE A CD1  1 
HETATM 1071 S  S    . SO4 B 2 .   ? -5.070  -14.219 -13.180 1.00 75.90  ?  301 SO4 A S    1 
HETATM 1072 O  O1   . SO4 B 2 .   ? -6.243  -15.082 -13.297 1.00 68.01  ?  301 SO4 A O1   1 
HETATM 1073 O  O2   . SO4 B 2 .   ? -5.503  -12.826 -13.114 1.00 74.12  ?  301 SO4 A O2   1 
HETATM 1074 O  O3   . SO4 B 2 .   ? -4.209  -14.406 -14.347 1.00 88.57  ?  301 SO4 A O3   1 
HETATM 1075 O  O4   . SO4 B 2 .   ? -4.327  -14.565 -11.970 1.00 60.07  ?  301 SO4 A O4   1 
HETATM 1076 S  S    . SO4 C 2 .   ? 10.109  -8.692  -5.661  1.00 105.80 ?  302 SO4 A S    1 
HETATM 1077 O  O1   . SO4 C 2 .   ? 10.073  -7.521  -6.534  1.00 89.76  ?  302 SO4 A O1   1 
HETATM 1078 O  O2   . SO4 C 2 .   ? 9.023   -9.600  -6.026  1.00 91.05  ?  302 SO4 A O2   1 
HETATM 1079 O  O3   . SO4 C 2 .   ? 9.947   -8.273  -4.271  1.00 86.43  ?  302 SO4 A O3   1 
HETATM 1080 O  O4   . SO4 C 2 .   ? 11.388  -9.379  -5.818  1.00 106.94 ?  302 SO4 A O4   1 
HETATM 1081 S  S    . SO4 D 2 .   ? 5.578   7.820   -16.905 1.00 104.09 ?  303 SO4 A S    1 
HETATM 1082 O  O1   . SO4 D 2 .   ? 5.251   9.240   -16.776 1.00 83.75  ?  303 SO4 A O1   1 
HETATM 1083 O  O2   . SO4 D 2 .   ? 4.472   7.110   -17.546 1.00 78.87  ?  303 SO4 A O2   1 
HETATM 1084 O  O3   . SO4 D 2 .   ? 5.804   7.248   -15.582 1.00 88.71  ?  303 SO4 A O3   1 
HETATM 1085 O  O4   . SO4 D 2 .   ? 6.786   7.673   -17.712 1.00 105.69 ?  303 SO4 A O4   1 
HETATM 1086 C  C10  . 7SK E 3 .   ? -11.645 -15.331 -8.352  1.00 48.03  ?  304 7SK A C10  1 
HETATM 1087 C  C13  . 7SK E 3 .   ? -15.127 -15.544 -7.513  1.00 37.96  ?  304 7SK A C13  1 
HETATM 1088 C  C15  . 7SK E 3 .   ? -15.774 -14.194 -5.634  1.00 44.06  ?  304 7SK A C15  1 
HETATM 1089 C  C17  . 7SK E 3 .   ? -14.631 -14.462 -3.528  1.00 38.66  ?  304 7SK A C17  1 
HETATM 1090 C  C20  . 7SK E 3 .   ? -12.536 -15.461 -1.921  1.00 49.18  ?  304 7SK A C20  1 
HETATM 1091 C  C21  . 7SK E 3 .   ? -12.743 -16.173 -3.232  1.00 46.95  ?  304 7SK A C21  1 
HETATM 1092 C  C22  . 7SK E 3 .   ? -13.831 -15.462 -4.087  1.00 43.57  ?  304 7SK A C22  1 
HETATM 1093 C  C24  . 7SK E 3 .   ? -16.181 -16.214 -8.148  1.00 48.02  ?  304 7SK A C24  1 
HETATM 1094 C  C26  . 7SK E 3 .   ? -18.233 -17.397 -8.609  1.00 57.03  ?  304 7SK A C26  1 
HETATM 1095 C  C28  . 7SK E 3 .   ? -16.699 -16.900 -10.394 1.00 46.08  ?  304 7SK A C28  1 
HETATM 1096 C  C01  . 7SK E 3 .   ? -13.956 -15.524 -10.915 1.00 53.36  ?  304 7SK A C01  1 
HETATM 1097 N  N02  . 7SK E 3 .   ? -14.648 -15.665 -9.649  1.00 47.38  ?  304 7SK A N02  1 
HETATM 1098 C  C03  . 7SK E 3 .   ? -14.201 -15.218 -8.487  1.00 40.00  ?  304 7SK A C03  1 
HETATM 1099 C  C04  . 7SK E 3 .   ? -12.896 -14.461 -8.207  1.00 45.16  ?  304 7SK A C04  1 
HETATM 1100 O  O05  . 7SK E 3 .   ? -12.758 -13.388 -9.105  1.00 43.03  ?  304 7SK A O05  1 
HETATM 1101 C  C06  . 7SK E 3 .   ? -13.431 -12.176 -8.845  1.00 47.47  ?  304 7SK A C06  1 
HETATM 1102 C  C07  . 7SK E 3 .   ? -14.893 -12.288 -9.269  1.00 44.22  ?  304 7SK A C07  1 
HETATM 1103 C  C08  . 7SK E 3 .   ? -13.374 -11.746 -7.376  1.00 42.03  ?  304 7SK A C08  1 
HETATM 1104 C  C09  . 7SK E 3 .   ? -12.761 -11.084 -9.682  1.00 51.66  ?  304 7SK A C09  1 
HETATM 1105 O  O11  . 7SK E 3 .   ? -11.661 -16.536 -7.983  1.00 49.46  ?  304 7SK A O11  1 
HETATM 1106 O  O12  . 7SK E 3 .   ? -10.590 -14.832 -8.831  1.00 51.49  -1 304 7SK A O12  1 
HETATM 1107 C  C14  . 7SK E 3 .   ? -14.980 -15.207 -6.183  1.00 42.50  ?  304 7SK A C14  1 
HETATM 1108 C  C16  . 7SK E 3 .   ? -15.604 -13.828 -4.306  1.00 40.66  ?  304 7SK A C16  1 
HETATM 1109 O  O18  . 7SK E 3 .   ? -14.483 -14.052 -2.164  1.00 49.52  ?  304 7SK A O18  1 
HETATM 1110 C  C19  . 7SK E 3 .   ? -13.804 -14.926 -1.339  1.00 52.88  ?  304 7SK A C19  1 
HETATM 1111 C  C23  . 7SK E 3 .   ? -13.997 -15.829 -5.420  1.00 39.62  ?  304 7SK A C23  1 
HETATM 1112 C  C25  . 7SK E 3 .   ? -17.384 -16.778 -7.703  1.00 46.67  ?  304 7SK A C25  1 
HETATM 1113 C  C27  . 7SK E 3 .   ? -17.888 -17.458 -9.954  1.00 46.91  ?  304 7SK A C27  1 
HETATM 1114 C  C29  . 7SK E 3 .   ? -15.837 -16.271 -9.481  1.00 49.33  ?  304 7SK A C29  1 
HETATM 1115 H  H151 . 7SK E 3 .   ? -16.419 -13.774 -6.154  1.00 52.87  ?  304 7SK A H151 1 
HETATM 1116 H  H201 . 7SK E 3 .   ? -12.171 -16.074 -1.311  1.00 59.01  ?  304 7SK A H201 1 
HETATM 1117 H  H202 . 7SK E 3 .   ? -11.957 -14.738 -2.071  1.00 59.01  ?  304 7SK A H202 1 
HETATM 1118 H  H212 . 7SK E 3 .   ? -11.934 -16.162 -3.708  1.00 56.34  ?  304 7SK A H212 1 
HETATM 1119 H  H211 . 7SK E 3 .   ? -13.031 -17.048 -3.051  1.00 56.34  ?  304 7SK A H211 1 
HETATM 1120 H  H261 . 7SK E 3 .   ? -19.032 -17.774 -8.316  1.00 68.44  ?  304 7SK A H261 1 
HETATM 1121 H  H281 . 7SK E 3 .   ? -16.471 -16.942 -11.293 1.00 55.30  ?  304 7SK A H281 1 
HETATM 1122 H  H012 . 7SK E 3 .   ? -13.649 -14.641 -11.007 1.00 64.03  ?  304 7SK A H012 1 
HETATM 1123 H  H013 . 7SK E 3 .   ? -14.544 -15.726 -11.618 1.00 64.03  ?  304 7SK A H013 1 
HETATM 1124 H  H011 . 7SK E 3 .   ? -13.225 -16.113 -10.939 1.00 64.03  ?  304 7SK A H011 1 
HETATM 1125 H  H041 . 7SK E 3 .   ? -12.927 -14.120 -7.334  1.00 54.19  ?  304 7SK A H041 1 
HETATM 1126 H  H071 . 7SK E 3 .   ? -15.269 -11.431 -9.329  1.00 53.06  ?  304 7SK A H071 1 
HETATM 1127 H  H073 . 7SK E 3 .   ? -15.365 -12.794 -8.634  1.00 53.06  ?  304 7SK A H073 1 
HETATM 1128 H  H072 . 7SK E 3 .   ? -14.944 -12.711 -10.106 1.00 53.06  ?  304 7SK A H072 1 
HETATM 1129 H  H083 . 7SK E 3 .   ? -13.370 -10.809 -7.324  1.00 50.44  ?  304 7SK A H083 1 
HETATM 1130 H  H082 . 7SK E 3 .   ? -12.592 -12.085 -6.981  1.00 50.44  ?  304 7SK A H082 1 
HETATM 1131 H  H081 . 7SK E 3 .   ? -14.124 -12.082 -6.922  1.00 50.44  ?  304 7SK A H081 1 
HETATM 1132 H  H093 . 7SK E 3 .   ? -12.286 -11.480 -10.389 1.00 61.99  ?  304 7SK A H093 1 
HETATM 1133 H  H092 . 7SK E 3 .   ? -12.169 -10.595 -9.142  1.00 61.99  ?  304 7SK A H092 1 
HETATM 1134 H  H091 . 7SK E 3 .   ? -13.416 -10.509 -10.029 1.00 61.99  ?  304 7SK A H091 1 
HETATM 1135 H  H161 . 7SK E 3 .   ? -16.137 -13.164 -3.934  1.00 48.79  ?  304 7SK A H161 1 
HETATM 1136 H  H192 . 7SK E 3 .   ? -14.370 -15.650 -1.145  1.00 63.45  ?  304 7SK A H192 1 
HETATM 1137 H  H191 . 7SK E 3 .   ? -13.598 -14.480 -0.539  1.00 63.45  ?  304 7SK A H191 1 
HETATM 1138 H  H231 . 7SK E 3 .   ? -13.465 -16.493 -5.793  1.00 47.54  ?  304 7SK A H231 1 
HETATM 1139 H  H251 . 7SK E 3 .   ? -17.612 -16.738 -6.803  1.00 56.00  ?  304 7SK A H251 1 
HETATM 1140 H  H271 . 7SK E 3 .   ? -18.457 -17.874 -10.561 1.00 56.29  ?  304 7SK A H271 1 
HETATM 1141 O  O    . HOH F 4 .   ? -2.133  9.141   6.741   1.00 48.13  ?  401 HOH A O    1 
HETATM 1142 O  O    . HOH F 4 .   ? -12.574 -8.004  -11.904 1.00 47.42  ?  402 HOH A O    1 
HETATM 1143 O  O    . HOH F 4 .   ? -3.677  -6.491  12.015  1.00 52.68  ?  403 HOH A O    1 
HETATM 1144 O  O    . HOH F 4 .   ? -10.660 2.957   -10.913 1.00 50.68  ?  404 HOH A O    1 
HETATM 1145 O  O    . HOH F 4 .   ? 10.773  -1.545  -3.549  1.00 52.05  ?  405 HOH A O    1 
HETATM 1146 O  O    . HOH F 4 .   ? -4.871  1.001   -8.860  1.00 39.65  ?  406 HOH A O    1 
HETATM 1147 O  O    . HOH F 4 .   ? -3.295  -21.328 -1.348  1.00 67.93  ?  407 HOH A O    1 
HETATM 1148 O  O    . HOH F 4 .   ? -2.905  2.046   -10.457 1.00 37.39  ?  408 HOH A O    1 
HETATM 1149 O  O    . HOH F 4 .   ? -5.108  -11.360 -10.957 1.00 55.43  ?  409 HOH A O    1 
HETATM 1150 O  O    . HOH F 4 .   ? 2.404   6.002   9.649   1.00 51.06  ?  410 HOH A O    1 
HETATM 1151 O  O    . HOH F 4 .   ? -4.461  13.091  1.909   1.00 46.09  ?  411 HOH A O    1 
HETATM 1152 O  O    . HOH F 4 .   ? -10.024 7.936   -2.890  1.00 30.51  ?  412 HOH A O    1 
HETATM 1153 O  O    . HOH F 4 .   ? 6.378   4.354   -10.698 1.00 52.33  ?  413 HOH A O    1 
HETATM 1154 O  O    . HOH F 4 .   ? -6.674  -3.481  -0.711  1.00 35.65  ?  414 HOH A O    1 
HETATM 1155 O  O    . HOH F 4 .   ? -8.568  -0.683  -9.297  0.50 56.05  ?  415 HOH A O    1 
HETATM 1156 O  O    . HOH F 4 .   ? -9.219  -6.607  1.099   1.00 33.59  ?  416 HOH A O    1 
HETATM 1157 O  O    . HOH F 4 .   ? -2.528  13.856  0.555   1.00 44.46  ?  417 HOH A O    1 
HETATM 1158 O  O    . HOH F 4 .   ? 12.740  9.740   -5.923  1.00 49.99  ?  418 HOH A O    1 
HETATM 1159 O  O    . HOH F 4 .   ? -10.655 3.562   -3.762  1.00 65.95  ?  419 HOH A O    1 
HETATM 1160 O  O    . HOH F 4 .   ? 9.218   -1.101  -5.309  1.00 51.87  ?  420 HOH A O    1 
HETATM 1161 O  O    . HOH F 4 .   ? -7.349  21.017  -10.009 1.00 55.97  ?  421 HOH A O    1 
HETATM 1162 O  O    . HOH F 4 .   ? 7.625   11.077  -17.309 1.00 67.85  ?  422 HOH A O    1 
HETATM 1163 O  O    . HOH F 4 .   ? -8.120  -8.147  -14.107 1.00 66.11  ?  423 HOH A O    1 
HETATM 1164 O  O    . HOH F 4 .   ? -11.402 7.138   -0.992  1.00 44.36  ?  424 HOH A O    1 
HETATM 1165 O  O    . HOH F 4 .   ? -8.083  -10.574 -14.001 1.00 63.24  ?  425 HOH A O    1 
# 
